data_7YTP
#
_entry.id   7YTP
#
_cell.length_a   1.00
_cell.length_b   1.00
_cell.length_c   1.00
_cell.angle_alpha   90.00
_cell.angle_beta   90.00
_cell.angle_gamma   90.00
#
_symmetry.space_group_name_H-M   'P 1'
#
loop_
_entity.id
_entity.type
_entity.pdbx_description
1 polymer 'Toll-like receptor 7'
2 branched 2-acetamido-2-deoxy-beta-D-glucopyranose-(1-4)-2-acetamido-2-deoxy-beta-D-glucopyranose
3 non-polymer 2-acetamido-2-deoxy-beta-D-glucopyranose
4 non-polymer (2R,6R)-4-(8-cyanoquinolin-5-yl)-N-[(3S,4R)-4-fluoranylpyrrolidin-3-yl]-6-methyl-morpholine-2-carboxamide
#
_entity_poly.entity_id   1
_entity_poly.type   'polypeptide(L)'
_entity_poly.pdbx_seq_one_letter_code
;MKLCILLAVVAFVGLSLGRSPWARWFPKTLPCDVTLDVSKNHVIVDCTDKHLTEIPGGIPTNTTNLTLTINHIPDISPAS
FHRLVHLVEIDFRCNCVPIRLGSKSNMCPRRLQIKPRSFSGLTYLKSLYLDGNQLLEIPQGLPPSLQLLSLEANNIFSIR
KEQLTELANIEILYLGQNCYYRNPCYVSYSIEKDAFLNLTKLKVLSLKDNNVTTVPTVLPSTLTELYLYNNMIAEIQEDD
FNNLNQLQILDLSGNCPRCYNAPFPCTPCKNNSPLQIPVNAFDALTELKVLRLHSNSLQHVPPRWFKNINNLQELDLSQN
FLAKEIGDAKFLHFLPNLIQLDLSFNFELQVYRASMNLSQAFSSLKSLKILRIRGYVFKELKSFQLSPLHNLQNLEVLDL
GTNFIKIANLSMFKQFKRLKVIDLSVNKISPSGDSLVPRGSSNARTSVESYEPQVLEQLYYFRYDKYARSCRFKNKEASF
TSVQESCYKYGQTLDLSKNSIFFIKSSDFQHLSFLKCLNLSGNLISQTLNGSEFQPLAELRYLDFSNNRLDLLHSTAFEE
LRKLEVLDISSNSHYFQSEGITHMLNFTKNLKVLQKLMMNDNDISSSTSRTMESESLRTLEFRGNHLDVLWRDGDNRYLQ
LFKNLLKLEELDISKNSLSFLPSGVFDGMPPNLKNLSLAKNGLKSFIWEKLRYLKNLETLDLSHNQLTTVPERLSNCSRS
LKNLILKNNQIRSLTKYFLQDAFQLRYLDLSSNKIQMIQKTSFPENVLNNLKMLLLHHNRFLCTCDAVWFVWWVQHTEVT
IPYLATDVTCVGPGAHKGQSVISLDLYTCELDLTNEFLVPRGSAAQHDEAVDNKFNKEQQNAFYEILHLPNLNEEQRNAF
IQSLKDDPSQSANLLAEAKKLNDAQAPKVDNKFNKEQQNAFYEILHLPNLNEEQRNAFIQSLKDDPSQSANLLAEAKKLN
DAQAPKVDANSSSVP
;
_entity_poly.pdbx_strand_id   A,B
#
loop_
_chem_comp.id
_chem_comp.type
_chem_comp.name
_chem_comp.formula
JRI non-polymer (2R,6R)-4-(8-cyanoquinolin-5-yl)-N-[(3S,4R)-4-fluoranylpyrrolidin-3-yl]-6-methyl-morpholine-2-carboxamide 'C20 H22 F N5 O2'
NAG D-saccharide, beta linking 2-acetamido-2-deoxy-beta-D-glucopyranose 'C8 H15 N O6'
#
# COMPACT_ATOMS: atom_id res chain seq x y z
N LYS A 28 -44.50 -12.27 -18.50
CA LYS A 28 -44.76 -11.10 -17.66
C LYS A 28 -43.58 -10.12 -17.75
N THR A 29 -43.87 -8.90 -18.17
CA THR A 29 -42.85 -7.89 -18.41
C THR A 29 -42.55 -7.05 -17.18
N LEU A 30 -42.89 -7.53 -15.99
CA LEU A 30 -42.56 -6.79 -14.78
C LEU A 30 -41.05 -6.80 -14.56
N PRO A 31 -40.41 -5.63 -14.38
CA PRO A 31 -38.96 -5.61 -14.21
C PRO A 31 -38.52 -5.90 -12.79
N CYS A 32 -39.42 -6.42 -11.96
CA CYS A 32 -39.15 -6.68 -10.55
C CYS A 32 -39.38 -8.15 -10.25
N ASP A 33 -38.52 -8.70 -9.39
CA ASP A 33 -38.58 -10.12 -9.04
C ASP A 33 -39.86 -10.45 -8.28
N VAL A 34 -40.31 -11.69 -8.45
CA VAL A 34 -41.53 -12.19 -7.81
C VAL A 34 -41.21 -13.46 -7.05
N THR A 35 -41.65 -13.54 -5.81
CA THR A 35 -41.46 -14.70 -4.96
C THR A 35 -42.81 -15.17 -4.42
N LEU A 36 -43.06 -16.47 -4.47
CA LEU A 36 -44.34 -17.05 -4.07
C LEU A 36 -44.12 -18.01 -2.91
N ASP A 37 -44.82 -17.78 -1.80
CA ASP A 37 -44.86 -18.68 -0.65
C ASP A 37 -46.33 -18.88 -0.30
N VAL A 38 -46.92 -19.94 -0.85
CA VAL A 38 -48.36 -20.17 -0.68
C VAL A 38 -48.69 -20.48 0.78
N SER A 39 -47.80 -21.19 1.49
CA SER A 39 -48.03 -21.44 2.91
C SER A 39 -48.00 -20.13 3.71
N LYS A 40 -47.09 -19.23 3.37
CA LYS A 40 -46.99 -17.93 4.00
C LYS A 40 -47.88 -16.88 3.36
N ASN A 41 -48.68 -17.27 2.37
CA ASN A 41 -49.59 -16.40 1.61
C ASN A 41 -48.96 -15.06 1.22
N HIS A 42 -47.66 -15.08 0.96
CA HIS A 42 -46.90 -13.88 0.64
C HIS A 42 -46.43 -13.92 -0.80
N VAL A 43 -46.70 -12.84 -1.54
CA VAL A 43 -46.16 -12.64 -2.88
C VAL A 43 -45.28 -11.40 -2.81
N ILE A 44 -44.00 -11.56 -3.13
CA ILE A 44 -42.98 -10.54 -2.89
C ILE A 44 -42.57 -9.97 -4.23
N VAL A 45 -42.81 -8.67 -4.41
CA VAL A 45 -42.35 -7.94 -5.60
C VAL A 45 -41.37 -6.88 -5.12
N ASP A 46 -40.10 -7.02 -5.51
CA ASP A 46 -39.04 -6.14 -5.06
C ASP A 46 -38.42 -5.44 -6.26
N CYS A 47 -38.34 -4.11 -6.20
CA CYS A 47 -37.77 -3.28 -7.26
C CYS A 47 -36.54 -2.53 -6.77
N THR A 48 -35.65 -3.23 -6.06
CA THR A 48 -34.51 -2.59 -5.44
C THR A 48 -33.52 -2.09 -6.48
N ASP A 49 -33.19 -0.80 -6.39
CA ASP A 49 -32.13 -0.17 -7.20
C ASP A 49 -32.38 -0.39 -8.70
N LYS A 50 -33.62 -0.18 -9.12
CA LYS A 50 -34.01 -0.39 -10.51
C LYS A 50 -34.32 0.89 -11.27
N HIS A 51 -34.21 2.05 -10.62
CA HIS A 51 -34.28 3.36 -11.29
C HIS A 51 -35.60 3.59 -12.03
N LEU A 52 -36.72 3.12 -11.46
CA LEU A 52 -38.01 3.41 -12.07
C LEU A 52 -38.43 4.85 -11.80
N THR A 53 -39.15 5.43 -12.76
CA THR A 53 -39.72 6.76 -12.63
C THR A 53 -41.20 6.74 -12.26
N GLU A 54 -41.79 5.55 -12.08
CA GLU A 54 -43.20 5.41 -11.74
C GLU A 54 -43.46 3.95 -11.39
N ILE A 55 -44.47 3.74 -10.54
CA ILE A 55 -44.88 2.39 -10.17
C ILE A 55 -45.42 1.68 -11.42
N PRO A 56 -44.88 0.52 -11.77
CA PRO A 56 -45.29 -0.14 -13.01
C PRO A 56 -46.71 -0.67 -12.92
N GLY A 57 -47.36 -0.75 -14.09
CA GLY A 57 -48.66 -1.37 -14.17
C GLY A 57 -48.58 -2.88 -14.22
N GLY A 58 -49.71 -3.52 -13.97
CA GLY A 58 -49.77 -4.97 -14.00
C GLY A 58 -49.25 -5.67 -12.76
N ILE A 59 -49.04 -4.94 -11.66
CA ILE A 59 -48.60 -5.57 -10.42
C ILE A 59 -49.69 -6.52 -9.93
N PRO A 60 -49.35 -7.76 -9.56
CA PRO A 60 -50.39 -8.69 -9.10
C PRO A 60 -51.12 -8.17 -7.87
N THR A 61 -52.43 -8.43 -7.83
CA THR A 61 -53.26 -7.94 -6.73
C THR A 61 -53.00 -8.67 -5.43
N ASN A 62 -52.42 -9.87 -5.50
CA ASN A 62 -52.22 -10.72 -4.33
C ASN A 62 -50.83 -10.54 -3.70
N THR A 63 -50.11 -9.48 -4.06
CA THR A 63 -48.81 -9.23 -3.49
C THR A 63 -48.91 -8.74 -2.05
N THR A 64 -47.89 -9.09 -1.26
CA THR A 64 -47.84 -8.66 0.14
C THR A 64 -46.63 -7.81 0.46
N ASN A 65 -45.49 -8.07 -0.16
CA ASN A 65 -44.25 -7.35 0.08
C ASN A 65 -43.89 -6.55 -1.16
N LEU A 66 -43.85 -5.23 -1.03
CA LEU A 66 -43.53 -4.34 -2.14
C LEU A 66 -42.33 -3.49 -1.76
N THR A 67 -41.31 -3.47 -2.64
CA THR A 67 -40.08 -2.73 -2.39
C THR A 67 -39.92 -1.65 -3.45
N LEU A 68 -39.72 -0.41 -3.00
CA LEU A 68 -39.50 0.74 -3.86
C LEU A 68 -38.32 1.57 -3.36
N THR A 69 -37.19 0.91 -3.14
CA THR A 69 -35.99 1.55 -2.62
C THR A 69 -35.35 2.41 -3.71
N ILE A 70 -34.09 2.80 -3.50
CA ILE A 70 -33.46 3.91 -4.23
C ILE A 70 -33.83 3.88 -5.70
N ASN A 71 -34.39 4.97 -6.18
CA ASN A 71 -35.06 5.06 -7.48
C ASN A 71 -35.23 6.54 -7.81
N HIS A 72 -36.01 6.84 -8.84
CA HIS A 72 -36.33 8.20 -9.23
C HIS A 72 -37.85 8.42 -9.23
N ILE A 73 -38.52 7.92 -8.21
CA ILE A 73 -39.98 8.10 -8.10
C ILE A 73 -40.28 9.54 -7.74
N PRO A 74 -41.09 10.26 -8.52
CA PRO A 74 -41.34 11.67 -8.21
C PRO A 74 -42.23 11.89 -7.01
N ASP A 75 -43.33 11.14 -6.88
CA ASP A 75 -44.29 11.35 -5.81
C ASP A 75 -45.20 10.13 -5.73
N ILE A 76 -46.14 10.17 -4.79
CA ILE A 76 -47.11 9.11 -4.59
C ILE A 76 -48.51 9.69 -4.79
N SER A 77 -49.44 8.81 -5.15
CA SER A 77 -50.82 9.19 -5.45
C SER A 77 -51.74 8.09 -4.95
N PRO A 78 -53.01 8.40 -4.69
CA PRO A 78 -53.96 7.34 -4.32
C PRO A 78 -54.09 6.25 -5.37
N ALA A 79 -53.82 6.57 -6.64
CA ALA A 79 -53.86 5.57 -7.69
C ALA A 79 -52.61 4.68 -7.73
N SER A 80 -51.58 5.03 -6.97
CA SER A 80 -50.37 4.19 -6.93
C SER A 80 -50.68 2.82 -6.33
N PHE A 81 -51.49 2.79 -5.28
CA PHE A 81 -51.91 1.56 -4.62
C PHE A 81 -53.43 1.43 -4.67
N HIS A 82 -54.00 1.70 -5.84
CA HIS A 82 -55.46 1.74 -5.98
C HIS A 82 -56.08 0.38 -5.73
N ARG A 83 -55.76 -0.60 -6.57
CA ARG A 83 -56.42 -1.90 -6.53
C ARG A 83 -55.69 -2.92 -5.66
N LEU A 84 -54.56 -2.55 -5.06
CA LEU A 84 -53.78 -3.48 -4.26
C LEU A 84 -54.27 -3.41 -2.82
N VAL A 85 -55.13 -4.36 -2.44
CA VAL A 85 -55.70 -4.39 -1.11
C VAL A 85 -55.05 -5.43 -0.20
N HIS A 86 -54.36 -6.43 -0.76
CA HIS A 86 -53.71 -7.46 0.03
C HIS A 86 -52.27 -7.12 0.39
N LEU A 87 -51.92 -5.84 0.40
CA LEU A 87 -50.56 -5.41 0.70
C LEU A 87 -50.38 -5.27 2.20
N VAL A 88 -49.31 -5.88 2.72
CA VAL A 88 -48.95 -5.75 4.13
C VAL A 88 -47.62 -5.08 4.34
N GLU A 89 -46.84 -4.85 3.27
CA GLU A 89 -45.51 -4.26 3.37
C GLU A 89 -45.26 -3.35 2.19
N ILE A 90 -44.77 -2.14 2.47
CA ILE A 90 -44.30 -1.22 1.45
C ILE A 90 -42.93 -0.71 1.87
N ASP A 91 -41.91 -1.03 1.08
CA ASP A 91 -40.53 -0.58 1.32
C ASP A 91 -40.23 0.51 0.30
N PHE A 92 -40.06 1.75 0.77
CA PHE A 92 -39.97 2.91 -0.09
C PHE A 92 -38.83 3.81 0.39
N ARG A 93 -37.65 3.22 0.61
CA ARG A 93 -36.54 3.89 1.27
C ARG A 93 -35.65 4.65 0.28
N CYS A 94 -35.25 5.85 0.67
CA CYS A 94 -34.18 6.61 0.02
C CYS A 94 -34.44 6.83 -1.46
N ASN A 95 -35.60 7.39 -1.77
CA ASN A 95 -35.93 7.72 -3.16
C ASN A 95 -35.46 9.09 -3.58
N CYS A 96 -35.11 9.96 -2.63
CA CYS A 96 -34.61 11.30 -2.95
C CYS A 96 -33.46 11.69 -2.03
N PRO A 109 -34.85 16.61 -8.12
CA PRO A 109 -35.02 18.06 -8.26
C PRO A 109 -35.44 18.73 -6.96
N ARG A 110 -36.29 18.07 -6.19
CA ARG A 110 -36.76 18.61 -4.90
C ARG A 110 -37.17 17.42 -4.04
N ARG A 111 -37.79 17.72 -2.89
CA ARG A 111 -38.24 16.68 -1.99
C ARG A 111 -39.45 15.96 -2.59
N LEU A 112 -39.91 14.92 -1.89
CA LEU A 112 -41.02 14.10 -2.35
C LEU A 112 -42.31 14.52 -1.66
N GLN A 113 -43.41 14.47 -2.42
CA GLN A 113 -44.72 14.90 -1.95
C GLN A 113 -45.67 13.71 -1.98
N ILE A 114 -46.52 13.61 -0.95
CA ILE A 114 -47.49 12.52 -0.83
C ILE A 114 -48.89 13.13 -0.83
N LYS A 115 -49.74 12.64 -1.72
CA LYS A 115 -51.11 13.14 -1.80
C LYS A 115 -51.92 12.70 -0.58
N PRO A 116 -52.95 13.45 -0.23
CA PRO A 116 -53.85 13.01 0.85
C PRO A 116 -54.58 11.73 0.47
N ARG A 117 -54.88 10.92 1.49
CA ARG A 117 -55.55 9.63 1.31
C ARG A 117 -54.76 8.73 0.36
N SER A 118 -53.43 8.75 0.49
CA SER A 118 -52.58 7.91 -0.34
C SER A 118 -52.41 6.50 0.21
N PHE A 119 -52.83 6.25 1.46
CA PHE A 119 -52.70 4.94 2.07
C PHE A 119 -53.94 4.48 2.80
N SER A 120 -55.03 5.26 2.77
CA SER A 120 -56.24 4.87 3.49
C SER A 120 -56.90 3.64 2.88
N GLY A 121 -56.67 3.39 1.60
CA GLY A 121 -57.22 2.20 0.95
C GLY A 121 -56.47 0.92 1.23
N LEU A 122 -55.37 0.98 1.97
CA LEU A 122 -54.57 -0.19 2.31
C LEU A 122 -55.04 -0.71 3.66
N THR A 123 -56.16 -1.44 3.63
CA THR A 123 -56.75 -1.95 4.86
C THR A 123 -55.84 -2.95 5.56
N TYR A 124 -55.16 -3.80 4.80
CA TYR A 124 -54.31 -4.85 5.35
C TYR A 124 -52.86 -4.41 5.53
N LEU A 125 -52.56 -3.13 5.34
CA LEU A 125 -51.20 -2.64 5.51
C LEU A 125 -50.75 -2.81 6.95
N LYS A 126 -49.51 -3.28 7.13
CA LYS A 126 -48.96 -3.49 8.46
C LYS A 126 -47.56 -2.94 8.65
N SER A 127 -46.87 -2.54 7.59
CA SER A 127 -45.53 -1.97 7.73
C SER A 127 -45.22 -1.11 6.52
N LEU A 128 -44.46 -0.05 6.75
CA LEU A 128 -44.12 0.90 5.70
C LEU A 128 -42.82 1.60 6.04
N TYR A 129 -41.91 1.65 5.06
CA TYR A 129 -40.63 2.34 5.20
C TYR A 129 -40.65 3.56 4.29
N LEU A 130 -40.41 4.74 4.86
CA LEU A 130 -40.33 5.99 4.12
C LEU A 130 -39.00 6.69 4.41
N ASP A 131 -37.93 5.91 4.53
CA ASP A 131 -36.64 6.44 4.92
C ASP A 131 -35.99 7.20 3.76
N GLY A 132 -35.29 8.28 4.10
CA GLY A 132 -34.54 9.05 3.12
C GLY A 132 -35.38 9.66 2.02
N ASN A 133 -36.54 10.21 2.37
CA ASN A 133 -37.45 10.80 1.39
C ASN A 133 -37.59 12.31 1.55
N GLN A 134 -36.83 12.92 2.47
CA GLN A 134 -36.83 14.37 2.68
C GLN A 134 -38.23 14.89 3.04
N LEU A 135 -39.04 14.04 3.68
CA LEU A 135 -40.36 14.48 4.13
C LEU A 135 -40.22 15.48 5.28
N LEU A 136 -41.03 16.52 5.24
CA LEU A 136 -41.00 17.55 6.29
C LEU A 136 -41.91 17.22 7.45
N GLU A 137 -42.99 16.48 7.22
CA GLU A 137 -43.94 16.13 8.26
C GLU A 137 -44.40 14.69 8.06
N ILE A 138 -44.91 14.09 9.13
CA ILE A 138 -45.39 12.71 9.07
C ILE A 138 -46.59 12.63 8.13
N PRO A 139 -46.60 11.68 7.19
CA PRO A 139 -47.76 11.57 6.29
C PRO A 139 -49.04 11.25 7.04
N GLN A 140 -50.15 11.76 6.54
CA GLN A 140 -51.45 11.56 7.15
C GLN A 140 -52.29 10.60 6.30
N GLY A 141 -53.38 10.13 6.89
CA GLY A 141 -54.26 9.19 6.22
C GLY A 141 -53.83 7.75 6.27
N LEU A 142 -52.83 7.41 7.09
CA LEU A 142 -52.38 6.04 7.18
C LEU A 142 -53.46 5.16 7.80
N PRO A 143 -53.55 3.89 7.38
CA PRO A 143 -54.60 3.02 7.91
C PRO A 143 -54.36 2.73 9.38
N PRO A 144 -55.42 2.48 10.16
CA PRO A 144 -55.24 2.13 11.58
C PRO A 144 -54.57 0.79 11.80
N SER A 145 -54.50 -0.07 10.78
CA SER A 145 -53.88 -1.38 10.90
C SER A 145 -52.36 -1.34 10.76
N LEU A 146 -51.79 -0.17 10.50
CA LEU A 146 -50.34 -0.04 10.35
C LEU A 146 -49.65 -0.40 11.66
N GLN A 147 -48.63 -1.26 11.57
CA GLN A 147 -47.90 -1.72 12.74
C GLN A 147 -46.49 -1.17 12.82
N LEU A 148 -45.85 -0.92 11.68
CA LEU A 148 -44.48 -0.41 11.65
C LEU A 148 -44.41 0.82 10.74
N LEU A 149 -43.63 1.81 11.16
CA LEU A 149 -43.47 3.04 10.38
C LEU A 149 -42.06 3.57 10.61
N SER A 150 -41.29 3.64 9.53
CA SER A 150 -39.92 4.16 9.57
C SER A 150 -39.86 5.46 8.79
N LEU A 151 -39.36 6.51 9.44
CA LEU A 151 -39.27 7.84 8.85
C LEU A 151 -37.85 8.38 9.00
N GLU A 152 -36.85 7.51 8.89
CA GLU A 152 -35.46 7.91 9.09
C GLU A 152 -34.96 8.72 7.90
N ALA A 153 -33.90 9.49 8.16
CA ALA A 153 -33.23 10.30 7.13
C ALA A 153 -34.18 11.27 6.46
N ASN A 154 -35.16 11.78 7.21
CA ASN A 154 -36.11 12.75 6.70
C ASN A 154 -35.86 14.11 7.35
N ASN A 155 -36.71 15.08 7.01
CA ASN A 155 -36.61 16.44 7.54
C ASN A 155 -37.74 16.75 8.52
N ILE A 156 -38.17 15.75 9.27
CA ILE A 156 -39.23 15.91 10.27
C ILE A 156 -38.56 16.22 11.60
N PHE A 157 -38.64 17.48 12.03
CA PHE A 157 -38.05 17.92 13.30
C PHE A 157 -39.09 18.40 14.29
N SER A 158 -40.37 18.25 13.97
CA SER A 158 -41.44 18.66 14.86
C SER A 158 -42.48 17.54 14.95
N ILE A 159 -42.83 17.17 16.18
CA ILE A 159 -43.80 16.10 16.43
C ILE A 159 -44.90 16.66 17.29
N ARG A 160 -46.15 16.46 16.87
CA ARG A 160 -47.31 16.94 17.59
C ARG A 160 -48.32 15.80 17.75
N LYS A 161 -49.21 15.97 18.74
CA LYS A 161 -50.19 14.94 19.04
C LYS A 161 -51.16 14.72 17.89
N GLU A 162 -51.57 15.81 17.21
CA GLU A 162 -52.58 15.69 16.17
C GLU A 162 -52.09 14.86 14.99
N GLN A 163 -50.80 14.94 14.67
CA GLN A 163 -50.24 14.11 13.61
C GLN A 163 -50.01 12.67 14.03
N LEU A 164 -50.01 12.39 15.33
CA LEU A 164 -49.91 11.02 15.84
C LEU A 164 -51.25 10.44 16.25
N THR A 165 -52.33 11.19 16.11
CA THR A 165 -53.65 10.66 16.46
C THR A 165 -54.01 9.44 15.62
N GLU A 166 -53.56 9.38 14.37
CA GLU A 166 -53.89 8.27 13.49
C GLU A 166 -53.00 7.04 13.72
N LEU A 167 -51.94 7.17 14.51
CA LEU A 167 -51.03 6.06 14.79
C LEU A 167 -51.29 5.43 16.16
N ALA A 168 -52.56 5.37 16.58
CA ALA A 168 -52.91 4.84 17.88
C ALA A 168 -52.64 3.34 18.01
N ASN A 169 -52.45 2.63 16.90
CA ASN A 169 -52.19 1.19 16.93
C ASN A 169 -50.80 0.83 16.43
N ILE A 170 -49.89 1.80 16.34
CA ILE A 170 -48.56 1.52 15.83
C ILE A 170 -47.75 0.73 16.86
N GLU A 171 -46.87 -0.13 16.37
CA GLU A 171 -46.00 -0.94 17.21
C GLU A 171 -44.55 -0.48 17.20
N ILE A 172 -44.00 -0.16 16.03
CA ILE A 172 -42.61 0.25 15.89
C ILE A 172 -42.59 1.58 15.16
N LEU A 173 -41.81 2.53 15.69
CA LEU A 173 -41.69 3.86 15.09
C LEU A 173 -40.20 4.21 14.99
N TYR A 174 -39.72 4.44 13.78
CA TYR A 174 -38.34 4.79 13.50
C TYR A 174 -38.31 6.23 12.98
N LEU A 175 -38.10 7.19 13.89
CA LEU A 175 -38.03 8.60 13.54
C LEU A 175 -36.61 9.15 13.64
N GLY A 176 -35.60 8.30 13.45
CA GLY A 176 -34.22 8.71 13.65
C GLY A 176 -33.63 9.43 12.45
N GLN A 177 -32.38 9.88 12.65
CA GLN A 177 -31.57 10.49 11.59
C GLN A 177 -32.28 11.66 10.91
N ASN A 178 -33.03 12.44 11.70
CA ASN A 178 -33.75 13.58 11.14
C ASN A 178 -33.02 14.90 11.30
N CYS A 179 -32.05 14.99 12.21
CA CYS A 179 -31.28 16.22 12.36
C CYS A 179 -29.93 15.86 12.97
N TYR A 180 -28.90 15.79 12.13
CA TYR A 180 -27.53 15.57 12.58
C TYR A 180 -26.59 16.03 11.46
N TYR A 181 -25.30 15.74 11.60
CA TYR A 181 -24.31 16.37 10.73
C TYR A 181 -24.45 15.95 9.28
N ARG A 182 -24.92 14.73 9.01
CA ARG A 182 -25.11 14.32 7.62
C ARG A 182 -26.37 14.96 7.00
N ASN A 183 -27.42 15.13 7.79
CA ASN A 183 -28.67 15.73 7.31
C ASN A 183 -29.11 16.76 8.33
N PRO A 184 -28.61 17.99 8.22
CA PRO A 184 -28.88 19.00 9.25
C PRO A 184 -30.24 19.66 9.08
N CYS A 185 -30.75 20.16 10.20
CA CYS A 185 -31.98 20.96 10.21
C CYS A 185 -31.83 22.27 10.98
N TYR A 186 -30.70 22.48 11.66
CA TYR A 186 -30.31 23.75 12.28
C TYR A 186 -31.17 24.16 13.46
N VAL A 187 -32.10 23.30 13.90
CA VAL A 187 -32.93 23.58 15.07
C VAL A 187 -33.01 22.32 15.92
N SER A 188 -33.29 22.52 17.20
CA SER A 188 -33.45 21.39 18.12
C SER A 188 -34.78 20.67 17.85
N TYR A 189 -34.79 19.37 18.11
CA TYR A 189 -36.00 18.58 17.95
C TYR A 189 -37.06 19.05 18.94
N SER A 190 -38.28 19.27 18.44
CA SER A 190 -39.38 19.78 19.25
C SER A 190 -40.39 18.67 19.48
N ILE A 191 -40.69 18.40 20.75
CA ILE A 191 -41.68 17.41 21.15
C ILE A 191 -42.71 18.10 22.03
N GLU A 192 -43.96 18.12 21.58
CA GLU A 192 -45.04 18.64 22.41
C GLU A 192 -45.36 17.64 23.53
N LYS A 193 -45.89 18.18 24.63
CA LYS A 193 -46.14 17.36 25.81
C LYS A 193 -47.07 16.20 25.49
N ASP A 194 -46.69 15.00 25.95
CA ASP A 194 -47.50 13.78 25.79
C ASP A 194 -47.79 13.50 24.32
N ALA A 195 -46.81 13.72 23.45
CA ALA A 195 -46.98 13.44 22.03
C ALA A 195 -47.16 11.95 21.78
N PHE A 196 -46.35 11.12 22.43
CA PHE A 196 -46.37 9.68 22.24
C PHE A 196 -47.20 8.96 23.30
N LEU A 197 -47.83 9.69 24.22
CA LEU A 197 -48.50 9.06 25.34
C LEU A 197 -49.67 8.19 24.90
N ASN A 198 -50.47 8.68 23.95
CA ASN A 198 -51.68 7.98 23.53
C ASN A 198 -51.40 6.85 22.55
N LEU A 199 -50.13 6.53 22.29
CA LEU A 199 -49.77 5.39 21.45
C LEU A 199 -49.63 4.17 22.36
N THR A 200 -50.77 3.62 22.74
CA THR A 200 -50.81 2.53 23.73
C THR A 200 -50.13 1.27 23.23
N LYS A 201 -50.01 1.08 21.92
CA LYS A 201 -49.43 -0.13 21.36
C LYS A 201 -47.95 0.03 20.99
N LEU A 202 -47.34 1.17 21.27
CA LEU A 202 -45.95 1.40 20.90
C LEU A 202 -45.02 0.61 21.82
N LYS A 203 -44.06 -0.10 21.21
CA LYS A 203 -43.09 -0.86 21.97
C LYS A 203 -41.66 -0.48 21.57
N VAL A 204 -41.49 -0.05 20.33
CA VAL A 204 -40.18 0.33 19.79
C VAL A 204 -40.24 1.77 19.32
N LEU A 205 -39.30 2.59 19.80
CA LEU A 205 -39.22 4.00 19.42
C LEU A 205 -37.75 4.38 19.33
N SER A 206 -37.31 4.79 18.14
CA SER A 206 -35.92 5.19 17.90
C SER A 206 -35.90 6.67 17.52
N LEU A 207 -35.25 7.48 18.35
CA LEU A 207 -35.12 8.92 18.11
C LEU A 207 -33.65 9.32 17.96
N LYS A 208 -32.87 8.47 17.31
CA LYS A 208 -31.43 8.72 17.16
C LYS A 208 -31.16 9.81 16.14
N ASP A 209 -30.03 10.51 16.34
CA ASP A 209 -29.52 11.49 15.39
C ASP A 209 -30.59 12.52 15.02
N ASN A 210 -31.29 13.04 16.02
CA ASN A 210 -32.42 13.92 15.79
C ASN A 210 -32.28 15.27 16.48
N ASN A 211 -31.10 15.60 17.01
CA ASN A 211 -30.86 16.87 17.69
C ASN A 211 -31.81 17.07 18.88
N VAL A 212 -32.14 15.98 19.58
CA VAL A 212 -33.05 16.05 20.71
C VAL A 212 -32.32 16.59 21.93
N THR A 213 -33.00 17.46 22.68
CA THR A 213 -32.42 18.04 23.88
C THR A 213 -32.96 17.43 25.17
N THR A 214 -34.23 17.02 25.19
CA THR A 214 -34.84 16.44 26.39
C THR A 214 -35.59 15.17 26.01
N VAL A 215 -35.69 14.26 26.97
CA VAL A 215 -36.43 13.00 26.73
C VAL A 215 -37.90 13.32 26.52
N PRO A 216 -38.54 12.77 25.48
CA PRO A 216 -39.95 13.13 25.21
C PRO A 216 -40.94 12.51 26.19
N THR A 217 -41.07 13.12 27.37
CA THR A 217 -42.10 12.71 28.31
C THR A 217 -43.47 13.20 27.85
N VAL A 218 -44.50 12.37 28.02
CA VAL A 218 -44.37 11.06 28.68
C VAL A 218 -44.52 9.94 27.66
N LEU A 219 -43.56 9.02 27.66
CA LEU A 219 -43.56 7.89 26.74
C LEU A 219 -44.60 6.85 27.15
N PRO A 220 -45.13 6.08 26.21
CA PRO A 220 -46.12 5.06 26.55
C PRO A 220 -45.52 3.99 27.46
N SER A 221 -46.38 3.45 28.34
CA SER A 221 -45.94 2.46 29.32
C SER A 221 -45.63 1.10 28.70
N THR A 222 -46.00 0.87 27.45
CA THR A 222 -45.78 -0.40 26.78
C THR A 222 -44.47 -0.42 25.98
N LEU A 223 -43.63 0.60 26.14
CA LEU A 223 -42.37 0.65 25.41
C LEU A 223 -41.44 -0.48 25.85
N THR A 224 -40.78 -1.10 24.88
CA THR A 224 -39.80 -2.15 25.14
C THR A 224 -38.40 -1.81 24.66
N GLU A 225 -38.26 -0.98 23.64
CA GLU A 225 -36.96 -0.56 23.13
C GLU A 225 -36.99 0.94 22.91
N LEU A 226 -36.07 1.65 23.55
CA LEU A 226 -35.97 3.11 23.44
C LEU A 226 -34.56 3.45 22.95
N TYR A 227 -34.47 4.02 21.76
CA TYR A 227 -33.19 4.39 21.15
C TYR A 227 -33.13 5.91 21.07
N LEU A 228 -32.56 6.52 22.11
CA LEU A 228 -32.34 7.97 22.16
C LEU A 228 -30.88 8.32 21.95
N TYR A 229 -30.09 7.42 21.36
CA TYR A 229 -28.65 7.59 21.31
C TYR A 229 -28.25 8.56 20.21
N ASN A 230 -27.05 9.15 20.38
CA ASN A 230 -26.49 10.12 19.43
C ASN A 230 -27.38 11.36 19.30
N ASN A 231 -27.67 11.97 20.45
CA ASN A 231 -28.42 13.22 20.48
C ASN A 231 -27.68 14.25 21.32
N MET A 232 -28.32 15.40 21.58
CA MET A 232 -27.74 16.44 22.42
C MET A 232 -28.47 16.56 23.76
N ILE A 233 -28.90 15.43 24.31
CA ILE A 233 -29.53 15.41 25.63
C ILE A 233 -28.43 15.55 26.68
N ALA A 234 -28.46 16.65 27.44
CA ALA A 234 -27.43 16.94 28.42
C ALA A 234 -27.82 16.52 29.84
N GLU A 235 -29.10 16.51 30.15
CA GLU A 235 -29.58 16.14 31.49
C GLU A 235 -30.69 15.11 31.38
N ILE A 236 -30.77 14.26 32.39
CA ILE A 236 -31.85 13.29 32.55
C ILE A 236 -32.59 13.64 33.83
N GLN A 237 -33.91 13.68 33.76
CA GLN A 237 -34.74 13.94 34.92
C GLN A 237 -35.12 12.63 35.60
N GLU A 238 -35.41 12.72 36.91
CA GLU A 238 -35.89 11.55 37.63
C GLU A 238 -37.28 11.13 37.20
N ASP A 239 -38.04 12.03 36.56
CA ASP A 239 -39.38 11.73 36.09
C ASP A 239 -39.44 11.44 34.60
N ASP A 240 -38.31 11.01 34.03
CA ASP A 240 -38.22 10.69 32.62
C ASP A 240 -38.61 9.24 32.33
N PHE A 241 -38.29 8.30 33.23
CA PHE A 241 -38.62 6.89 33.02
C PHE A 241 -39.47 6.31 34.15
N ASN A 242 -40.54 7.01 34.57
CA ASN A 242 -41.37 6.46 35.64
C ASN A 242 -42.29 5.34 35.15
N ASN A 243 -42.77 5.42 33.91
CA ASN A 243 -43.79 4.51 33.44
C ASN A 243 -43.28 3.38 32.56
N LEU A 244 -42.02 3.43 32.14
CA LEU A 244 -41.50 2.31 31.35
C LEU A 244 -41.11 1.15 32.26
N ASN A 245 -42.08 0.30 32.59
CA ASN A 245 -41.84 -0.89 33.38
C ASN A 245 -41.53 -2.11 32.53
N GLN A 246 -41.87 -2.07 31.25
CA GLN A 246 -41.63 -3.18 30.33
C GLN A 246 -40.44 -2.92 29.40
N LEU A 247 -39.70 -1.83 29.63
CA LEU A 247 -38.58 -1.50 28.76
C LEU A 247 -37.46 -2.53 28.91
N GLN A 248 -36.89 -2.93 27.79
CA GLN A 248 -35.81 -3.91 27.76
C GLN A 248 -34.50 -3.38 27.21
N ILE A 249 -34.54 -2.46 26.25
CA ILE A 249 -33.35 -1.88 25.66
C ILE A 249 -33.43 -0.36 25.82
N LEU A 250 -32.36 0.23 26.36
CA LEU A 250 -32.27 1.68 26.53
C LEU A 250 -30.92 2.13 26.02
N ASP A 251 -30.94 2.89 24.92
CA ASP A 251 -29.71 3.38 24.28
C ASP A 251 -29.61 4.89 24.52
N LEU A 252 -28.61 5.29 25.28
CA LEU A 252 -28.31 6.70 25.55
C LEU A 252 -26.87 7.02 25.18
N SER A 253 -26.42 6.54 24.03
CA SER A 253 -25.03 6.62 23.62
C SER A 253 -24.82 7.86 22.75
N GLY A 254 -23.72 8.56 22.99
CA GLY A 254 -23.38 9.73 22.20
C GLY A 254 -23.91 11.05 22.72
N ASN A 255 -24.68 11.04 23.81
CA ASN A 255 -25.12 12.28 24.44
C ASN A 255 -23.98 12.79 25.32
N CYS A 256 -23.58 14.04 25.09
CA CYS A 256 -22.37 14.62 25.67
C CYS A 256 -21.18 13.72 25.37
N PRO A 257 -20.82 13.56 24.11
CA PRO A 257 -19.84 12.54 23.73
C PRO A 257 -18.41 12.96 24.03
N ARG A 258 -17.51 11.99 23.90
CA ARG A 258 -16.07 12.20 24.01
C ARG A 258 -15.56 12.50 22.60
N CYS A 259 -15.25 13.77 22.34
CA CYS A 259 -15.02 14.26 20.99
C CYS A 259 -13.55 14.40 20.63
N TYR A 260 -12.64 13.90 21.45
CA TYR A 260 -11.21 14.01 21.14
C TYR A 260 -10.84 13.08 20.00
N ASN A 261 -10.21 13.63 18.96
CA ASN A 261 -9.81 12.88 17.77
C ASN A 261 -10.98 12.13 17.16
N ALA A 262 -12.14 12.79 17.13
CA ALA A 262 -13.35 12.20 16.55
C ALA A 262 -13.37 12.43 15.05
N PRO A 263 -13.47 11.38 14.22
CA PRO A 263 -13.54 11.57 12.78
C PRO A 263 -14.89 12.05 12.26
N PHE A 264 -15.82 12.42 13.14
CA PHE A 264 -17.12 12.91 12.76
C PHE A 264 -17.44 14.18 13.53
N PRO A 265 -18.28 15.06 12.97
CA PRO A 265 -18.63 16.30 13.67
C PRO A 265 -19.50 16.01 14.88
N CYS A 266 -18.96 16.28 16.07
CA CYS A 266 -19.68 16.09 17.32
C CYS A 266 -19.45 17.29 18.22
N THR A 267 -20.51 17.72 18.91
CA THR A 267 -20.42 18.86 19.80
C THR A 267 -20.42 18.37 21.25
N PRO A 268 -19.33 18.50 21.98
CA PRO A 268 -19.30 18.05 23.37
C PRO A 268 -20.11 18.99 24.27
N CYS A 269 -20.40 18.50 25.47
CA CYS A 269 -21.15 19.28 26.44
C CYS A 269 -20.30 20.42 26.98
N LYS A 270 -20.95 21.35 27.67
CA LYS A 270 -20.26 22.50 28.25
C LYS A 270 -19.44 22.08 29.45
N ASN A 271 -18.24 22.66 29.57
CA ASN A 271 -17.32 22.38 30.67
C ASN A 271 -16.91 20.91 30.72
N ASN A 272 -16.99 20.23 29.57
CA ASN A 272 -16.64 18.82 29.45
C ASN A 272 -17.37 17.96 30.48
N SER A 273 -18.66 18.26 30.66
CA SER A 273 -19.43 17.54 31.66
C SER A 273 -20.04 16.27 31.07
N PRO A 274 -20.14 15.22 31.87
CA PRO A 274 -20.78 13.98 31.40
C PRO A 274 -22.29 14.14 31.35
N LEU A 275 -22.94 13.14 30.75
CA LEU A 275 -24.39 13.10 30.72
C LEU A 275 -24.94 12.97 32.13
N GLN A 276 -25.62 14.00 32.60
CA GLN A 276 -26.08 14.07 34.00
C GLN A 276 -27.28 13.16 34.17
N ILE A 277 -27.04 11.97 34.71
CA ILE A 277 -28.07 11.00 35.02
C ILE A 277 -28.21 10.90 36.53
N PRO A 278 -29.40 11.12 37.09
CA PRO A 278 -29.56 11.00 38.54
C PRO A 278 -29.39 9.57 39.00
N VAL A 279 -29.05 9.42 40.28
CA VAL A 279 -28.87 8.08 40.85
C VAL A 279 -30.19 7.31 40.83
N ASN A 280 -31.30 7.99 41.12
CA ASN A 280 -32.62 7.36 41.10
C ASN A 280 -33.32 7.56 39.75
N ALA A 281 -32.64 7.18 38.67
CA ALA A 281 -33.18 7.31 37.33
C ALA A 281 -33.66 5.98 36.76
N PHE A 282 -32.89 4.92 36.92
CA PHE A 282 -33.27 3.59 36.44
C PHE A 282 -34.02 2.81 37.51
N ASP A 283 -35.07 3.42 38.07
CA ASP A 283 -35.86 2.79 39.13
C ASP A 283 -36.95 1.90 38.55
N ALA A 284 -37.79 2.45 37.68
CA ALA A 284 -38.89 1.68 37.11
C ALA A 284 -38.42 0.62 36.13
N LEU A 285 -37.24 0.78 35.55
CA LEU A 285 -36.72 -0.21 34.60
C LEU A 285 -36.42 -1.50 35.37
N THR A 286 -37.31 -2.47 35.25
CA THR A 286 -37.17 -3.75 35.94
C THR A 286 -36.90 -4.90 34.99
N GLU A 287 -37.39 -4.81 33.75
CA GLU A 287 -37.13 -5.81 32.71
C GLU A 287 -36.01 -5.38 31.77
N LEU A 288 -35.22 -4.38 32.17
CA LEU A 288 -34.14 -3.89 31.32
C LEU A 288 -33.08 -4.97 31.14
N LYS A 289 -32.68 -5.20 29.89
CA LYS A 289 -31.68 -6.19 29.57
C LYS A 289 -30.47 -5.62 28.85
N VAL A 290 -30.63 -4.54 28.09
CA VAL A 290 -29.54 -3.91 27.37
C VAL A 290 -29.50 -2.44 27.75
N LEU A 291 -28.35 -1.95 28.20
CA LEU A 291 -28.16 -0.56 28.58
C LEU A 291 -26.86 -0.08 27.97
N ARG A 292 -26.94 0.72 26.92
CA ARG A 292 -25.77 1.24 26.22
C ARG A 292 -25.52 2.68 26.66
N LEU A 293 -24.37 2.90 27.28
CA LEU A 293 -23.93 4.23 27.70
C LEU A 293 -22.60 4.58 27.04
N HIS A 294 -22.47 4.22 25.76
CA HIS A 294 -21.22 4.44 25.04
C HIS A 294 -21.05 5.90 24.67
N SER A 295 -19.85 6.44 24.91
CA SER A 295 -19.48 7.80 24.51
C SER A 295 -20.41 8.84 25.16
N ASN A 296 -20.41 8.85 26.48
CA ASN A 296 -21.13 9.85 27.26
C ASN A 296 -20.21 10.69 28.13
N SER A 297 -18.89 10.58 27.93
CA SER A 297 -17.90 11.31 28.72
C SER A 297 -18.04 11.01 30.22
N LEU A 298 -18.53 9.83 30.55
CA LEU A 298 -18.79 9.48 31.94
C LEU A 298 -17.50 9.33 32.71
N GLN A 299 -17.48 9.87 33.93
CA GLN A 299 -16.35 9.74 34.84
C GLN A 299 -16.63 8.81 36.01
N HIS A 300 -17.88 8.72 36.46
CA HIS A 300 -18.27 7.82 37.53
C HIS A 300 -19.51 7.05 37.13
N VAL A 301 -19.60 5.81 37.60
CA VAL A 301 -20.78 4.97 37.39
C VAL A 301 -21.30 4.56 38.76
N PRO A 302 -22.24 5.29 39.33
CA PRO A 302 -22.74 4.98 40.67
C PRO A 302 -23.40 3.61 40.71
N PRO A 303 -23.20 2.84 41.79
CA PRO A 303 -23.92 1.57 41.93
C PRO A 303 -25.41 1.73 42.07
N ARG A 304 -25.89 2.92 42.46
CA ARG A 304 -27.33 3.15 42.60
C ARG A 304 -28.07 3.04 41.28
N TRP A 305 -27.38 3.25 40.16
CA TRP A 305 -28.02 3.11 38.86
C TRP A 305 -28.52 1.70 38.63
N PHE A 306 -27.75 0.70 39.04
CA PHE A 306 -28.05 -0.71 38.81
C PHE A 306 -28.75 -1.35 40.00
N LYS A 307 -29.42 -0.55 40.83
CA LYS A 307 -30.10 -1.09 42.00
C LYS A 307 -31.37 -1.84 41.62
N ASN A 308 -32.14 -1.31 40.66
CA ASN A 308 -33.43 -1.90 40.31
C ASN A 308 -33.37 -2.80 39.09
N ILE A 309 -32.40 -2.62 38.20
CA ILE A 309 -32.29 -3.46 37.02
C ILE A 309 -31.59 -4.77 37.38
N ASN A 310 -32.39 -5.78 37.75
CA ASN A 310 -31.83 -7.05 38.18
C ASN A 310 -31.36 -7.92 37.01
N ASN A 311 -32.05 -7.83 35.87
CA ASN A 311 -31.80 -8.73 34.74
C ASN A 311 -31.06 -8.05 33.59
N LEU A 312 -30.11 -7.18 33.91
CA LEU A 312 -29.30 -6.55 32.87
C LEU A 312 -28.35 -7.59 32.28
N GLN A 313 -28.31 -7.66 30.96
CA GLN A 313 -27.48 -8.63 30.24
C GLN A 313 -26.30 -7.99 29.52
N GLU A 314 -26.53 -6.92 28.77
CA GLU A 314 -25.48 -6.24 28.03
C GLU A 314 -25.35 -4.81 28.53
N LEU A 315 -24.11 -4.38 28.77
CA LEU A 315 -23.84 -3.04 29.28
C LEU A 315 -22.68 -2.46 28.47
N ASP A 316 -22.95 -1.38 27.74
CA ASP A 316 -21.94 -0.71 26.94
C ASP A 316 -21.50 0.56 27.65
N LEU A 317 -20.19 0.70 27.86
CA LEU A 317 -19.62 1.86 28.52
C LEU A 317 -18.37 2.36 27.81
N SER A 318 -18.33 2.24 26.49
CA SER A 318 -17.15 2.58 25.72
C SER A 318 -17.04 4.09 25.52
N GLN A 319 -15.82 4.53 25.17
CA GLN A 319 -15.52 5.92 24.84
C GLN A 319 -15.93 6.86 25.98
N ASN A 320 -15.51 6.52 27.19
CA ASN A 320 -15.77 7.32 28.37
C ASN A 320 -14.45 7.66 29.06
N PHE A 321 -14.55 8.25 30.24
CA PHE A 321 -13.40 8.59 31.06
C PHE A 321 -13.37 7.75 32.34
N LEU A 322 -13.72 6.47 32.20
CA LEU A 322 -13.87 5.57 33.33
C LEU A 322 -12.59 4.78 33.63
N ALA A 323 -11.43 5.30 33.23
CA ALA A 323 -10.17 4.61 33.52
C ALA A 323 -9.95 4.47 35.02
N LYS A 324 -10.29 5.50 35.79
CA LYS A 324 -10.22 5.40 37.25
C LYS A 324 -11.35 4.56 37.81
N GLU A 325 -12.51 4.55 37.15
CA GLU A 325 -13.64 3.76 37.63
C GLU A 325 -13.38 2.26 37.45
N ILE A 326 -12.67 1.88 36.38
CA ILE A 326 -12.33 0.48 36.17
C ILE A 326 -11.49 -0.04 37.32
N GLY A 327 -10.63 0.80 37.89
CA GLY A 327 -9.86 0.39 39.05
C GLY A 327 -10.73 0.11 40.26
N ASP A 328 -11.83 0.86 40.42
CA ASP A 328 -12.77 0.65 41.52
C ASP A 328 -13.93 -0.26 41.13
N ALA A 329 -14.72 0.16 40.15
CA ALA A 329 -15.81 -0.63 39.58
C ALA A 329 -16.73 -1.21 40.66
N LYS A 330 -17.23 -0.32 41.52
CA LYS A 330 -18.14 -0.77 42.58
C LYS A 330 -19.47 -1.26 42.02
N PHE A 331 -19.88 -0.74 40.85
CA PHE A 331 -21.20 -1.06 40.30
C PHE A 331 -21.30 -2.48 39.76
N LEU A 332 -20.18 -3.20 39.63
CA LEU A 332 -20.24 -4.56 39.10
C LEU A 332 -20.85 -5.55 40.08
N HIS A 333 -20.96 -5.20 41.36
CA HIS A 333 -21.57 -6.10 42.33
C HIS A 333 -23.09 -6.20 42.18
N PHE A 334 -23.71 -5.31 41.42
CA PHE A 334 -25.15 -5.31 41.22
C PHE A 334 -25.56 -5.92 39.89
N LEU A 335 -24.66 -6.60 39.20
CA LEU A 335 -24.93 -7.20 37.90
C LEU A 335 -24.49 -8.67 37.91
N PRO A 336 -25.26 -9.53 38.58
CA PRO A 336 -24.93 -10.97 38.58
C PRO A 336 -25.33 -11.68 37.29
N ASN A 337 -26.22 -11.10 36.48
CA ASN A 337 -26.69 -11.73 35.25
C ASN A 337 -26.10 -11.06 34.01
N LEU A 338 -25.06 -10.25 34.16
CA LEU A 338 -24.46 -9.56 33.03
C LEU A 338 -23.82 -10.55 32.07
N ILE A 339 -24.11 -10.41 30.78
CA ILE A 339 -23.55 -11.27 29.75
C ILE A 339 -22.40 -10.59 29.02
N GLN A 340 -22.60 -9.35 28.59
CA GLN A 340 -21.59 -8.59 27.87
C GLN A 340 -21.22 -7.35 28.66
N LEU A 341 -19.95 -6.94 28.54
CA LEU A 341 -19.46 -5.75 29.22
C LEU A 341 -18.42 -5.09 28.31
N ASP A 342 -18.80 -3.99 27.68
CA ASP A 342 -17.90 -3.24 26.81
C ASP A 342 -17.34 -2.05 27.58
N LEU A 343 -16.03 -2.05 27.81
CA LEU A 343 -15.35 -0.96 28.50
C LEU A 343 -14.20 -0.42 27.65
N SER A 344 -14.41 -0.34 26.34
CA SER A 344 -13.34 -0.01 25.41
C SER A 344 -13.11 1.50 25.35
N PHE A 345 -11.86 1.87 25.07
CA PHE A 345 -11.48 3.26 24.80
C PHE A 345 -11.84 4.19 25.96
N ASN A 346 -11.47 3.78 27.17
CA ASN A 346 -11.66 4.59 28.37
C ASN A 346 -10.37 5.26 28.84
N PHE A 347 -9.36 5.30 27.98
CA PHE A 347 -8.07 5.84 28.35
C PHE A 347 -8.15 7.34 28.61
N GLU A 348 -7.27 7.82 29.49
CA GLU A 348 -7.09 9.25 29.70
C GLU A 348 -5.89 9.74 28.91
N LEU A 349 -6.00 10.95 28.38
CA LEU A 349 -5.00 11.46 27.44
C LEU A 349 -3.67 11.71 28.13
N GLN A 350 -2.59 11.60 27.34
CA GLN A 350 -1.22 11.89 27.78
C GLN A 350 -0.78 10.99 28.93
N VAL A 351 -1.37 9.81 29.06
CA VAL A 351 -1.02 8.87 30.13
C VAL A 351 -0.77 7.51 29.51
N TYR A 352 0.39 6.92 29.81
CA TYR A 352 0.78 5.60 29.33
C TYR A 352 0.98 4.73 30.56
N ARG A 353 -0.06 4.03 30.98
CA ARG A 353 -0.04 3.28 32.24
C ARG A 353 0.97 2.14 32.18
N ALA A 354 1.59 1.87 33.33
CA ALA A 354 2.55 0.78 33.43
C ALA A 354 1.86 -0.58 33.52
N SER A 355 0.61 -0.62 34.01
CA SER A 355 -0.08 -1.88 34.22
C SER A 355 -1.58 -1.66 34.10
N MET A 356 -2.30 -2.77 33.98
CA MET A 356 -3.75 -2.78 33.81
C MET A 356 -4.40 -3.00 35.17
N ASN A 357 -5.15 -2.00 35.64
CA ASN A 357 -5.67 -1.98 37.01
C ASN A 357 -7.13 -2.43 37.03
N LEU A 358 -7.31 -3.74 36.97
CA LEU A 358 -8.65 -4.31 37.07
C LEU A 358 -9.05 -4.47 38.54
N SER A 359 -10.30 -4.14 38.85
CA SER A 359 -10.79 -4.23 40.21
C SER A 359 -11.09 -5.68 40.58
N GLN A 360 -11.17 -5.95 41.88
CA GLN A 360 -11.55 -7.26 42.38
C GLN A 360 -13.05 -7.51 42.24
N ALA A 361 -13.84 -6.48 41.93
CA ALA A 361 -15.28 -6.66 41.73
C ALA A 361 -15.59 -7.33 40.40
N PHE A 362 -14.61 -7.51 39.52
CA PHE A 362 -14.84 -8.23 38.27
C PHE A 362 -15.13 -9.71 38.50
N SER A 363 -14.85 -10.24 39.68
CA SER A 363 -15.15 -11.63 40.00
C SER A 363 -16.63 -11.85 40.33
N SER A 364 -17.40 -10.77 40.47
CA SER A 364 -18.84 -10.87 40.73
C SER A 364 -19.64 -11.06 39.46
N LEU A 365 -19.01 -11.00 38.30
CA LEU A 365 -19.69 -11.22 37.01
C LEU A 365 -19.75 -12.73 36.73
N LYS A 366 -20.69 -13.38 37.42
CA LYS A 366 -20.80 -14.83 37.35
C LYS A 366 -21.15 -15.31 35.95
N SER A 367 -22.07 -14.60 35.27
CA SER A 367 -22.56 -15.03 33.97
C SER A 367 -21.87 -14.31 32.81
N LEU A 368 -20.79 -13.59 33.07
CA LEU A 368 -20.11 -12.85 32.02
C LEU A 368 -19.50 -13.80 30.99
N LYS A 369 -19.67 -13.45 29.72
CA LYS A 369 -19.14 -14.24 28.61
C LYS A 369 -18.14 -13.46 27.77
N ILE A 370 -18.48 -12.23 27.37
CA ILE A 370 -17.62 -11.40 26.54
C ILE A 370 -17.20 -10.18 27.34
N LEU A 371 -15.90 -9.89 27.33
CA LEU A 371 -15.35 -8.75 28.08
C LEU A 371 -14.32 -8.06 27.19
N ARG A 372 -14.69 -6.93 26.60
CA ARG A 372 -13.82 -6.16 25.71
C ARG A 372 -13.34 -4.93 26.45
N ILE A 373 -12.03 -4.87 26.73
CA ILE A 373 -11.43 -3.76 27.46
C ILE A 373 -10.36 -3.12 26.57
N ARG A 374 -10.61 -3.08 25.28
CA ARG A 374 -9.71 -2.40 24.35
C ARG A 374 -9.59 -0.92 24.71
N GLY A 375 -8.64 -0.25 24.08
CA GLY A 375 -8.46 1.18 24.30
C GLY A 375 -8.10 1.55 25.72
N TYR A 376 -7.57 0.59 26.48
CA TYR A 376 -7.13 0.81 27.86
C TYR A 376 -5.60 0.90 27.94
N VAL A 377 -5.01 1.64 26.99
CA VAL A 377 -3.59 1.60 26.67
C VAL A 377 -2.73 1.57 27.93
N PHE A 378 -1.84 0.58 28.00
CA PHE A 378 -0.97 0.38 29.14
C PHE A 378 0.26 -0.38 28.68
N LYS A 379 1.31 -0.36 29.50
CA LYS A 379 2.62 -0.82 29.08
C LYS A 379 2.74 -2.35 29.07
N GLU A 380 2.61 -2.97 30.23
CA GLU A 380 2.97 -4.38 30.40
C GLU A 380 1.84 -5.14 31.05
N LEU A 381 1.52 -6.31 30.47
CA LEU A 381 0.47 -7.19 30.98
C LEU A 381 1.12 -8.31 31.78
N LYS A 382 0.79 -8.38 33.06
CA LYS A 382 1.35 -9.37 33.96
C LYS A 382 0.34 -10.49 34.21
N SER A 383 0.78 -11.50 34.96
CA SER A 383 -0.05 -12.68 35.20
C SER A 383 -1.20 -12.37 36.14
N PHE A 384 -0.92 -11.64 37.22
CA PHE A 384 -1.94 -11.41 38.25
C PHE A 384 -2.85 -10.23 37.93
N GLN A 385 -2.62 -9.52 36.82
CA GLN A 385 -3.56 -8.46 36.44
C GLN A 385 -4.89 -9.03 35.97
N LEU A 386 -4.91 -10.28 35.52
CA LEU A 386 -6.12 -10.95 35.10
C LEU A 386 -6.66 -11.90 36.18
N SER A 387 -6.16 -11.78 37.41
CA SER A 387 -6.62 -12.65 38.48
C SER A 387 -8.13 -12.58 38.76
N PRO A 388 -8.81 -11.43 38.71
CA PRO A 388 -10.27 -11.45 38.92
C PRO A 388 -11.01 -12.31 37.91
N LEU A 389 -10.48 -12.46 36.70
CA LEU A 389 -11.13 -13.24 35.66
C LEU A 389 -10.75 -14.72 35.71
N HIS A 390 -9.95 -15.15 36.67
CA HIS A 390 -9.50 -16.53 36.76
C HIS A 390 -10.60 -17.49 37.19
N ASN A 391 -11.76 -16.99 37.65
CA ASN A 391 -12.83 -17.85 38.13
C ASN A 391 -14.14 -17.62 37.39
N LEU A 392 -14.13 -16.88 36.28
CA LEU A 392 -15.33 -16.68 35.46
C LEU A 392 -15.49 -17.90 34.57
N GLN A 393 -16.34 -18.83 34.99
CA GLN A 393 -16.48 -20.09 34.27
C GLN A 393 -17.12 -19.90 32.90
N ASN A 394 -18.01 -18.92 32.76
CA ASN A 394 -18.71 -18.67 31.50
C ASN A 394 -17.96 -17.71 30.59
N LEU A 395 -16.79 -17.21 31.01
CA LEU A 395 -16.03 -16.29 30.18
C LEU A 395 -15.47 -17.00 28.97
N GLU A 396 -15.74 -16.45 27.78
CA GLU A 396 -15.27 -17.03 26.52
C GLU A 396 -14.35 -16.09 25.77
N VAL A 397 -14.76 -14.84 25.56
CA VAL A 397 -14.00 -13.87 24.78
C VAL A 397 -13.32 -12.90 25.73
N LEU A 398 -12.02 -12.68 25.51
CA LEU A 398 -11.22 -11.74 26.29
C LEU A 398 -10.46 -10.85 25.30
N ASP A 399 -11.05 -9.71 24.98
CA ASP A 399 -10.46 -8.78 24.01
C ASP A 399 -9.53 -7.82 24.73
N LEU A 400 -8.27 -7.76 24.26
CA LEU A 400 -7.27 -6.88 24.84
C LEU A 400 -6.46 -6.16 23.78
N GLY A 401 -7.04 -5.96 22.60
CA GLY A 401 -6.33 -5.29 21.53
C GLY A 401 -6.31 -3.78 21.69
N THR A 402 -5.46 -3.15 20.88
CA THR A 402 -5.30 -1.70 20.84
C THR A 402 -5.03 -1.16 22.24
N ASN A 403 -4.03 -1.75 22.90
CA ASN A 403 -3.57 -1.30 24.20
C ASN A 403 -2.08 -1.01 24.24
N PHE A 404 -1.35 -1.28 23.15
CA PHE A 404 0.09 -1.04 23.07
C PHE A 404 0.84 -1.76 24.19
N ILE A 405 0.43 -2.99 24.47
CA ILE A 405 1.13 -3.82 25.44
C ILE A 405 2.49 -4.23 24.87
N LYS A 406 3.54 -4.06 25.67
CA LYS A 406 4.90 -4.38 25.24
C LYS A 406 5.39 -5.72 25.76
N ILE A 407 5.27 -5.97 27.07
CA ILE A 407 5.74 -7.21 27.68
C ILE A 407 4.52 -8.01 28.10
N ALA A 408 4.40 -9.24 27.60
CA ALA A 408 3.28 -10.11 27.93
C ALA A 408 3.74 -11.55 27.81
N ASN A 409 3.90 -12.22 28.95
CA ASN A 409 4.28 -13.63 28.96
C ASN A 409 3.10 -14.46 28.51
N LEU A 410 3.18 -15.05 27.32
CA LEU A 410 2.08 -15.83 26.79
C LEU A 410 1.82 -17.11 27.59
N SER A 411 2.78 -17.53 28.42
CA SER A 411 2.57 -18.70 29.26
C SER A 411 1.56 -18.47 30.37
N MET A 412 1.19 -17.21 30.63
CA MET A 412 0.20 -16.91 31.67
C MET A 412 -1.22 -17.30 31.26
N PHE A 413 -1.43 -17.63 29.98
CA PHE A 413 -2.76 -17.98 29.48
C PHE A 413 -3.05 -19.47 29.62
N LYS A 414 -2.17 -20.23 30.26
CA LYS A 414 -2.46 -21.62 30.57
C LYS A 414 -3.56 -21.78 31.61
N GLN A 415 -3.97 -20.69 32.26
CA GLN A 415 -5.11 -20.73 33.16
C GLN A 415 -6.42 -20.45 32.44
N PHE A 416 -6.39 -19.73 31.33
CA PHE A 416 -7.58 -19.46 30.53
C PHE A 416 -7.77 -20.50 29.42
N LYS A 417 -7.76 -21.77 29.79
CA LYS A 417 -7.96 -22.83 28.80
C LYS A 417 -9.44 -22.94 28.42
N ARG A 418 -10.35 -22.69 29.37
CA ARG A 418 -11.78 -22.78 29.10
C ARG A 418 -12.27 -21.67 28.18
N LEU A 419 -11.45 -20.65 27.92
CA LEU A 419 -11.85 -19.55 27.06
C LEU A 419 -11.91 -20.01 25.61
N LYS A 420 -12.46 -19.15 24.75
CA LYS A 420 -12.57 -19.43 23.32
C LYS A 420 -11.77 -18.47 22.46
N VAL A 421 -11.72 -17.19 22.81
CA VAL A 421 -10.97 -16.19 22.07
C VAL A 421 -10.08 -15.43 23.04
N ILE A 422 -8.79 -15.37 22.74
CA ILE A 422 -7.83 -14.57 23.50
C ILE A 422 -7.24 -13.57 22.52
N ASP A 423 -7.76 -12.34 22.55
CA ASP A 423 -7.41 -11.33 21.56
C ASP A 423 -6.17 -10.58 22.02
N LEU A 424 -5.11 -10.66 21.23
CA LEU A 424 -3.83 -10.00 21.50
C LEU A 424 -3.42 -9.18 20.28
N SER A 425 -4.32 -8.28 19.85
CA SER A 425 -4.26 -7.55 18.59
C SER A 425 -3.18 -6.48 18.61
N VAL A 426 -3.37 -5.43 17.81
CA VAL A 426 -2.35 -4.53 17.25
C VAL A 426 -1.32 -4.06 18.28
N ASN A 427 -1.50 -4.46 19.54
CA ASN A 427 -0.54 -4.16 20.59
C ASN A 427 0.88 -4.60 20.20
N LYS A 428 1.88 -4.17 20.96
CA LYS A 428 3.27 -4.23 20.53
C LYS A 428 4.05 -5.34 21.24
N ILE A 429 3.42 -6.48 21.45
CA ILE A 429 4.05 -7.60 22.14
C ILE A 429 5.15 -8.19 21.26
N SER A 430 6.30 -8.46 21.86
CA SER A 430 7.46 -9.02 21.19
C SER A 430 8.00 -10.18 22.01
N PRO A 431 8.80 -11.07 21.38
CA PRO A 431 9.42 -12.19 22.11
C PRO A 431 10.25 -11.75 23.31
N SER A 486 -13.12 -18.44 10.01
CA SER A 486 -12.23 -17.96 11.06
C SER A 486 -11.78 -19.11 11.97
N CYS A 487 -10.98 -18.77 12.98
CA CYS A 487 -10.46 -19.78 13.89
C CYS A 487 -11.44 -20.13 15.01
N TYR A 488 -12.48 -19.31 15.19
CA TYR A 488 -13.40 -19.51 16.30
C TYR A 488 -14.17 -20.83 16.19
N LYS A 489 -14.28 -21.39 14.98
CA LYS A 489 -14.94 -22.68 14.82
C LYS A 489 -14.03 -23.85 15.15
N TYR A 490 -12.73 -23.63 15.35
CA TYR A 490 -11.80 -24.71 15.61
C TYR A 490 -11.52 -24.92 17.10
N GLY A 491 -11.85 -23.95 17.95
CA GLY A 491 -11.61 -24.09 19.37
C GLY A 491 -10.93 -22.88 19.98
N GLN A 492 -9.99 -23.13 20.90
CA GLN A 492 -9.27 -22.04 21.54
C GLN A 492 -8.45 -21.28 20.50
N THR A 493 -8.50 -19.95 20.58
CA THR A 493 -7.84 -19.08 19.62
C THR A 493 -6.97 -18.08 20.34
N LEU A 494 -5.72 -17.95 19.90
CA LEU A 494 -4.79 -16.94 20.40
C LEU A 494 -4.46 -16.01 19.25
N ASP A 495 -5.12 -14.86 19.20
CA ASP A 495 -4.98 -13.91 18.10
C ASP A 495 -3.80 -12.99 18.40
N LEU A 496 -2.62 -13.35 17.89
CA LEU A 496 -1.41 -12.56 18.07
C LEU A 496 -1.11 -11.71 16.83
N SER A 497 -2.14 -11.28 16.12
CA SER A 497 -1.95 -10.57 14.87
C SER A 497 -1.46 -9.14 15.12
N LYS A 498 -0.63 -8.66 14.20
CA LYS A 498 -0.15 -7.26 14.18
C LYS A 498 0.59 -6.89 15.46
N ASN A 499 1.36 -7.82 16.02
CA ASN A 499 2.22 -7.52 17.15
C ASN A 499 3.60 -7.14 16.64
N SER A 500 4.57 -7.08 17.55
CA SER A 500 5.96 -6.75 17.22
C SER A 500 6.86 -8.00 17.32
N ILE A 501 6.31 -9.16 16.98
CA ILE A 501 7.08 -10.39 17.00
C ILE A 501 7.78 -10.54 15.65
N PHE A 502 9.11 -10.61 15.69
CA PHE A 502 9.92 -10.73 14.49
C PHE A 502 10.67 -12.05 14.40
N PHE A 503 10.63 -12.88 15.45
CA PHE A 503 11.16 -14.23 15.39
C PHE A 503 10.41 -15.09 16.39
N ILE A 504 10.43 -16.39 16.16
CA ILE A 504 9.61 -17.35 16.91
C ILE A 504 10.53 -18.24 17.73
N LYS A 505 10.25 -18.35 19.02
CA LYS A 505 10.95 -19.26 19.92
C LYS A 505 10.00 -20.36 20.40
N SER A 506 10.57 -21.55 20.58
CA SER A 506 9.77 -22.67 21.07
C SER A 506 9.33 -22.44 22.52
N SER A 507 10.17 -21.79 23.33
CA SER A 507 9.81 -21.54 24.72
C SER A 507 8.73 -20.48 24.87
N ASP A 508 8.56 -19.59 23.88
CA ASP A 508 7.53 -18.57 23.97
C ASP A 508 6.14 -19.19 23.98
N PHE A 509 5.92 -20.21 23.15
CA PHE A 509 4.61 -20.86 23.05
C PHE A 509 4.47 -22.05 23.99
N GLN A 510 5.36 -22.17 24.97
CA GLN A 510 5.23 -23.24 25.95
C GLN A 510 3.99 -23.02 26.81
N HIS A 511 3.45 -24.12 27.33
CA HIS A 511 2.22 -24.16 28.13
C HIS A 511 0.99 -23.73 27.34
N LEU A 512 1.06 -23.75 26.01
CA LEU A 512 -0.05 -23.39 25.13
C LEU A 512 -0.43 -24.54 24.23
N SER A 513 -0.35 -25.77 24.76
CA SER A 513 -0.69 -26.95 23.96
C SER A 513 -2.18 -27.01 23.64
N PHE A 514 -3.02 -26.42 24.50
CA PHE A 514 -4.46 -26.44 24.28
C PHE A 514 -4.90 -25.61 23.09
N LEU A 515 -4.01 -24.79 22.54
CA LEU A 515 -4.38 -23.88 21.46
C LEU A 515 -4.82 -24.67 20.22
N LYS A 516 -5.93 -24.25 19.64
CA LYS A 516 -6.42 -24.82 18.38
C LYS A 516 -6.15 -23.92 17.18
N CYS A 517 -5.99 -22.62 17.39
CA CYS A 517 -5.56 -21.70 16.35
C CYS A 517 -4.51 -20.74 16.90
N LEU A 518 -3.70 -20.21 15.99
CA LEU A 518 -2.71 -19.20 16.33
C LEU A 518 -2.60 -18.22 15.17
N ASN A 519 -3.06 -17.00 15.38
CA ASN A 519 -3.04 -15.96 14.35
C ASN A 519 -1.78 -15.13 14.53
N LEU A 520 -0.82 -15.30 13.63
CA LEU A 520 0.42 -14.54 13.63
C LEU A 520 0.50 -13.59 12.44
N SER A 521 -0.65 -13.17 11.93
CA SER A 521 -0.69 -12.35 10.73
C SER A 521 -0.22 -10.92 11.01
N GLY A 522 0.54 -10.38 10.08
CA GLY A 522 0.99 -9.00 10.16
C GLY A 522 2.18 -8.76 11.06
N ASN A 523 2.76 -9.79 11.63
CA ASN A 523 3.91 -9.63 12.51
C ASN A 523 5.21 -9.38 11.75
N LEU A 524 5.24 -9.65 10.45
CA LEU A 524 6.42 -9.47 9.61
C LEU A 524 7.62 -10.24 10.18
N ILE A 525 7.40 -11.53 10.41
CA ILE A 525 8.44 -12.40 10.96
C ILE A 525 9.33 -12.87 9.83
N SER A 526 10.62 -12.52 9.92
CA SER A 526 11.63 -13.00 8.98
C SER A 526 12.34 -14.18 9.62
N GLN A 527 12.02 -15.39 9.17
CA GLN A 527 12.59 -16.58 9.78
C GLN A 527 12.63 -17.71 8.76
N THR A 528 13.67 -18.54 8.86
CA THR A 528 13.75 -19.78 8.10
C THR A 528 13.28 -20.90 9.03
N LEU A 529 12.08 -21.41 8.78
CA LEU A 529 11.50 -22.43 9.65
C LEU A 529 12.33 -23.70 9.60
N ASN A 530 12.44 -24.35 10.76
CA ASN A 530 13.29 -25.53 10.91
C ASN A 530 12.54 -26.73 11.47
N GLY A 531 11.24 -26.61 11.76
CA GLY A 531 10.49 -27.72 12.32
C GLY A 531 10.55 -27.83 13.83
N SER A 532 11.07 -26.82 14.53
CA SER A 532 11.13 -26.85 15.98
C SER A 532 10.58 -25.59 16.64
N GLU A 533 10.07 -24.63 15.88
CA GLU A 533 9.58 -23.39 16.48
C GLU A 533 8.25 -23.61 17.19
N PHE A 534 7.28 -24.20 16.49
CA PHE A 534 5.96 -24.45 17.06
C PHE A 534 5.89 -25.84 17.69
N GLN A 535 6.85 -26.16 18.55
CA GLN A 535 6.89 -27.49 19.14
C GLN A 535 5.82 -27.71 20.20
N PRO A 536 5.63 -26.81 21.18
CA PRO A 536 4.58 -27.06 22.19
C PRO A 536 3.17 -27.07 21.63
N LEU A 537 2.96 -26.51 20.44
CA LEU A 537 1.63 -26.46 19.83
C LEU A 537 1.30 -27.84 19.24
N ALA A 538 1.05 -28.79 20.15
CA ALA A 538 0.77 -30.16 19.72
C ALA A 538 -0.64 -30.31 19.15
N GLU A 539 -1.60 -29.58 19.70
CA GLU A 539 -3.00 -29.69 19.29
C GLU A 539 -3.42 -28.59 18.33
N LEU A 540 -2.46 -27.84 17.77
CA LEU A 540 -2.80 -26.77 16.85
C LEU A 540 -3.43 -27.32 15.58
N ARG A 541 -4.57 -26.74 15.19
CA ARG A 541 -5.26 -27.13 13.99
C ARG A 541 -5.29 -26.07 12.91
N TYR A 542 -5.15 -24.79 13.28
CA TYR A 542 -5.10 -23.69 12.34
C TYR A 542 -3.92 -22.80 12.71
N LEU A 543 -3.15 -22.40 11.70
CA LEU A 543 -2.01 -21.50 11.91
C LEU A 543 -2.05 -20.43 10.82
N ASP A 544 -2.26 -19.18 11.22
CA ASP A 544 -2.28 -18.06 10.30
C ASP A 544 -0.92 -17.37 10.32
N PHE A 545 -0.19 -17.46 9.21
CA PHE A 545 1.13 -16.87 9.08
C PHE A 545 1.17 -15.87 7.93
N SER A 546 0.02 -15.25 7.63
CA SER A 546 -0.05 -14.32 6.52
C SER A 546 0.62 -13.01 6.86
N ASN A 547 0.97 -12.26 5.81
CA ASN A 547 1.62 -10.96 5.93
C ASN A 547 2.89 -11.05 6.79
N ASN A 548 3.79 -11.92 6.36
CA ASN A 548 5.05 -12.13 7.05
C ASN A 548 6.15 -12.28 6.00
N ARG A 549 7.33 -12.72 6.43
CA ARG A 549 8.48 -12.94 5.56
C ARG A 549 9.00 -14.34 5.82
N LEU A 550 8.41 -15.33 5.16
CA LEU A 550 8.74 -16.73 5.40
C LEU A 550 9.70 -17.23 4.33
N ASP A 551 10.66 -18.05 4.76
CA ASP A 551 11.71 -18.58 3.88
C ASP A 551 11.60 -20.10 3.86
N LEU A 552 11.14 -20.65 2.73
CA LEU A 552 11.04 -22.09 2.54
C LEU A 552 12.39 -22.65 2.08
N LEU A 553 13.35 -22.63 2.99
CA LEU A 553 14.66 -23.22 2.72
C LEU A 553 14.73 -24.69 3.09
N HIS A 554 13.83 -25.17 3.95
CA HIS A 554 13.79 -26.55 4.39
C HIS A 554 12.42 -27.14 4.13
N SER A 555 12.39 -28.42 3.76
CA SER A 555 11.13 -29.14 3.60
C SER A 555 10.55 -29.60 4.92
N THR A 556 11.27 -29.43 6.02
CA THR A 556 10.80 -29.81 7.35
C THR A 556 10.03 -28.70 8.05
N ALA A 557 9.69 -27.63 7.34
CA ALA A 557 8.89 -26.56 7.94
C ALA A 557 7.51 -27.08 8.31
N PHE A 558 7.03 -26.69 9.48
CA PHE A 558 5.72 -27.07 10.00
C PHE A 558 5.58 -28.58 10.17
N GLU A 559 6.71 -29.29 10.35
CA GLU A 559 6.64 -30.75 10.48
C GLU A 559 6.14 -31.17 11.86
N GLU A 560 6.42 -30.36 12.89
CA GLU A 560 6.01 -30.70 14.25
C GLU A 560 4.56 -30.38 14.54
N LEU A 561 3.86 -29.69 13.63
CA LEU A 561 2.43 -29.45 13.76
C LEU A 561 1.70 -30.67 13.23
N ARG A 562 1.68 -31.72 14.05
CA ARG A 562 1.13 -33.01 13.62
C ARG A 562 -0.37 -32.91 13.35
N LYS A 563 -1.10 -32.19 14.20
CA LYS A 563 -2.55 -32.09 14.09
C LYS A 563 -3.02 -30.91 13.26
N LEU A 564 -2.08 -30.19 12.62
CA LEU A 564 -2.46 -29.03 11.82
C LEU A 564 -3.33 -29.47 10.64
N GLU A 565 -4.43 -28.74 10.44
CA GLU A 565 -5.35 -29.00 9.34
C GLU A 565 -5.40 -27.89 8.31
N VAL A 566 -5.31 -26.63 8.74
CA VAL A 566 -5.33 -25.48 7.83
C VAL A 566 -4.10 -24.64 8.09
N LEU A 567 -3.38 -24.30 7.02
CA LEU A 567 -2.17 -23.50 7.09
C LEU A 567 -2.31 -22.30 6.16
N ASP A 568 -2.05 -21.11 6.69
CA ASP A 568 -2.13 -19.87 5.92
C ASP A 568 -0.75 -19.22 5.93
N ILE A 569 -0.06 -19.26 4.79
CA ILE A 569 1.25 -18.64 4.66
C ILE A 569 1.19 -17.59 3.56
N SER A 570 0.03 -16.95 3.40
CA SER A 570 -0.19 -15.98 2.35
C SER A 570 0.63 -14.70 2.59
N SER A 571 0.75 -13.91 1.53
CA SER A 571 1.37 -12.58 1.59
C SER A 571 2.78 -12.63 2.18
N ASN A 572 3.53 -13.67 1.83
CA ASN A 572 4.91 -13.83 2.25
C ASN A 572 5.84 -13.68 1.05
N SER A 573 5.52 -12.74 0.16
CA SER A 573 6.17 -12.64 -1.14
C SER A 573 7.62 -12.17 -1.08
N HIS A 574 8.10 -11.72 0.09
CA HIS A 574 9.45 -11.16 0.18
C HIS A 574 10.50 -12.16 -0.29
N TYR A 575 10.62 -13.29 0.40
CA TYR A 575 11.67 -14.25 0.06
C TYR A 575 11.33 -15.07 -1.18
N PHE A 576 10.04 -15.27 -1.46
CA PHE A 576 9.66 -15.99 -2.68
C PHE A 576 9.95 -15.16 -3.93
N GLN A 577 9.99 -13.83 -3.79
CA GLN A 577 10.35 -12.98 -4.92
C GLN A 577 11.82 -13.15 -5.31
N SER A 578 12.67 -13.51 -4.34
CA SER A 578 14.08 -13.73 -4.62
C SER A 578 14.25 -14.90 -5.57
N GLU A 579 15.22 -14.77 -6.48
CA GLU A 579 15.48 -15.78 -7.51
C GLU A 579 16.79 -16.48 -7.23
N GLY A 580 16.77 -17.81 -7.29
CA GLY A 580 17.96 -18.62 -7.12
C GLY A 580 18.06 -19.31 -5.78
N ILE A 581 17.36 -18.82 -4.76
CA ILE A 581 17.35 -19.49 -3.47
C ILE A 581 16.33 -20.61 -3.48
N THR A 582 16.61 -21.67 -2.72
CA THR A 582 15.75 -22.84 -2.73
C THR A 582 14.40 -22.54 -2.11
N HIS A 583 13.35 -23.07 -2.73
CA HIS A 583 11.97 -22.92 -2.27
C HIS A 583 11.35 -24.31 -2.22
N MET A 584 11.47 -24.95 -1.06
CA MET A 584 10.99 -26.33 -0.87
C MET A 584 9.48 -26.30 -0.72
N LEU A 585 8.78 -26.47 -1.85
CA LEU A 585 7.32 -26.52 -1.84
C LEU A 585 6.79 -27.90 -1.47
N ASN A 586 7.66 -28.90 -1.28
CA ASN A 586 7.26 -30.22 -0.84
C ASN A 586 7.24 -30.35 0.68
N PHE A 587 7.09 -29.23 1.39
CA PHE A 587 7.03 -29.23 2.84
C PHE A 587 5.70 -29.78 3.37
N THR A 588 4.71 -29.98 2.51
CA THR A 588 3.40 -30.47 2.94
C THR A 588 3.33 -31.99 3.04
N LYS A 589 4.39 -32.70 2.65
CA LYS A 589 4.37 -34.16 2.73
C LYS A 589 4.30 -34.64 4.17
N ASN A 590 5.02 -33.97 5.08
CA ASN A 590 5.03 -34.37 6.49
C ASN A 590 3.74 -34.02 7.21
N LEU A 591 2.87 -33.21 6.61
CA LEU A 591 1.60 -32.83 7.23
C LEU A 591 0.58 -33.91 6.90
N LYS A 592 0.32 -34.79 7.87
CA LYS A 592 -0.52 -35.96 7.62
C LYS A 592 -2.00 -35.62 7.55
N VAL A 593 -2.46 -34.62 8.31
CA VAL A 593 -3.88 -34.30 8.37
C VAL A 593 -4.17 -32.90 7.86
N LEU A 594 -3.27 -32.32 7.06
CA LEU A 594 -3.53 -31.00 6.49
C LEU A 594 -4.70 -31.08 5.52
N GLN A 595 -5.66 -30.15 5.68
CA GLN A 595 -6.87 -30.13 4.87
C GLN A 595 -6.96 -28.94 3.93
N LYS A 596 -6.50 -27.76 4.36
CA LYS A 596 -6.61 -26.55 3.58
C LYS A 596 -5.30 -25.78 3.68
N LEU A 597 -4.86 -25.18 2.57
CA LEU A 597 -3.59 -24.46 2.51
C LEU A 597 -3.77 -23.19 1.72
N MET A 598 -3.65 -22.04 2.39
CA MET A 598 -3.63 -20.74 1.72
C MET A 598 -2.18 -20.27 1.63
N MET A 599 -1.67 -20.18 0.42
CA MET A 599 -0.31 -19.72 0.17
C MET A 599 -0.28 -18.76 -1.01
N ASN A 600 -1.31 -17.92 -1.10
CA ASN A 600 -1.53 -17.04 -2.23
C ASN A 600 -0.87 -15.67 -2.01
N ASP A 601 -0.82 -14.90 -3.10
CA ASP A 601 -0.18 -13.58 -3.11
C ASP A 601 1.26 -13.66 -2.62
N ASN A 602 1.97 -14.72 -3.04
CA ASN A 602 3.34 -14.95 -2.65
C ASN A 602 4.35 -14.66 -3.74
N ASP A 603 3.89 -14.35 -4.96
CA ASP A 603 4.77 -14.02 -6.08
C ASP A 603 5.81 -15.12 -6.32
N ILE A 604 5.38 -16.37 -6.19
CA ILE A 604 6.28 -17.51 -6.32
C ILE A 604 6.55 -17.77 -7.80
N SER A 605 7.82 -17.68 -8.19
CA SER A 605 8.22 -17.88 -9.57
C SER A 605 9.22 -19.01 -9.78
N SER A 606 9.77 -19.57 -8.71
CA SER A 606 10.74 -20.65 -8.81
C SER A 606 10.52 -21.63 -7.67
N SER A 607 10.97 -22.87 -7.87
CA SER A 607 10.83 -23.91 -6.88
C SER A 607 11.90 -24.96 -7.08
N THR A 608 12.71 -25.20 -6.04
CA THR A 608 13.67 -26.29 -6.09
C THR A 608 12.96 -27.64 -6.16
N SER A 609 11.90 -27.82 -5.37
CA SER A 609 11.14 -29.05 -5.38
C SER A 609 10.33 -29.15 -6.68
N ARG A 610 10.37 -30.32 -7.31
CA ARG A 610 9.66 -30.51 -8.56
C ARG A 610 8.16 -30.68 -8.36
N THR A 611 7.76 -31.31 -7.25
CA THR A 611 6.36 -31.64 -7.03
C THR A 611 5.98 -31.31 -5.58
N MET A 612 4.67 -31.22 -5.35
CA MET A 612 4.11 -31.05 -4.02
C MET A 612 3.39 -32.33 -3.61
N GLU A 613 3.66 -32.79 -2.39
CA GLU A 613 3.15 -34.07 -1.91
C GLU A 613 2.25 -33.86 -0.70
N SER A 614 1.08 -34.48 -0.72
CA SER A 614 0.18 -34.50 0.43
C SER A 614 -0.92 -35.55 0.22
N GLU A 615 -1.11 -36.41 1.21
CA GLU A 615 -2.10 -37.48 1.13
C GLU A 615 -3.43 -37.10 1.78
N SER A 616 -3.55 -35.87 2.29
CA SER A 616 -4.80 -35.43 2.91
C SER A 616 -5.25 -34.04 2.49
N LEU A 617 -4.43 -33.28 1.77
CA LEU A 617 -4.82 -31.95 1.35
C LEU A 617 -5.99 -32.01 0.38
N ARG A 618 -7.03 -31.22 0.64
CA ARG A 618 -8.19 -31.15 -0.22
C ARG A 618 -8.48 -29.76 -0.78
N THR A 619 -7.97 -28.71 -0.15
CA THR A 619 -8.12 -27.34 -0.63
C THR A 619 -6.77 -26.67 -0.69
N LEU A 620 -6.47 -26.03 -1.82
CA LEU A 620 -5.20 -25.35 -2.03
C LEU A 620 -5.45 -24.09 -2.83
N GLU A 621 -5.17 -22.93 -2.24
CA GLU A 621 -5.31 -21.64 -2.90
C GLU A 621 -3.93 -21.16 -3.33
N PHE A 622 -3.76 -20.93 -4.62
CA PHE A 622 -2.48 -20.56 -5.22
C PHE A 622 -2.64 -19.34 -6.11
N ARG A 623 -3.40 -18.35 -5.66
CA ARG A 623 -3.66 -17.18 -6.50
C ARG A 623 -2.64 -16.09 -6.23
N GLY A 624 -2.56 -15.15 -7.17
CA GLY A 624 -1.60 -14.06 -7.06
C GLY A 624 -0.16 -14.49 -7.06
N ASN A 625 0.17 -15.54 -7.82
CA ASN A 625 1.52 -16.07 -7.91
C ASN A 625 1.99 -15.99 -9.36
N HIS A 626 3.13 -16.62 -9.65
CA HIS A 626 3.72 -16.62 -10.98
C HIS A 626 3.91 -18.06 -11.43
N LEU A 627 2.86 -18.65 -12.02
CA LEU A 627 2.97 -19.95 -12.65
C LEU A 627 3.36 -19.87 -14.12
N ASP A 628 3.37 -18.67 -14.71
CA ASP A 628 3.82 -18.53 -16.09
C ASP A 628 5.30 -18.86 -16.24
N VAL A 629 6.14 -18.43 -15.29
CA VAL A 629 7.55 -18.79 -15.30
C VAL A 629 7.73 -20.26 -14.96
N LEU A 630 6.96 -20.75 -13.99
CA LEU A 630 7.04 -22.17 -13.62
C LEU A 630 6.59 -23.06 -14.76
N TRP A 631 5.57 -22.62 -15.51
CA TRP A 631 5.08 -23.35 -16.68
C TRP A 631 5.54 -22.69 -17.98
N ARG A 632 6.78 -22.20 -17.98
CA ARG A 632 7.33 -21.50 -19.14
C ARG A 632 7.48 -22.46 -20.32
N ASP A 633 7.50 -21.90 -21.53
CA ASP A 633 7.65 -22.69 -22.74
C ASP A 633 8.91 -23.52 -22.68
N GLY A 634 8.78 -24.81 -22.98
CA GLY A 634 9.91 -25.73 -22.93
C GLY A 634 10.31 -26.17 -21.54
N ASP A 635 9.64 -25.69 -20.49
CA ASP A 635 9.96 -26.04 -19.12
C ASP A 635 8.92 -27.05 -18.64
N ASN A 636 9.28 -28.33 -18.72
CA ASN A 636 8.42 -29.42 -18.26
C ASN A 636 8.73 -29.87 -16.84
N ARG A 637 9.60 -29.14 -16.14
CA ARG A 637 9.99 -29.53 -14.78
C ARG A 637 8.81 -29.46 -13.83
N TYR A 638 8.03 -28.38 -13.90
CA TYR A 638 6.96 -28.13 -12.95
C TYR A 638 5.57 -28.38 -13.54
N LEU A 639 5.49 -29.15 -14.62
CA LEU A 639 4.18 -29.47 -15.20
C LEU A 639 3.34 -30.29 -14.23
N GLN A 640 3.94 -31.29 -13.61
CA GLN A 640 3.24 -32.13 -12.63
C GLN A 640 3.45 -31.63 -11.21
N LEU A 641 3.18 -30.34 -10.98
CA LEU A 641 3.40 -29.76 -9.67
C LEU A 641 2.32 -30.16 -8.66
N PHE A 642 1.10 -30.40 -9.13
CA PHE A 642 -0.02 -30.74 -8.27
C PHE A 642 -0.50 -32.17 -8.44
N LYS A 643 0.20 -32.99 -9.21
CA LYS A 643 -0.26 -34.36 -9.45
C LYS A 643 -0.27 -35.20 -8.18
N ASN A 644 0.74 -35.05 -7.33
CA ASN A 644 0.89 -35.90 -6.15
C ASN A 644 -0.07 -35.54 -5.02
N LEU A 645 -0.85 -34.46 -5.16
CA LEU A 645 -1.87 -34.12 -4.19
C LEU A 645 -3.09 -34.99 -4.50
N LEU A 646 -3.08 -36.22 -3.97
CA LEU A 646 -4.07 -37.21 -4.36
C LEU A 646 -5.48 -36.80 -3.96
N LYS A 647 -5.64 -36.27 -2.75
CA LYS A 647 -6.97 -35.94 -2.23
C LYS A 647 -7.40 -34.52 -2.57
N LEU A 648 -6.60 -33.78 -3.33
CA LEU A 648 -6.94 -32.39 -3.63
C LEU A 648 -8.26 -32.31 -4.39
N GLU A 649 -9.15 -31.44 -3.91
CA GLU A 649 -10.43 -31.21 -4.55
C GLU A 649 -10.71 -29.74 -4.83
N GLU A 650 -9.83 -28.83 -4.41
CA GLU A 650 -10.04 -27.40 -4.58
C GLU A 650 -8.71 -26.77 -4.97
N LEU A 651 -8.58 -26.41 -6.24
CA LEU A 651 -7.41 -25.69 -6.74
C LEU A 651 -7.82 -24.29 -7.17
N ASP A 652 -7.06 -23.30 -6.75
CA ASP A 652 -7.41 -21.89 -6.89
C ASP A 652 -6.28 -21.13 -7.58
N ILE A 653 -5.80 -21.67 -8.70
CA ILE A 653 -4.74 -21.02 -9.46
C ILE A 653 -5.32 -19.91 -10.32
N SER A 654 -5.44 -18.71 -9.74
CA SER A 654 -6.01 -17.56 -10.39
C SER A 654 -5.08 -16.36 -10.20
N LYS A 655 -5.30 -15.33 -11.00
CA LYS A 655 -4.50 -14.09 -10.93
C LYS A 655 -3.01 -14.39 -11.06
N ASN A 656 -2.67 -15.46 -11.77
CA ASN A 656 -1.30 -15.95 -11.83
C ASN A 656 -0.60 -15.60 -13.14
N SER A 657 -1.14 -14.63 -13.89
CA SER A 657 -0.55 -14.15 -15.13
C SER A 657 -0.38 -15.26 -16.16
N LEU A 658 -1.26 -16.26 -16.14
CA LEU A 658 -1.18 -17.37 -17.09
C LEU A 658 -1.77 -16.94 -18.43
N SER A 659 -0.90 -16.61 -19.37
CA SER A 659 -1.37 -16.26 -20.72
C SER A 659 -1.80 -17.48 -21.51
N PHE A 660 -1.32 -18.67 -21.15
CA PHE A 660 -1.68 -19.90 -21.83
C PHE A 660 -1.25 -21.08 -20.97
N LEU A 661 -2.03 -22.15 -21.00
CA LEU A 661 -1.67 -23.36 -20.26
C LEU A 661 -0.93 -24.32 -21.18
N PRO A 662 0.32 -24.67 -20.88
CA PRO A 662 1.07 -25.63 -21.69
C PRO A 662 0.33 -26.96 -21.76
N SER A 663 0.33 -27.58 -22.94
CA SER A 663 -0.33 -28.86 -23.14
C SER A 663 0.36 -29.95 -22.33
N GLY A 664 -0.33 -30.48 -21.32
CA GLY A 664 0.26 -31.50 -20.48
C GLY A 664 0.06 -31.24 -18.99
N VAL A 665 -0.27 -29.99 -18.65
CA VAL A 665 -0.49 -29.65 -17.25
C VAL A 665 -1.73 -30.36 -16.71
N PHE A 666 -2.76 -30.52 -17.54
CA PHE A 666 -3.95 -31.24 -17.11
C PHE A 666 -3.66 -32.71 -16.88
N ASP A 667 -2.66 -33.27 -17.56
CA ASP A 667 -2.21 -34.62 -17.24
C ASP A 667 -1.52 -34.70 -15.88
N GLY A 668 -0.99 -33.57 -15.39
CA GLY A 668 -0.35 -33.54 -14.09
C GLY A 668 -1.22 -32.92 -13.01
N MET A 669 -2.52 -33.09 -13.13
CA MET A 669 -3.49 -32.58 -12.18
C MET A 669 -3.94 -33.69 -11.24
N PRO A 670 -4.40 -33.34 -10.04
CA PRO A 670 -4.87 -34.37 -9.10
C PRO A 670 -6.03 -35.14 -9.70
N PRO A 671 -6.07 -36.46 -9.48
CA PRO A 671 -7.19 -37.25 -10.03
C PRO A 671 -8.53 -36.87 -9.44
N ASN A 672 -8.56 -36.46 -8.17
CA ASN A 672 -9.81 -36.13 -7.49
C ASN A 672 -10.12 -34.64 -7.52
N LEU A 673 -9.57 -33.90 -8.46
CA LEU A 673 -9.90 -32.48 -8.58
C LEU A 673 -11.37 -32.30 -8.89
N LYS A 674 -12.03 -31.43 -8.13
CA LYS A 674 -13.47 -31.32 -8.15
C LYS A 674 -13.95 -29.94 -8.59
N ASN A 675 -13.39 -28.88 -8.01
CA ASN A 675 -13.69 -27.50 -8.39
C ASN A 675 -12.36 -26.81 -8.70
N LEU A 676 -12.33 -26.06 -9.81
CA LEU A 676 -11.11 -25.39 -10.27
C LEU A 676 -11.41 -23.93 -10.60
N SER A 677 -10.43 -23.07 -10.40
CA SER A 677 -10.57 -21.63 -10.61
C SER A 677 -9.38 -21.11 -11.39
N LEU A 678 -9.66 -20.38 -12.49
CA LEU A 678 -8.63 -19.72 -13.28
C LEU A 678 -9.00 -18.27 -13.56
N ALA A 679 -9.42 -17.54 -12.54
CA ALA A 679 -9.97 -16.21 -12.71
C ALA A 679 -8.86 -15.15 -12.77
N LYS A 680 -9.13 -14.09 -13.54
CA LYS A 680 -8.29 -12.90 -13.59
C LYS A 680 -6.84 -13.25 -13.96
N ASN A 681 -6.69 -14.23 -14.86
CA ASN A 681 -5.35 -14.72 -15.22
C ASN A 681 -4.76 -13.96 -16.40
N GLY A 682 -5.54 -13.76 -17.45
CA GLY A 682 -5.02 -13.21 -18.69
C GLY A 682 -4.92 -14.30 -19.73
N LEU A 683 -5.69 -15.37 -19.52
CA LEU A 683 -5.64 -16.56 -20.35
C LEU A 683 -6.11 -16.26 -21.78
N LYS A 684 -5.18 -16.32 -22.73
CA LYS A 684 -5.50 -15.98 -24.12
C LYS A 684 -6.27 -17.09 -24.82
N SER A 685 -5.91 -18.35 -24.56
CA SER A 685 -6.53 -19.48 -25.24
C SER A 685 -6.56 -20.67 -24.29
N PHE A 686 -7.75 -21.13 -23.95
CA PHE A 686 -7.94 -22.28 -23.07
C PHE A 686 -8.37 -23.45 -23.94
N ILE A 687 -7.51 -24.46 -24.05
CA ILE A 687 -7.84 -25.66 -24.80
C ILE A 687 -8.85 -26.50 -24.03
N TRP A 688 -9.90 -26.95 -24.71
CA TRP A 688 -11.03 -27.60 -24.05
C TRP A 688 -11.01 -29.12 -24.14
N GLU A 689 -10.49 -29.69 -25.23
CA GLU A 689 -10.50 -31.15 -25.35
C GLU A 689 -9.57 -31.83 -24.35
N LYS A 690 -8.71 -31.08 -23.67
CA LYS A 690 -7.89 -31.63 -22.60
C LYS A 690 -8.66 -31.79 -21.29
N LEU A 691 -9.89 -31.26 -21.21
CA LEU A 691 -10.67 -31.38 -19.99
C LEU A 691 -11.15 -32.81 -19.73
N ARG A 692 -11.08 -33.69 -20.74
CA ARG A 692 -11.45 -35.08 -20.54
C ARG A 692 -10.54 -35.78 -19.52
N TYR A 693 -9.31 -35.28 -19.34
CA TYR A 693 -8.40 -35.86 -18.37
C TYR A 693 -8.83 -35.57 -16.93
N LEU A 694 -9.70 -34.59 -16.73
CA LEU A 694 -10.26 -34.29 -15.41
C LEU A 694 -11.66 -34.90 -15.37
N LYS A 695 -11.74 -36.16 -14.93
CA LYS A 695 -12.98 -36.91 -14.90
C LYS A 695 -13.81 -36.65 -13.64
N ASN A 696 -13.51 -35.59 -12.90
CA ASN A 696 -14.28 -35.26 -11.70
C ASN A 696 -14.57 -33.77 -11.60
N LEU A 697 -14.22 -32.97 -12.60
CA LEU A 697 -14.42 -31.53 -12.53
C LEU A 697 -15.88 -31.17 -12.77
N GLU A 698 -16.38 -30.22 -11.97
CA GLU A 698 -17.75 -29.75 -12.11
C GLU A 698 -17.90 -28.23 -12.12
N THR A 699 -16.91 -27.48 -11.66
CA THR A 699 -17.05 -26.04 -11.45
C THR A 699 -15.85 -25.31 -12.05
N LEU A 700 -15.54 -25.60 -13.32
CA LEU A 700 -14.50 -24.86 -14.02
C LEU A 700 -14.83 -23.37 -14.02
N ASP A 701 -13.89 -22.57 -13.54
CA ASP A 701 -14.08 -21.13 -13.36
C ASP A 701 -13.04 -20.40 -14.20
N LEU A 702 -13.51 -19.67 -15.21
CA LEU A 702 -12.65 -18.89 -16.09
C LEU A 702 -13.14 -17.43 -16.16
N SER A 703 -13.61 -16.91 -15.02
CA SER A 703 -14.13 -15.55 -15.00
C SER A 703 -13.00 -14.53 -15.16
N HIS A 704 -13.36 -13.38 -15.74
CA HIS A 704 -12.43 -12.27 -15.92
C HIS A 704 -11.18 -12.68 -16.70
N ASN A 705 -11.38 -13.49 -17.73
CA ASN A 705 -10.31 -13.97 -18.59
C ASN A 705 -10.41 -13.32 -19.96
N GLN A 706 -9.42 -13.62 -20.81
CA GLN A 706 -9.33 -13.05 -22.15
C GLN A 706 -9.51 -14.13 -23.21
N LEU A 707 -10.42 -15.07 -22.97
CA LEU A 707 -10.69 -16.12 -23.94
C LEU A 707 -11.47 -15.55 -25.12
N THR A 708 -11.51 -16.33 -26.21
CA THR A 708 -12.18 -15.92 -27.43
C THR A 708 -13.21 -16.92 -27.94
N THR A 709 -12.93 -18.21 -27.84
CA THR A 709 -13.77 -19.24 -28.46
C THR A 709 -14.26 -20.23 -27.42
N VAL A 710 -15.54 -20.58 -27.52
CA VAL A 710 -16.17 -21.58 -26.67
C VAL A 710 -15.90 -22.97 -27.27
N PRO A 711 -16.00 -24.05 -26.49
CA PRO A 711 -15.72 -25.37 -27.07
C PRO A 711 -16.75 -25.76 -28.13
N GLU A 712 -16.31 -26.59 -29.07
CA GLU A 712 -17.19 -27.04 -30.14
C GLU A 712 -18.36 -27.85 -29.58
N ARG A 713 -18.09 -28.76 -28.65
CA ARG A 713 -19.13 -29.59 -28.04
C ARG A 713 -18.72 -29.87 -26.61
N LEU A 714 -19.45 -29.30 -25.66
CA LEU A 714 -19.14 -29.49 -24.24
C LEU A 714 -19.30 -30.93 -23.79
N SER A 715 -20.20 -31.70 -24.44
CA SER A 715 -20.35 -33.10 -24.07
C SER A 715 -19.09 -33.89 -24.36
N ASN A 716 -18.43 -33.62 -25.48
CA ASN A 716 -17.17 -34.30 -25.81
C ASN A 716 -16.01 -33.81 -24.95
N CYS A 717 -16.18 -32.68 -24.25
CA CYS A 717 -15.11 -32.11 -23.44
C CYS A 717 -15.05 -32.73 -22.05
N SER A 718 -16.13 -32.61 -21.29
CA SER A 718 -16.20 -33.15 -19.94
C SER A 718 -17.55 -33.82 -19.73
N ARG A 719 -17.55 -34.93 -19.00
CA ARG A 719 -18.75 -35.68 -18.70
C ARG A 719 -19.31 -35.38 -17.30
N SER A 720 -18.68 -34.47 -16.57
CA SER A 720 -19.14 -34.15 -15.22
C SER A 720 -19.10 -32.65 -14.93
N LEU A 721 -18.76 -31.81 -15.89
CA LEU A 721 -18.68 -30.38 -15.67
C LEU A 721 -20.09 -29.80 -15.57
N LYS A 722 -20.34 -29.03 -14.51
CA LYS A 722 -21.69 -28.59 -14.20
C LYS A 722 -21.85 -27.10 -13.91
N ASN A 723 -20.79 -26.37 -13.60
CA ASN A 723 -20.91 -25.04 -13.02
C ASN A 723 -19.98 -24.05 -13.73
N LEU A 724 -20.04 -24.02 -15.05
CA LEU A 724 -19.19 -23.13 -15.83
C LEU A 724 -19.38 -21.68 -15.41
N ILE A 725 -18.26 -20.95 -15.30
CA ILE A 725 -18.25 -19.53 -14.95
C ILE A 725 -17.33 -18.84 -15.94
N LEU A 726 -17.91 -18.18 -16.94
CA LEU A 726 -17.15 -17.41 -17.94
C LEU A 726 -17.48 -15.93 -17.86
N LYS A 727 -17.64 -15.41 -16.64
CA LYS A 727 -17.99 -14.01 -16.45
C LYS A 727 -16.86 -13.09 -16.89
N ASN A 728 -17.22 -11.93 -17.44
CA ASN A 728 -16.27 -10.91 -17.87
C ASN A 728 -15.27 -11.45 -18.90
N ASN A 729 -15.72 -12.35 -19.76
CA ASN A 729 -14.89 -12.92 -20.80
C ASN A 729 -15.08 -12.11 -22.09
N GLN A 730 -14.46 -12.55 -23.18
CA GLN A 730 -14.59 -11.91 -24.49
C GLN A 730 -15.07 -12.97 -25.48
N ILE A 731 -16.38 -13.19 -25.51
CA ILE A 731 -17.01 -14.18 -26.37
C ILE A 731 -18.02 -13.47 -27.26
N ARG A 732 -17.92 -13.70 -28.56
CA ARG A 732 -18.78 -13.00 -29.52
C ARG A 732 -19.92 -13.85 -30.07
N SER A 733 -19.76 -15.17 -30.09
CA SER A 733 -20.81 -16.07 -30.57
C SER A 733 -20.48 -17.48 -30.13
N LEU A 734 -21.52 -18.24 -29.79
CA LEU A 734 -21.33 -19.61 -29.34
C LEU A 734 -21.27 -20.57 -30.54
N THR A 735 -20.95 -21.82 -30.26
CA THR A 735 -20.88 -22.85 -31.29
C THR A 735 -22.30 -23.31 -31.65
N LYS A 736 -22.45 -23.80 -32.88
CA LYS A 736 -23.75 -24.27 -33.37
C LYS A 736 -24.30 -25.43 -32.55
N TYR A 737 -23.44 -26.19 -31.87
CA TYR A 737 -23.85 -27.31 -31.03
C TYR A 737 -23.14 -27.24 -29.68
N PHE A 738 -23.20 -26.06 -29.06
CA PHE A 738 -22.51 -25.80 -27.80
C PHE A 738 -22.94 -26.75 -26.69
N LEU A 739 -24.23 -26.72 -26.35
CA LEU A 739 -24.76 -27.55 -25.26
C LEU A 739 -25.43 -28.82 -25.76
N GLN A 740 -24.94 -29.40 -26.85
CA GLN A 740 -25.53 -30.63 -27.38
C GLN A 740 -25.16 -31.81 -26.49
N ASP A 741 -26.19 -32.51 -25.98
CA ASP A 741 -26.08 -33.71 -25.17
C ASP A 741 -25.40 -33.47 -23.82
N ALA A 742 -25.17 -32.23 -23.43
CA ALA A 742 -24.55 -31.93 -22.13
C ALA A 742 -25.64 -31.84 -21.06
N PHE A 743 -26.17 -33.01 -20.71
CA PHE A 743 -27.28 -33.07 -19.76
C PHE A 743 -26.83 -32.77 -18.34
N GLN A 744 -25.60 -33.13 -17.99
CA GLN A 744 -25.14 -33.00 -16.61
C GLN A 744 -24.98 -31.56 -16.18
N LEU A 745 -25.00 -30.60 -17.12
CA LEU A 745 -24.80 -29.20 -16.77
C LEU A 745 -25.94 -28.70 -15.87
N ARG A 746 -25.58 -27.93 -14.86
CA ARG A 746 -26.57 -27.36 -13.94
C ARG A 746 -26.32 -25.89 -13.63
N TYR A 747 -25.29 -25.26 -14.19
CA TYR A 747 -24.96 -23.88 -13.90
C TYR A 747 -24.13 -23.34 -15.06
N LEU A 748 -24.42 -22.10 -15.46
CA LEU A 748 -23.77 -21.50 -16.61
C LEU A 748 -23.69 -19.99 -16.39
N ASP A 749 -22.57 -19.39 -16.79
CA ASP A 749 -22.34 -17.97 -16.58
C ASP A 749 -21.51 -17.41 -17.73
N LEU A 750 -22.13 -16.56 -18.55
CA LEU A 750 -21.43 -15.83 -19.60
C LEU A 750 -21.80 -14.34 -19.54
N SER A 751 -21.90 -13.80 -18.34
CA SER A 751 -22.22 -12.39 -18.18
C SER A 751 -21.05 -11.51 -18.58
N SER A 752 -21.35 -10.29 -19.01
CA SER A 752 -20.36 -9.28 -19.36
C SER A 752 -19.43 -9.78 -20.48
N ASN A 753 -20.03 -10.13 -21.60
CA ASN A 753 -19.29 -10.60 -22.77
C ASN A 753 -19.61 -9.70 -23.97
N LYS A 754 -19.10 -10.09 -25.14
CA LYS A 754 -19.38 -9.40 -26.39
C LYS A 754 -20.27 -10.23 -27.31
N ILE A 755 -21.04 -11.16 -26.75
CA ILE A 755 -21.84 -12.08 -27.55
C ILE A 755 -22.93 -11.30 -28.28
N GLN A 756 -23.28 -11.77 -29.48
CA GLN A 756 -24.23 -11.10 -30.34
C GLN A 756 -25.55 -11.84 -30.49
N MET A 757 -25.52 -13.11 -30.87
CA MET A 757 -26.74 -13.88 -31.09
C MET A 757 -26.57 -15.30 -30.54
N ILE A 758 -27.68 -15.87 -30.08
CA ILE A 758 -27.73 -17.25 -29.60
C ILE A 758 -28.93 -17.92 -30.27
N GLN A 759 -28.70 -19.10 -30.85
CA GLN A 759 -29.73 -19.81 -31.61
C GLN A 759 -30.27 -20.99 -30.80
N LYS A 760 -31.31 -21.62 -31.35
CA LYS A 760 -31.99 -22.72 -30.66
C LYS A 760 -31.15 -23.99 -30.65
N THR A 761 -30.55 -24.34 -31.79
CA THR A 761 -29.88 -25.64 -31.91
C THR A 761 -28.72 -25.77 -30.94
N SER A 762 -28.15 -24.65 -30.50
CA SER A 762 -27.09 -24.67 -29.49
C SER A 762 -27.62 -24.69 -28.07
N PHE A 763 -28.90 -24.32 -27.87
CA PHE A 763 -29.51 -24.26 -26.54
C PHE A 763 -30.83 -25.02 -26.56
N PRO A 764 -30.78 -26.35 -26.65
CA PRO A 764 -32.02 -27.12 -26.65
C PRO A 764 -32.66 -27.13 -25.27
N GLU A 765 -33.99 -27.08 -25.25
CA GLU A 765 -34.71 -27.08 -23.98
C GLU A 765 -34.51 -28.39 -23.22
N ASN A 766 -34.21 -29.49 -23.93
CA ASN A 766 -33.96 -30.77 -23.28
C ASN A 766 -32.84 -30.65 -22.24
N VAL A 767 -31.87 -29.78 -22.48
CA VAL A 767 -30.83 -29.49 -21.50
C VAL A 767 -31.26 -28.35 -20.57
N LEU A 768 -31.92 -27.33 -21.11
CA LEU A 768 -32.25 -26.14 -20.34
C LEU A 768 -33.27 -26.40 -19.24
N ASN A 769 -34.00 -27.51 -19.29
CA ASN A 769 -34.99 -27.78 -18.25
C ASN A 769 -34.33 -27.96 -16.88
N ASN A 770 -33.08 -28.41 -16.85
CA ASN A 770 -32.41 -28.70 -15.60
C ASN A 770 -31.44 -27.61 -15.15
N LEU A 771 -31.20 -26.59 -15.98
CA LEU A 771 -30.28 -25.53 -15.61
C LEU A 771 -30.82 -24.71 -14.46
N LYS A 772 -30.17 -24.80 -13.30
CA LYS A 772 -30.62 -24.06 -12.12
C LYS A 772 -30.35 -22.57 -12.26
N MET A 773 -29.28 -22.19 -12.95
CA MET A 773 -28.88 -20.79 -13.00
C MET A 773 -28.23 -20.52 -14.35
N LEU A 774 -28.39 -19.29 -14.83
CA LEU A 774 -27.85 -18.90 -16.13
C LEU A 774 -27.78 -17.38 -16.19
N LEU A 775 -26.62 -16.85 -16.57
CA LEU A 775 -26.39 -15.40 -16.64
C LEU A 775 -25.97 -15.01 -18.05
N LEU A 776 -26.69 -14.07 -18.64
CA LEU A 776 -26.36 -13.54 -19.96
C LEU A 776 -26.60 -12.03 -20.00
N HIS A 777 -26.28 -11.33 -18.93
CA HIS A 777 -26.49 -9.89 -18.85
C HIS A 777 -25.19 -9.14 -19.07
N HIS A 778 -25.34 -7.82 -19.31
CA HIS A 778 -24.21 -6.93 -19.56
C HIS A 778 -23.39 -7.34 -20.79
N ASN A 779 -24.05 -7.96 -21.77
CA ASN A 779 -23.42 -8.37 -23.00
C ASN A 779 -23.93 -7.53 -24.16
N ARG A 780 -23.55 -7.93 -25.39
CA ARG A 780 -23.76 -7.08 -26.55
C ARG A 780 -24.76 -7.67 -27.54
N PHE A 781 -25.87 -8.21 -27.05
CA PHE A 781 -26.91 -8.71 -27.95
C PHE A 781 -27.42 -7.59 -28.85
N LEU A 782 -27.44 -7.86 -30.15
CA LEU A 782 -28.12 -6.98 -31.11
C LEU A 782 -29.48 -7.59 -31.41
N CYS A 783 -30.54 -6.82 -31.16
CA CYS A 783 -31.90 -7.36 -31.18
C CYS A 783 -32.56 -7.08 -32.53
N THR A 784 -32.04 -7.75 -33.56
CA THR A 784 -32.60 -7.68 -34.89
C THR A 784 -33.62 -8.79 -35.09
N CYS A 785 -34.05 -8.97 -36.34
CA CYS A 785 -35.03 -9.99 -36.68
C CYS A 785 -34.42 -11.38 -36.84
N ASP A 786 -33.09 -11.49 -36.80
CA ASP A 786 -32.42 -12.78 -36.93
C ASP A 786 -32.55 -13.65 -35.69
N ALA A 787 -33.12 -13.12 -34.61
CA ALA A 787 -33.20 -13.85 -33.34
C ALA A 787 -34.65 -14.05 -32.91
N VAL A 788 -35.49 -14.52 -33.84
CA VAL A 788 -36.91 -14.75 -33.52
C VAL A 788 -37.04 -15.78 -32.42
N TRP A 789 -36.29 -16.88 -32.51
CA TRP A 789 -36.36 -17.90 -31.47
C TRP A 789 -35.84 -17.36 -30.15
N PHE A 790 -34.77 -16.56 -30.19
CA PHE A 790 -34.26 -15.97 -28.95
C PHE A 790 -35.31 -15.09 -28.29
N VAL A 791 -35.99 -14.26 -29.09
CA VAL A 791 -37.03 -13.39 -28.56
C VAL A 791 -38.16 -14.21 -27.96
N TRP A 792 -38.60 -15.25 -28.66
CA TRP A 792 -39.71 -16.07 -28.17
C TRP A 792 -39.32 -16.81 -26.89
N TRP A 793 -38.11 -17.35 -26.85
CA TRP A 793 -37.71 -18.22 -25.73
C TRP A 793 -37.40 -17.40 -24.48
N VAL A 794 -36.74 -16.26 -24.63
CA VAL A 794 -36.30 -15.50 -23.45
C VAL A 794 -37.49 -15.03 -22.63
N GLN A 795 -38.64 -14.82 -23.26
CA GLN A 795 -39.82 -14.31 -22.58
C GLN A 795 -40.91 -15.36 -22.41
N HIS A 796 -40.60 -16.63 -22.68
CA HIS A 796 -41.61 -17.68 -22.53
C HIS A 796 -41.06 -18.94 -21.86
N THR A 797 -39.81 -18.96 -21.44
CA THR A 797 -39.26 -20.07 -20.69
C THR A 797 -39.15 -19.71 -19.22
N GLU A 798 -38.90 -20.73 -18.40
CA GLU A 798 -38.75 -20.54 -16.95
C GLU A 798 -37.30 -20.76 -16.51
N VAL A 799 -36.35 -20.62 -17.44
CA VAL A 799 -34.94 -20.71 -17.09
C VAL A 799 -34.53 -19.43 -16.37
N THR A 800 -33.92 -19.58 -15.20
CA THR A 800 -33.60 -18.44 -14.36
C THR A 800 -32.54 -17.56 -15.02
N ILE A 801 -32.92 -16.35 -15.37
CA ILE A 801 -31.99 -15.36 -15.94
C ILE A 801 -32.15 -14.07 -15.16
N PRO A 802 -31.15 -13.66 -14.37
CA PRO A 802 -31.30 -12.45 -13.54
C PRO A 802 -31.20 -11.18 -14.37
N TYR A 803 -31.82 -10.13 -13.84
CA TYR A 803 -31.78 -8.80 -14.44
C TYR A 803 -32.24 -8.83 -15.89
N LEU A 804 -33.31 -9.59 -16.14
CA LEU A 804 -33.80 -9.83 -17.49
C LEU A 804 -34.46 -8.61 -18.12
N ALA A 805 -34.70 -7.54 -17.37
CA ALA A 805 -35.37 -6.36 -17.90
C ALA A 805 -34.58 -5.07 -17.76
N THR A 806 -33.46 -5.09 -17.06
CA THR A 806 -32.69 -3.87 -16.81
C THR A 806 -31.27 -3.92 -17.35
N ASP A 807 -30.51 -4.98 -17.05
CA ASP A 807 -29.10 -5.02 -17.41
C ASP A 807 -28.82 -5.69 -18.75
N VAL A 808 -29.59 -6.70 -19.13
CA VAL A 808 -29.43 -7.36 -20.43
C VAL A 808 -30.26 -6.54 -21.43
N THR A 809 -29.57 -5.70 -22.19
CA THR A 809 -30.19 -4.78 -23.14
C THR A 809 -29.86 -5.20 -24.56
N CYS A 810 -30.33 -4.40 -25.52
CA CYS A 810 -30.13 -4.64 -26.94
C CYS A 810 -29.27 -3.52 -27.52
N VAL A 811 -28.31 -3.89 -28.36
CA VAL A 811 -27.42 -2.89 -28.97
C VAL A 811 -28.02 -2.29 -30.23
N GLY A 812 -28.90 -3.01 -30.93
CA GLY A 812 -29.49 -2.53 -32.15
C GLY A 812 -30.76 -3.26 -32.51
N PRO A 813 -31.29 -2.99 -33.71
CA PRO A 813 -30.74 -2.01 -34.65
C PRO A 813 -31.38 -0.63 -34.56
N GLY A 814 -30.57 0.39 -34.30
CA GLY A 814 -31.06 1.76 -34.29
C GLY A 814 -32.04 2.07 -33.16
N ALA A 815 -33.32 2.22 -33.51
CA ALA A 815 -34.33 2.60 -32.54
C ALA A 815 -34.50 1.56 -31.44
N HIS A 816 -34.04 0.33 -31.65
CA HIS A 816 -34.14 -0.73 -30.65
C HIS A 816 -32.92 -0.78 -29.74
N LYS A 817 -32.23 0.35 -29.58
CA LYS A 817 -31.09 0.42 -28.68
C LYS A 817 -31.56 0.56 -27.24
N GLY A 818 -30.98 -0.24 -26.35
CA GLY A 818 -31.38 -0.23 -24.96
C GLY A 818 -32.66 -0.97 -24.66
N GLN A 819 -33.24 -1.66 -25.64
CA GLN A 819 -34.46 -2.41 -25.42
C GLN A 819 -34.22 -3.59 -24.51
N SER A 820 -35.21 -3.90 -23.67
CA SER A 820 -35.15 -5.07 -22.82
C SER A 820 -35.40 -6.33 -23.65
N VAL A 821 -34.66 -7.39 -23.31
CA VAL A 821 -34.79 -8.64 -24.06
C VAL A 821 -36.18 -9.25 -23.89
N ILE A 822 -36.87 -8.97 -22.78
CA ILE A 822 -38.23 -9.46 -22.58
C ILE A 822 -39.27 -8.50 -23.14
N SER A 823 -38.90 -7.27 -23.44
CA SER A 823 -39.81 -6.30 -24.02
C SER A 823 -39.85 -6.36 -25.54
N LEU A 824 -39.14 -7.31 -26.13
CA LEU A 824 -39.09 -7.47 -27.59
C LEU A 824 -40.41 -8.05 -28.12
N LYS B 28 24.60 18.44 -39.29
CA LYS B 28 25.26 17.16 -39.02
C LYS B 28 24.22 16.13 -38.56
N THR B 29 24.11 15.04 -39.31
CA THR B 29 23.09 14.03 -39.06
C THR B 29 23.54 12.94 -38.09
N LEU B 30 24.56 13.21 -37.28
CA LEU B 30 25.00 12.24 -36.29
C LEU B 30 23.94 12.09 -35.21
N PRO B 31 23.48 10.88 -34.91
CA PRO B 31 22.41 10.71 -33.91
C PRO B 31 22.94 10.70 -32.49
N CYS B 32 24.18 11.14 -32.29
CA CYS B 32 24.83 11.11 -30.99
C CYS B 32 25.30 12.52 -30.63
N ASP B 33 25.20 12.85 -29.35
CA ASP B 33 25.54 14.19 -28.88
C ASP B 33 27.04 14.44 -28.98
N VAL B 34 27.40 15.71 -29.12
CA VAL B 34 28.78 16.15 -29.26
C VAL B 34 29.05 17.25 -28.24
N THR B 35 30.17 17.12 -27.53
CA THR B 35 30.61 18.11 -26.55
C THR B 35 32.02 18.56 -26.89
N LEU B 36 32.25 19.87 -26.81
CA LEU B 36 33.55 20.45 -27.17
C LEU B 36 34.12 21.16 -25.96
N ASP B 37 35.34 20.78 -25.58
CA ASP B 37 36.13 21.46 -24.55
C ASP B 37 37.50 21.74 -25.16
N VAL B 38 37.67 22.93 -25.74
CA VAL B 38 38.90 23.25 -26.45
C VAL B 38 40.08 23.32 -25.51
N SER B 39 39.88 23.84 -24.29
CA SER B 39 40.97 23.90 -23.32
C SER B 39 41.43 22.50 -22.92
N LYS B 40 40.48 21.60 -22.68
CA LYS B 40 40.81 20.22 -22.34
C LYS B 40 41.22 19.40 -23.55
N ASN B 41 40.88 19.85 -24.76
CA ASN B 41 41.12 19.12 -26.01
C ASN B 41 40.40 17.78 -26.01
N HIS B 42 39.15 17.76 -25.55
CA HIS B 42 38.28 16.60 -25.66
C HIS B 42 37.07 16.93 -26.54
N VAL B 43 36.78 16.04 -27.48
CA VAL B 43 35.53 16.06 -28.22
C VAL B 43 34.81 14.76 -27.92
N ILE B 44 33.65 14.86 -27.26
CA ILE B 44 32.98 13.71 -26.67
C ILE B 44 31.74 13.41 -27.52
N VAL B 45 31.69 12.21 -28.08
CA VAL B 45 30.51 11.71 -28.77
C VAL B 45 29.98 10.51 -27.99
N ASP B 46 28.70 10.55 -27.63
CA ASP B 46 28.08 9.53 -26.80
C ASP B 46 26.82 9.02 -27.47
N CYS B 47 26.71 7.71 -27.62
CA CYS B 47 25.57 7.06 -28.23
C CYS B 47 24.85 6.15 -27.24
N THR B 48 24.61 6.66 -26.03
CA THR B 48 24.05 5.86 -24.96
C THR B 48 22.60 5.48 -25.26
N ASP B 49 22.32 4.17 -25.22
CA ASP B 49 20.97 3.63 -25.33
C ASP B 49 20.26 4.13 -26.59
N LYS B 50 20.98 4.12 -27.71
CA LYS B 50 20.46 4.60 -28.98
C LYS B 50 20.18 3.50 -29.98
N HIS B 51 20.42 2.23 -29.63
CA HIS B 51 20.01 1.07 -30.44
C HIS B 51 20.59 1.09 -31.84
N LEU B 52 21.85 1.48 -31.99
CA LEU B 52 22.49 1.43 -33.30
C LEU B 52 22.85 -0.01 -33.67
N THR B 53 22.79 -0.29 -34.97
CA THR B 53 23.23 -1.57 -35.52
C THR B 53 24.66 -1.52 -36.04
N GLU B 54 25.24 -0.33 -36.20
CA GLU B 54 26.60 -0.19 -36.69
C GLU B 54 27.11 1.20 -36.32
N ILE B 55 28.43 1.31 -36.18
CA ILE B 55 29.07 2.59 -35.88
C ILE B 55 28.80 3.55 -37.04
N PRO B 56 28.25 4.73 -36.78
CA PRO B 56 27.86 5.62 -37.87
C PRO B 56 29.08 6.23 -38.56
N GLY B 57 28.89 6.55 -39.84
CA GLY B 57 29.91 7.28 -40.58
C GLY B 57 29.87 8.76 -40.28
N GLY B 58 30.98 9.43 -40.62
CA GLY B 58 31.08 10.85 -40.39
C GLY B 58 31.47 11.26 -38.99
N ILE B 59 31.90 10.32 -38.15
CA ILE B 59 32.36 10.67 -36.80
C ILE B 59 33.59 11.58 -36.91
N PRO B 60 33.64 12.70 -36.19
CA PRO B 60 34.80 13.60 -36.31
C PRO B 60 36.09 12.90 -35.93
N THR B 61 37.15 13.22 -36.68
CA THR B 61 38.45 12.62 -36.43
C THR B 61 39.08 13.10 -35.13
N ASN B 62 38.69 14.29 -34.66
CA ASN B 62 39.27 14.87 -33.46
C ASN B 62 38.52 14.49 -32.19
N THR B 63 37.64 13.48 -32.25
CA THR B 63 36.90 13.06 -31.08
C THR B 63 37.83 12.41 -30.06
N THR B 64 37.44 12.49 -28.79
CA THR B 64 38.23 11.94 -27.69
C THR B 64 37.52 10.84 -26.92
N ASN B 65 36.25 11.02 -26.58
CA ASN B 65 35.49 10.02 -25.84
C ASN B 65 34.38 9.49 -26.73
N LEU B 66 34.33 8.16 -26.89
CA LEU B 66 33.31 7.50 -27.69
C LEU B 66 32.54 6.53 -26.79
N THR B 67 31.22 6.65 -26.80
CA THR B 67 30.35 5.83 -25.96
C THR B 67 29.48 4.96 -26.87
N LEU B 68 29.52 3.65 -26.64
CA LEU B 68 28.75 2.66 -27.38
C LEU B 68 28.09 1.68 -26.42
N THR B 69 27.39 2.22 -25.43
CA THR B 69 26.69 1.41 -24.43
C THR B 69 25.47 0.78 -25.10
N ILE B 70 24.57 0.22 -24.28
CA ILE B 70 23.61 -0.80 -24.70
C ILE B 70 23.00 -0.49 -26.06
N ASN B 71 23.17 -1.42 -26.99
CA ASN B 71 22.81 -1.26 -28.41
C ASN B 71 22.65 -2.66 -28.99
N HIS B 72 22.66 -2.75 -30.32
CA HIS B 72 22.60 -4.03 -31.03
C HIS B 72 23.78 -4.15 -32.01
N ILE B 73 24.96 -3.79 -31.54
CA ILE B 73 26.17 -3.88 -32.39
C ILE B 73 26.57 -5.34 -32.55
N PRO B 74 26.70 -5.86 -33.78
CA PRO B 74 27.02 -7.29 -33.93
C PRO B 74 28.46 -7.62 -33.60
N ASP B 75 29.41 -6.83 -34.06
CA ASP B 75 30.83 -7.18 -33.92
C ASP B 75 31.67 -5.92 -34.12
N ILE B 76 32.99 -6.09 -34.02
CA ILE B 76 33.95 -5.03 -34.23
C ILE B 76 34.86 -5.42 -35.38
N SER B 77 35.43 -4.40 -36.02
CA SER B 77 36.32 -4.60 -37.17
C SER B 77 37.42 -3.55 -37.10
N PRO B 78 38.57 -3.80 -37.72
CA PRO B 78 39.60 -2.75 -37.80
C PRO B 78 39.13 -1.48 -38.47
N ALA B 79 38.12 -1.57 -39.34
CA ALA B 79 37.56 -0.39 -39.99
C ALA B 79 36.62 0.40 -39.08
N SER B 80 36.23 -0.15 -37.93
CA SER B 80 35.37 0.58 -37.01
C SER B 80 36.08 1.83 -36.47
N PHE B 81 37.37 1.69 -36.14
CA PHE B 81 38.19 2.79 -35.66
C PHE B 81 39.34 3.06 -36.62
N HIS B 82 39.04 3.04 -37.92
CA HIS B 82 40.09 3.13 -38.95
C HIS B 82 40.81 4.47 -38.90
N ARG B 83 40.09 5.56 -39.17
CA ARG B 83 40.71 6.87 -39.30
C ARG B 83 40.73 7.66 -38.01
N LEU B 84 40.19 7.12 -36.91
CA LEU B 84 40.11 7.84 -35.65
C LEU B 84 41.38 7.55 -34.85
N VAL B 85 42.36 8.45 -34.98
CA VAL B 85 43.63 8.28 -34.29
C VAL B 85 43.74 9.09 -33.02
N HIS B 86 42.93 10.14 -32.86
CA HIS B 86 42.93 10.96 -31.65
C HIS B 86 41.99 10.45 -30.58
N LEU B 87 41.58 9.18 -30.66
CA LEU B 87 40.65 8.62 -29.69
C LEU B 87 41.39 8.27 -28.40
N VAL B 88 40.85 8.75 -27.28
CA VAL B 88 41.42 8.46 -25.97
C VAL B 88 40.49 7.61 -25.12
N GLU B 89 39.18 7.65 -25.35
CA GLU B 89 38.20 6.89 -24.59
C GLU B 89 37.22 6.23 -25.53
N ILE B 90 37.02 4.92 -25.36
CA ILE B 90 35.96 4.19 -26.04
C ILE B 90 35.19 3.39 -25.00
N ASP B 91 33.87 3.48 -25.05
CA ASP B 91 32.99 2.85 -24.06
C ASP B 91 32.09 1.87 -24.80
N PHE B 92 32.15 0.59 -24.43
CA PHE B 92 31.38 -0.43 -25.13
C PHE B 92 30.80 -1.42 -24.13
N ARG B 93 29.95 -0.92 -23.24
CA ARG B 93 29.39 -1.71 -22.14
C ARG B 93 28.02 -2.27 -22.50
N CYS B 94 27.84 -3.58 -22.23
CA CYS B 94 26.53 -4.23 -22.20
C CYS B 94 25.78 -4.12 -23.53
N ASN B 95 26.46 -4.46 -24.62
CA ASN B 95 25.79 -4.49 -25.91
C ASN B 95 25.30 -5.88 -26.31
N CYS B 96 25.61 -6.91 -25.53
CA CYS B 96 25.07 -8.25 -25.77
C CYS B 96 24.68 -8.93 -24.47
N PRO B 109 21.62 -12.28 -30.96
CA PRO B 109 21.64 -13.67 -31.41
C PRO B 109 22.76 -14.49 -30.75
N ARG B 110 23.92 -13.88 -30.60
CA ARG B 110 25.07 -14.54 -29.98
C ARG B 110 25.98 -13.47 -29.37
N ARG B 111 27.16 -13.88 -28.95
CA ARG B 111 28.08 -13.00 -28.26
C ARG B 111 28.75 -12.03 -29.23
N LEU B 112 29.56 -11.14 -28.69
CA LEU B 112 30.33 -10.20 -29.49
C LEU B 112 31.58 -10.89 -30.04
N GLN B 113 31.93 -10.52 -31.28
CA GLN B 113 33.14 -11.01 -31.94
C GLN B 113 34.03 -9.84 -32.27
N ILE B 114 35.31 -9.93 -31.91
CA ILE B 114 36.28 -8.88 -32.14
C ILE B 114 37.37 -9.43 -33.05
N LYS B 115 37.58 -8.77 -34.19
CA LYS B 115 38.58 -9.23 -35.15
C LYS B 115 39.99 -8.92 -34.65
N PRO B 116 40.98 -9.68 -35.10
CA PRO B 116 42.37 -9.34 -34.76
C PRO B 116 42.74 -7.95 -35.26
N ARG B 117 43.63 -7.29 -34.51
CA ARG B 117 44.11 -5.95 -34.83
C ARG B 117 42.95 -4.95 -34.93
N SER B 118 41.99 -5.08 -34.01
CA SER B 118 40.85 -4.17 -33.96
C SER B 118 41.14 -2.89 -33.18
N PHE B 119 42.25 -2.84 -32.43
CA PHE B 119 42.59 -1.67 -31.65
C PHE B 119 44.05 -1.26 -31.76
N SER B 120 44.84 -1.95 -32.58
CA SER B 120 46.26 -1.62 -32.70
C SER B 120 46.47 -0.26 -33.34
N GLY B 121 45.53 0.21 -34.15
CA GLY B 121 45.63 1.52 -34.76
C GLY B 121 45.26 2.68 -33.85
N LEU B 122 44.84 2.40 -32.62
CA LEU B 122 44.49 3.44 -31.65
C LEU B 122 45.72 3.73 -30.80
N THR B 123 46.65 4.50 -31.38
CA THR B 123 47.89 4.83 -30.68
C THR B 123 47.63 5.66 -29.43
N TYR B 124 46.69 6.61 -29.49
CA TYR B 124 46.40 7.49 -28.37
C TYR B 124 45.31 6.94 -27.46
N LEU B 125 44.90 5.69 -27.66
CA LEU B 125 43.92 5.08 -26.77
C LEU B 125 44.46 4.99 -25.35
N LYS B 126 43.61 5.31 -24.37
CA LYS B 126 44.03 5.31 -22.98
C LYS B 126 43.10 4.53 -22.05
N SER B 127 41.83 4.39 -22.40
CA SER B 127 40.91 3.62 -21.57
C SER B 127 39.94 2.86 -22.48
N LEU B 128 39.38 1.79 -21.94
CA LEU B 128 38.57 0.88 -22.75
C LEU B 128 37.64 0.11 -21.85
N TYR B 129 36.36 0.05 -22.22
CA TYR B 129 35.33 -0.67 -21.48
C TYR B 129 34.66 -1.68 -22.41
N LEU B 130 34.65 -2.95 -22.01
CA LEU B 130 33.92 -4.01 -22.71
C LEU B 130 33.07 -4.81 -21.74
N ASP B 131 32.36 -4.12 -20.85
CA ASP B 131 31.55 -4.79 -19.84
C ASP B 131 30.29 -5.40 -20.47
N GLY B 132 29.94 -6.59 -20.03
CA GLY B 132 28.71 -7.24 -20.47
C GLY B 132 28.65 -7.55 -21.96
N ASN B 133 29.73 -8.07 -22.54
CA ASN B 133 29.76 -8.41 -23.95
C ASN B 133 29.93 -9.90 -24.18
N GLN B 134 29.85 -10.72 -23.13
CA GLN B 134 29.91 -12.18 -23.23
C GLN B 134 31.20 -12.66 -23.89
N LEU B 135 32.31 -11.95 -23.65
CA LEU B 135 33.59 -12.37 -24.19
C LEU B 135 34.15 -13.53 -23.38
N LEU B 136 34.67 -14.54 -24.09
CA LEU B 136 35.26 -15.71 -23.43
C LEU B 136 36.73 -15.51 -23.08
N GLU B 137 37.46 -14.73 -23.87
CA GLU B 137 38.88 -14.47 -23.61
C GLU B 137 39.16 -12.99 -23.82
N ILE B 138 40.23 -12.52 -23.19
CA ILE B 138 40.60 -11.11 -23.28
C ILE B 138 41.00 -10.79 -24.71
N PRO B 139 40.47 -9.73 -25.32
CA PRO B 139 40.86 -9.39 -26.70
C PRO B 139 42.33 -9.06 -26.80
N GLN B 140 42.92 -9.42 -27.93
CA GLN B 140 44.34 -9.20 -28.18
C GLN B 140 44.53 -8.07 -29.18
N GLY B 141 45.77 -7.59 -29.27
CA GLY B 141 46.10 -6.49 -30.14
C GLY B 141 45.86 -5.11 -29.56
N LEU B 142 45.55 -5.01 -28.27
CA LEU B 142 45.35 -3.72 -27.64
C LEU B 142 46.65 -2.92 -27.63
N PRO B 143 46.57 -1.60 -27.82
CA PRO B 143 47.78 -0.78 -27.83
C PRO B 143 48.45 -0.79 -26.48
N PRO B 144 49.80 -0.73 -26.45
CA PRO B 144 50.50 -0.61 -25.17
C PRO B 144 50.06 0.58 -24.33
N SER B 145 49.58 1.66 -24.95
CA SER B 145 49.24 2.87 -24.23
C SER B 145 47.97 2.77 -23.41
N LEU B 146 47.33 1.59 -23.35
CA LEU B 146 46.10 1.43 -22.59
C LEU B 146 46.36 1.60 -21.11
N GLN B 147 45.51 2.37 -20.43
CA GLN B 147 45.58 2.59 -18.99
C GLN B 147 44.49 1.89 -18.21
N LEU B 148 43.28 1.82 -18.75
CA LEU B 148 42.15 1.18 -18.08
C LEU B 148 41.56 0.12 -19.00
N LEU B 149 41.13 -0.99 -18.39
CA LEU B 149 40.51 -2.08 -19.13
C LEU B 149 39.48 -2.73 -18.22
N SER B 150 38.21 -2.61 -18.58
CA SER B 150 37.11 -3.19 -17.84
C SER B 150 36.49 -4.31 -18.65
N LEU B 151 36.46 -5.52 -18.08
CA LEU B 151 35.94 -6.70 -18.74
C LEU B 151 34.89 -7.37 -17.87
N GLU B 152 34.08 -6.58 -17.17
CA GLU B 152 33.10 -7.11 -16.24
C GLU B 152 31.92 -7.72 -16.99
N ALA B 153 31.19 -8.57 -16.27
CA ALA B 153 29.97 -9.23 -16.78
C ALA B 153 30.24 -10.04 -18.05
N ASN B 154 31.47 -10.51 -18.24
CA ASN B 154 31.84 -11.31 -19.39
C ASN B 154 31.97 -12.78 -18.99
N ASN B 155 32.37 -13.60 -19.95
CA ASN B 155 32.54 -15.04 -19.74
C ASN B 155 34.01 -15.43 -19.70
N ILE B 156 34.86 -14.56 -19.17
CA ILE B 156 36.30 -14.82 -19.08
C ILE B 156 36.57 -15.43 -17.71
N PHE B 157 36.82 -16.75 -17.69
CA PHE B 157 37.08 -17.48 -16.46
C PHE B 157 38.45 -18.15 -16.46
N SER B 158 39.34 -17.71 -17.34
CA SER B 158 40.70 -18.26 -17.41
C SER B 158 41.66 -17.15 -17.77
N ILE B 159 42.71 -16.99 -16.98
CA ILE B 159 43.68 -15.92 -17.13
C ILE B 159 45.07 -16.54 -17.29
N ARG B 160 45.79 -16.14 -18.34
CA ARG B 160 47.12 -16.64 -18.61
C ARG B 160 48.07 -15.47 -18.85
N LYS B 161 49.37 -15.74 -18.65
CA LYS B 161 50.38 -14.70 -18.80
C LYS B 161 50.51 -14.26 -20.25
N GLU B 162 50.33 -15.19 -21.20
CA GLU B 162 50.52 -14.87 -22.61
C GLU B 162 49.53 -13.81 -23.09
N GLN B 163 48.27 -13.89 -22.66
CA GLN B 163 47.28 -12.90 -23.07
C GLN B 163 47.38 -11.59 -22.30
N LEU B 164 48.11 -11.57 -21.18
CA LEU B 164 48.39 -10.33 -20.47
C LEU B 164 49.75 -9.74 -20.83
N THR B 165 50.52 -10.41 -21.69
CA THR B 165 51.82 -9.87 -22.11
C THR B 165 51.67 -8.52 -22.79
N GLU B 166 50.56 -8.31 -23.52
CA GLU B 166 50.34 -7.05 -24.20
C GLU B 166 49.95 -5.92 -23.25
N LEU B 167 49.55 -6.24 -22.02
CA LEU B 167 49.07 -5.26 -21.05
C LEU B 167 50.15 -4.88 -20.05
N ALA B 168 51.40 -4.79 -20.49
CA ALA B 168 52.50 -4.45 -19.58
C ALA B 168 52.40 -3.04 -19.02
N ASN B 169 51.60 -2.16 -19.64
CA ASN B 169 51.45 -0.79 -19.18
C ASN B 169 50.06 -0.50 -18.63
N ILE B 170 49.29 -1.53 -18.27
CA ILE B 170 47.95 -1.31 -17.76
C ILE B 170 48.01 -0.73 -16.34
N GLU B 171 47.05 0.13 -16.03
CA GLU B 171 46.96 0.75 -14.71
C GLU B 171 45.75 0.26 -13.91
N ILE B 172 44.59 0.14 -14.54
CA ILE B 172 43.37 -0.31 -13.88
C ILE B 172 42.80 -1.48 -14.68
N LEU B 173 42.46 -2.56 -13.98
CA LEU B 173 41.94 -3.77 -14.62
C LEU B 173 40.69 -4.20 -13.87
N TYR B 174 39.55 -4.24 -14.57
CA TYR B 174 38.27 -4.66 -14.00
C TYR B 174 37.87 -5.98 -14.65
N LEU B 175 38.19 -7.09 -13.98
CA LEU B 175 37.84 -8.42 -14.46
C LEU B 175 36.75 -9.07 -13.61
N GLY B 176 35.88 -8.27 -13.01
CA GLY B 176 34.88 -8.80 -12.10
C GLY B 176 33.64 -9.32 -12.80
N GLN B 177 32.75 -9.90 -11.98
CA GLN B 177 31.43 -10.36 -12.42
C GLN B 177 31.53 -11.34 -13.58
N ASN B 178 32.55 -12.19 -13.56
CA ASN B 178 32.75 -13.17 -14.62
C ASN B 178 32.13 -14.53 -14.33
N CYS B 179 31.92 -14.87 -13.06
CA CYS B 179 31.31 -16.15 -12.71
C CYS B 179 30.62 -16.00 -11.36
N TYR B 180 29.30 -15.80 -11.39
CA TYR B 180 28.48 -15.77 -10.18
C TYR B 180 27.05 -16.10 -10.59
N TYR B 181 26.11 -15.92 -9.66
CA TYR B 181 24.78 -16.49 -9.84
C TYR B 181 24.00 -15.81 -10.97
N ARG B 182 24.22 -14.53 -11.21
CA ARG B 182 23.54 -13.89 -12.34
C ARG B 182 24.16 -14.24 -13.67
N ASN B 183 25.47 -14.54 -13.71
CA ASN B 183 26.14 -14.90 -14.95
C ASN B 183 27.09 -16.06 -14.64
N PRO B 184 26.59 -17.29 -14.69
CA PRO B 184 27.39 -18.44 -14.26
C PRO B 184 28.34 -18.94 -15.34
N CYS B 185 29.40 -19.61 -14.87
CA CYS B 185 30.34 -20.30 -15.75
C CYS B 185 30.59 -21.74 -15.33
N TYR B 186 30.11 -22.17 -14.16
CA TYR B 186 30.05 -23.55 -13.71
C TYR B 186 31.42 -24.14 -13.40
N VAL B 187 32.50 -23.35 -13.47
CA VAL B 187 33.84 -23.83 -13.13
C VAL B 187 34.53 -22.79 -12.26
N SER B 188 35.56 -23.24 -11.55
CA SER B 188 36.32 -22.35 -10.69
C SER B 188 37.19 -21.41 -11.53
N TYR B 189 37.40 -20.20 -11.00
CA TYR B 189 38.22 -19.22 -11.68
C TYR B 189 39.68 -19.63 -11.63
N SER B 190 40.28 -19.85 -12.80
CA SER B 190 41.64 -20.37 -12.89
C SER B 190 42.58 -19.27 -13.38
N ILE B 191 43.71 -19.13 -12.69
CA ILE B 191 44.74 -18.15 -13.04
C ILE B 191 46.09 -18.87 -12.99
N GLU B 192 46.86 -18.76 -14.06
CA GLU B 192 48.19 -19.35 -14.08
C GLU B 192 49.13 -18.58 -13.17
N LYS B 193 50.19 -19.26 -12.75
CA LYS B 193 51.13 -18.69 -11.78
C LYS B 193 51.78 -17.43 -12.33
N ASP B 194 51.80 -16.38 -11.51
CA ASP B 194 52.44 -15.10 -11.83
C ASP B 194 51.88 -14.51 -13.14
N ALA B 195 50.58 -14.67 -13.34
CA ALA B 195 49.95 -14.09 -14.53
C ALA B 195 49.98 -12.56 -14.48
N PHE B 196 49.70 -11.98 -13.32
CA PHE B 196 49.66 -10.53 -13.16
C PHE B 196 51.00 -9.96 -12.70
N LEU B 197 52.02 -10.78 -12.51
CA LEU B 197 53.27 -10.32 -11.91
C LEU B 197 53.97 -9.30 -12.81
N ASN B 198 54.03 -9.57 -14.11
CA ASN B 198 54.76 -8.72 -15.04
C ASN B 198 54.00 -7.45 -15.42
N LEU B 199 52.84 -7.20 -14.80
CA LEU B 199 52.11 -5.96 -14.99
C LEU B 199 52.62 -4.93 -13.97
N THR B 200 53.83 -4.45 -14.23
CA THR B 200 54.53 -3.57 -13.29
C THR B 200 53.78 -2.28 -13.03
N LYS B 201 52.95 -1.82 -13.97
CA LYS B 201 52.22 -0.58 -13.82
C LYS B 201 50.82 -0.77 -13.24
N LEU B 202 50.43 -1.99 -12.90
CA LEU B 202 49.08 -2.24 -12.40
C LEU B 202 48.88 -1.60 -11.03
N LYS B 203 47.77 -0.89 -10.88
CA LYS B 203 47.42 -0.22 -9.64
C LYS B 203 46.10 -0.70 -9.05
N VAL B 204 45.09 -0.91 -9.88
CA VAL B 204 43.75 -1.31 -9.43
C VAL B 204 43.38 -2.61 -10.13
N LEU B 205 42.95 -3.60 -9.35
CA LEU B 205 42.54 -4.89 -9.89
C LEU B 205 41.29 -5.35 -9.14
N SER B 206 40.19 -5.50 -9.85
CA SER B 206 38.92 -5.93 -9.28
C SER B 206 38.55 -7.28 -9.86
N LEU B 207 38.62 -8.33 -9.03
CA LEU B 207 38.27 -9.69 -9.41
C LEU B 207 37.02 -10.16 -8.67
N LYS B 208 36.05 -9.27 -8.52
CA LYS B 208 34.85 -9.57 -7.75
C LYS B 208 33.90 -10.48 -8.53
N ASP B 209 33.16 -11.29 -7.78
CA ASP B 209 32.08 -12.13 -8.32
C ASP B 209 32.57 -12.99 -9.49
N ASN B 210 33.72 -13.64 -9.28
CA ASN B 210 34.37 -14.39 -10.34
C ASN B 210 34.54 -15.87 -10.01
N ASN B 211 33.93 -16.36 -8.93
CA ASN B 211 34.08 -17.74 -8.49
C ASN B 211 35.54 -18.07 -8.18
N VAL B 212 36.28 -17.12 -7.63
CA VAL B 212 37.69 -17.31 -7.32
C VAL B 212 37.83 -18.20 -6.09
N THR B 213 38.81 -19.11 -6.13
CA THR B 213 39.07 -20.02 -5.03
C THR B 213 40.32 -19.65 -4.23
N THR B 214 41.36 -19.14 -4.90
CA THR B 214 42.61 -18.79 -4.26
C THR B 214 43.09 -17.45 -4.81
N VAL B 215 43.76 -16.69 -3.96
CA VAL B 215 44.26 -15.37 -4.39
C VAL B 215 45.31 -15.56 -5.48
N PRO B 216 45.42 -14.64 -6.45
CA PRO B 216 46.31 -14.86 -7.62
C PRO B 216 47.76 -14.46 -7.36
N THR B 217 48.44 -15.22 -6.50
CA THR B 217 49.86 -14.99 -6.27
C THR B 217 50.65 -15.30 -7.53
N VAL B 218 51.60 -14.43 -7.86
CA VAL B 218 51.92 -13.26 -7.05
C VAL B 218 51.45 -11.98 -7.74
N LEU B 219 50.74 -11.12 -6.99
CA LEU B 219 50.23 -9.86 -7.52
C LEU B 219 51.38 -8.90 -7.79
N PRO B 220 51.20 -7.94 -8.71
CA PRO B 220 52.22 -6.92 -8.91
C PRO B 220 52.43 -6.09 -7.65
N SER B 221 53.68 -5.70 -7.40
CA SER B 221 54.03 -5.01 -6.17
C SER B 221 53.46 -3.59 -6.09
N THR B 222 53.01 -3.03 -7.20
CA THR B 222 52.54 -1.65 -7.25
C THR B 222 51.05 -1.52 -7.01
N LEU B 223 50.38 -2.61 -6.62
CA LEU B 223 48.94 -2.57 -6.43
C LEU B 223 48.56 -1.61 -5.29
N THR B 224 47.51 -0.84 -5.52
CA THR B 224 46.97 0.05 -4.50
C THR B 224 45.50 -0.21 -4.16
N GLU B 225 44.75 -0.86 -5.04
CA GLU B 225 43.36 -1.22 -4.77
C GLU B 225 43.13 -2.64 -5.25
N LEU B 226 42.72 -3.51 -4.33
CA LEU B 226 42.46 -4.92 -4.64
C LEU B 226 41.03 -5.25 -4.22
N TYR B 227 40.16 -5.44 -5.19
CA TYR B 227 38.75 -5.78 -4.94
C TYR B 227 38.58 -7.27 -5.22
N LEU B 228 38.75 -8.09 -4.18
CA LEU B 228 38.65 -9.53 -4.27
C LEU B 228 37.39 -10.05 -3.59
N TYR B 229 36.36 -9.22 -3.49
CA TYR B 229 35.20 -9.52 -2.68
C TYR B 229 34.15 -10.31 -3.46
N ASN B 230 33.26 -10.96 -2.72
CA ASN B 230 32.17 -11.77 -3.28
C ASN B 230 32.72 -12.93 -4.11
N ASN B 231 33.56 -13.75 -3.48
CA ASN B 231 34.14 -14.91 -4.15
C ASN B 231 33.99 -16.16 -3.28
N MET B 232 34.62 -17.26 -3.69
CA MET B 232 34.56 -18.52 -2.96
C MET B 232 35.89 -18.86 -2.30
N ILE B 233 36.68 -17.85 -1.95
CA ILE B 233 37.97 -18.07 -1.29
C ILE B 233 37.69 -18.37 0.18
N ALA B 234 38.08 -19.57 0.62
CA ALA B 234 37.85 -20.00 2.00
C ALA B 234 39.08 -19.87 2.88
N GLU B 235 40.28 -19.87 2.29
CA GLU B 235 41.51 -19.79 3.05
C GLU B 235 42.41 -18.70 2.49
N ILE B 236 43.15 -18.06 3.39
CA ILE B 236 44.16 -17.06 3.04
C ILE B 236 45.51 -17.56 3.57
N GLN B 237 46.53 -17.52 2.72
CA GLN B 237 47.86 -17.94 3.12
C GLN B 237 48.67 -16.74 3.60
N GLU B 238 49.69 -17.03 4.41
CA GLU B 238 50.57 -15.98 4.91
C GLU B 238 51.47 -15.40 3.82
N ASP B 239 51.55 -16.06 2.66
CA ASP B 239 52.41 -15.64 1.57
C ASP B 239 51.61 -15.04 0.41
N ASP B 240 50.53 -14.31 0.73
CA ASP B 240 49.64 -13.75 -0.28
C ASP B 240 49.84 -12.25 -0.50
N PHE B 241 50.17 -11.49 0.54
CA PHE B 241 50.32 -10.05 0.44
C PHE B 241 51.71 -9.58 0.88
N ASN B 242 52.75 -10.27 0.41
CA ASN B 242 54.10 -9.91 0.81
C ASN B 242 54.61 -8.67 0.07
N ASN B 243 54.23 -8.51 -1.19
CA ASN B 243 54.79 -7.44 -2.02
C ASN B 243 53.90 -6.22 -2.13
N LEU B 244 52.64 -6.29 -1.68
CA LEU B 244 51.71 -5.18 -1.80
C LEU B 244 51.93 -4.23 -0.63
N ASN B 245 52.98 -3.41 -0.72
CA ASN B 245 53.24 -2.40 0.30
C ASN B 245 52.81 -0.99 -0.09
N GLN B 246 52.24 -0.81 -1.28
CA GLN B 246 51.52 0.42 -1.60
C GLN B 246 50.01 0.21 -1.63
N LEU B 247 49.52 -0.93 -1.17
CA LEU B 247 48.09 -1.20 -1.20
C LEU B 247 47.35 -0.31 -0.21
N GLN B 248 46.23 0.25 -0.66
CA GLN B 248 45.42 1.15 0.15
C GLN B 248 44.02 0.64 0.44
N ILE B 249 43.42 -0.11 -0.48
CA ILE B 249 42.08 -0.66 -0.30
C ILE B 249 42.15 -2.17 -0.54
N LEU B 250 41.61 -2.94 0.41
CA LEU B 250 41.56 -4.39 0.31
C LEU B 250 40.14 -4.84 0.61
N ASP B 251 39.48 -5.42 -0.39
CA ASP B 251 38.09 -5.85 -0.27
C ASP B 251 38.06 -7.37 -0.29
N LEU B 252 37.69 -7.97 0.85
CA LEU B 252 37.51 -9.40 1.00
C LEU B 252 36.13 -9.73 1.55
N SER B 253 35.11 -9.05 1.02
CA SER B 253 33.75 -9.17 1.52
C SER B 253 33.00 -10.25 0.76
N GLY B 254 32.15 -10.99 1.47
CA GLY B 254 31.35 -12.03 0.85
C GLY B 254 32.01 -13.38 0.75
N ASN B 255 33.29 -13.49 1.10
CA ASN B 255 33.98 -14.77 1.12
C ASN B 255 33.63 -15.49 2.42
N CYS B 256 33.20 -16.75 2.31
CA CYS B 256 32.60 -17.49 3.42
C CYS B 256 31.44 -16.67 3.98
N PRO B 257 30.39 -16.44 3.19
CA PRO B 257 29.37 -15.45 3.58
C PRO B 257 28.41 -16.01 4.62
N ARG B 258 27.65 -15.09 5.21
CA ARG B 258 26.57 -15.41 6.15
C ARG B 258 25.28 -15.42 5.34
N CYS B 259 24.74 -16.62 5.11
CA CYS B 259 23.67 -16.83 4.14
C CYS B 259 22.29 -16.95 4.78
N TYR B 260 22.15 -16.57 6.04
CA TYR B 260 20.86 -16.68 6.72
C TYR B 260 20.01 -15.47 6.38
N ASN B 261 18.77 -15.72 5.93
CA ASN B 261 17.89 -14.70 5.34
C ASN B 261 18.57 -13.99 4.17
N ALA B 262 19.32 -14.73 3.36
CA ALA B 262 19.97 -14.13 2.21
C ALA B 262 19.02 -14.10 1.03
N PRO B 263 18.71 -12.92 0.49
CA PRO B 263 17.83 -12.84 -0.69
C PRO B 263 18.51 -13.13 -2.02
N PHE B 264 19.72 -13.65 -2.02
CA PHE B 264 20.48 -13.95 -3.22
C PHE B 264 21.12 -15.33 -3.07
N PRO B 265 21.37 -16.01 -4.18
CA PRO B 265 22.02 -17.33 -4.11
C PRO B 265 23.46 -17.20 -3.65
N CYS B 266 23.73 -17.70 -2.45
CA CYS B 266 25.07 -17.69 -1.87
C CYS B 266 25.36 -19.04 -1.26
N THR B 267 26.58 -19.52 -1.45
CA THR B 267 26.98 -20.83 -0.95
C THR B 267 27.91 -20.67 0.24
N PRO B 268 27.46 -20.96 1.46
CA PRO B 268 28.38 -20.94 2.60
C PRO B 268 29.35 -22.11 2.54
N CYS B 269 30.50 -21.91 3.17
CA CYS B 269 31.53 -22.93 3.17
C CYS B 269 31.16 -24.05 4.14
N LYS B 270 32.03 -25.06 4.22
CA LYS B 270 31.74 -26.25 5.01
C LYS B 270 31.89 -25.97 6.49
N ASN B 271 31.01 -26.56 7.29
CA ASN B 271 31.05 -26.49 8.75
C ASN B 271 30.87 -25.06 9.26
N ASN B 272 30.28 -24.19 8.44
CA ASN B 272 30.00 -22.79 8.79
C ASN B 272 31.24 -22.09 9.32
N SER B 273 32.36 -22.31 8.63
CA SER B 273 33.62 -21.72 9.10
C SER B 273 33.77 -20.30 8.58
N PRO B 274 34.44 -19.44 9.36
CA PRO B 274 34.75 -18.10 8.86
C PRO B 274 35.89 -18.13 7.85
N LEU B 275 36.11 -16.99 7.20
CA LEU B 275 37.22 -16.86 6.27
C LEU B 275 38.54 -16.97 7.02
N GLN B 276 39.29 -18.04 6.77
CA GLN B 276 40.51 -18.35 7.52
C GLN B 276 41.61 -17.39 7.09
N ILE B 277 41.84 -16.36 7.89
CA ILE B 277 42.89 -15.37 7.66
C ILE B 277 43.94 -15.57 8.75
N PRO B 278 45.21 -15.77 8.40
CA PRO B 278 46.24 -15.91 9.42
C PRO B 278 46.47 -14.60 10.16
N VAL B 279 47.01 -14.73 11.37
CA VAL B 279 47.30 -13.55 12.18
C VAL B 279 48.33 -12.66 11.50
N ASN B 280 49.36 -13.27 10.91
CA ASN B 280 50.40 -12.54 10.18
C ASN B 280 50.10 -12.45 8.69
N ALA B 281 48.90 -11.97 8.35
CA ALA B 281 48.50 -11.82 6.96
C ALA B 281 48.59 -10.38 6.48
N PHE B 282 48.14 -9.42 7.28
CA PHE B 282 48.24 -8.00 6.94
C PHE B 282 49.53 -7.39 7.47
N ASP B 283 50.66 -8.02 7.14
CA ASP B 283 51.96 -7.59 7.64
C ASP B 283 52.61 -6.55 6.73
N ALA B 284 52.82 -6.91 5.46
CA ALA B 284 53.44 -5.98 4.53
C ALA B 284 52.55 -4.80 4.19
N LEU B 285 51.24 -4.91 4.42
CA LEU B 285 50.31 -3.81 4.19
C LEU B 285 50.58 -2.74 5.24
N THR B 286 51.17 -1.62 4.81
CA THR B 286 51.45 -0.50 5.70
C THR B 286 50.71 0.77 5.31
N GLU B 287 50.41 0.97 4.04
CA GLU B 287 49.63 2.12 3.58
C GLU B 287 48.16 1.78 3.39
N LEU B 288 47.67 0.70 3.99
CA LEU B 288 46.28 0.31 3.85
C LEU B 288 45.38 1.34 4.52
N LYS B 289 44.35 1.79 3.79
CA LYS B 289 43.41 2.77 4.29
C LYS B 289 42.00 2.23 4.47
N VAL B 290 41.55 1.32 3.62
CA VAL B 290 40.21 0.75 3.70
C VAL B 290 40.34 -0.77 3.72
N LEU B 291 39.70 -1.40 4.70
CA LEU B 291 39.70 -2.85 4.84
C LEU B 291 38.27 -3.30 5.09
N ARG B 292 37.64 -3.88 4.08
CA ARG B 292 36.25 -4.33 4.16
C ARG B 292 36.23 -5.85 4.37
N LEU B 293 35.67 -6.28 5.49
CA LEU B 293 35.49 -7.68 5.82
C LEU B 293 34.02 -8.01 6.04
N HIS B 294 33.16 -7.40 5.23
CA HIS B 294 31.72 -7.59 5.38
C HIS B 294 31.31 -8.98 4.92
N SER B 295 30.44 -9.63 5.71
CA SER B 295 29.85 -10.92 5.36
C SER B 295 30.92 -11.99 5.13
N ASN B 296 31.75 -12.20 6.15
CA ASN B 296 32.74 -13.25 6.16
C ASN B 296 32.48 -14.30 7.23
N SER B 297 31.33 -14.23 7.90
CA SER B 297 30.96 -15.17 8.96
C SER B 297 31.99 -15.20 10.08
N LEU B 298 32.68 -14.08 10.27
CA LEU B 298 33.76 -14.02 11.26
C LEU B 298 33.20 -14.09 12.67
N GLN B 299 33.89 -14.83 13.53
CA GLN B 299 33.55 -14.93 14.94
C GLN B 299 34.54 -14.21 15.85
N HIS B 300 35.80 -14.10 15.44
CA HIS B 300 36.81 -13.38 16.20
C HIS B 300 37.60 -12.47 15.26
N VAL B 301 38.02 -11.33 15.79
CA VAL B 301 38.87 -10.40 15.06
C VAL B 301 40.16 -10.21 15.87
N PRO B 302 41.21 -10.98 15.59
CA PRO B 302 42.44 -10.89 16.38
C PRO B 302 43.07 -9.51 16.25
N PRO B 303 43.61 -8.97 17.35
CA PRO B 303 44.34 -7.69 17.26
C PRO B 303 45.60 -7.78 16.41
N ARG B 304 46.15 -8.97 16.21
CA ARG B 304 47.36 -9.11 15.41
C ARG B 304 47.14 -8.73 13.95
N TRP B 305 45.89 -8.77 13.48
CA TRP B 305 45.60 -8.35 12.10
C TRP B 305 45.94 -6.88 11.90
N PHE B 306 45.63 -6.04 12.89
CA PHE B 306 45.81 -4.60 12.80
C PHE B 306 47.13 -4.14 13.41
N LYS B 307 48.13 -5.02 13.48
CA LYS B 307 49.41 -4.66 14.07
C LYS B 307 50.22 -3.76 13.14
N ASN B 308 50.23 -4.06 11.84
CA ASN B 308 51.07 -3.33 10.90
C ASN B 308 50.34 -2.24 10.14
N ILE B 309 49.01 -2.30 10.04
CA ILE B 309 48.27 -1.26 9.34
C ILE B 309 48.00 -0.09 10.28
N ASN B 310 48.92 0.87 10.29
CA ASN B 310 48.82 1.98 11.23
C ASN B 310 47.78 3.01 10.79
N ASN B 311 47.61 3.20 9.49
CA ASN B 311 46.79 4.28 8.96
C ASN B 311 45.45 3.80 8.41
N LEU B 312 44.86 2.78 9.04
CA LEU B 312 43.56 2.30 8.60
C LEU B 312 42.48 3.34 8.92
N GLN B 313 41.65 3.65 7.91
CA GLN B 313 40.62 4.66 8.04
C GLN B 313 39.22 4.09 8.06
N GLU B 314 38.89 3.19 7.14
CA GLU B 314 37.57 2.59 7.05
C GLU B 314 37.68 1.08 7.27
N LEU B 315 36.81 0.55 8.12
CA LEU B 315 36.81 -0.87 8.46
C LEU B 315 35.38 -1.37 8.42
N ASP B 316 35.07 -2.27 7.49
CA ASP B 316 33.75 -2.86 7.35
C ASP B 316 33.75 -4.27 7.94
N LEU B 317 32.84 -4.52 8.87
CA LEU B 317 32.71 -5.82 9.51
C LEU B 317 31.26 -6.26 9.62
N SER B 318 30.44 -5.91 8.64
CA SER B 318 29.02 -6.19 8.70
C SER B 318 28.72 -7.64 8.32
N GLN B 319 27.51 -8.08 8.70
CA GLN B 319 27.00 -9.40 8.37
C GLN B 319 27.95 -10.51 8.81
N ASN B 320 28.38 -10.43 10.07
CA ASN B 320 29.27 -11.42 10.66
C ASN B 320 28.63 -11.95 11.95
N PHE B 321 29.40 -12.74 12.69
CA PHE B 321 28.97 -13.30 13.97
C PHE B 321 29.76 -12.70 15.12
N LEU B 322 30.03 -11.39 15.03
CA LEU B 322 30.88 -10.70 15.99
C LEU B 322 30.09 -10.09 17.15
N ALA B 323 28.92 -10.62 17.47
CA ALA B 323 28.16 -10.10 18.59
C ALA B 323 28.93 -10.23 19.90
N LYS B 324 29.59 -11.36 20.10
CA LYS B 324 30.44 -11.53 21.29
C LYS B 324 31.72 -10.72 21.18
N GLU B 325 32.22 -10.51 19.96
CA GLU B 325 33.45 -9.74 19.78
C GLU B 325 33.22 -8.26 20.07
N ILE B 326 32.03 -7.75 19.78
CA ILE B 326 31.72 -6.35 20.09
C ILE B 326 31.81 -6.11 21.59
N GLY B 327 31.40 -7.09 22.39
CA GLY B 327 31.55 -6.97 23.84
C GLY B 327 33.00 -6.87 24.28
N ASP B 328 33.89 -7.57 23.57
CA ASP B 328 35.32 -7.54 23.89
C ASP B 328 36.07 -6.50 23.07
N ALA B 329 36.08 -6.65 21.75
CA ALA B 329 36.62 -5.67 20.80
C ALA B 329 38.04 -5.21 21.20
N LYS B 330 38.92 -6.19 21.40
CA LYS B 330 40.30 -5.86 21.75
C LYS B 330 41.05 -5.24 20.57
N PHE B 331 40.62 -5.51 19.34
CA PHE B 331 41.32 -5.02 18.16
C PHE B 331 41.17 -3.52 17.95
N LEU B 332 40.27 -2.85 18.67
CA LEU B 332 40.07 -1.41 18.48
C LEU B 332 41.21 -0.58 19.04
N HIS B 333 42.06 -1.16 19.89
CA HIS B 333 43.19 -0.41 20.44
C HIS B 333 44.29 -0.17 19.41
N PHE B 334 44.26 -0.87 18.27
CA PHE B 334 45.28 -0.73 17.24
C PHE B 334 44.83 0.15 16.08
N LEU B 335 43.73 0.88 16.23
CA LEU B 335 43.19 1.73 15.17
C LEU B 335 42.95 3.13 15.73
N PRO B 336 44.01 3.91 15.95
CA PRO B 336 43.82 5.29 16.40
C PRO B 336 43.40 6.25 15.31
N ASN B 337 43.59 5.88 14.04
CA ASN B 337 43.23 6.75 12.91
C ASN B 337 41.96 6.28 12.20
N LEU B 338 41.19 5.40 12.81
CA LEU B 338 39.98 4.88 12.17
C LEU B 338 38.95 5.99 12.01
N ILE B 339 38.40 6.12 10.81
CA ILE B 339 37.38 7.11 10.51
C ILE B 339 35.99 6.49 10.53
N GLN B 340 35.83 5.35 9.84
CA GLN B 340 34.56 4.66 9.74
C GLN B 340 34.67 3.26 10.31
N LEU B 341 33.62 2.83 11.01
CA LEU B 341 33.55 1.50 11.60
C LEU B 341 32.13 0.97 11.39
N ASP B 342 31.98 0.03 10.47
CA ASP B 342 30.69 -0.59 10.19
C ASP B 342 30.63 -1.95 10.89
N LEU B 343 29.72 -2.07 11.87
CA LEU B 343 29.53 -3.31 12.61
C LEU B 343 28.07 -3.74 12.56
N SER B 344 27.43 -3.58 11.41
CA SER B 344 26.01 -3.82 11.28
C SER B 344 25.70 -5.30 11.11
N PHE B 345 24.53 -5.70 11.59
CA PHE B 345 23.97 -7.04 11.36
C PHE B 345 24.90 -8.14 11.87
N ASN B 346 25.26 -8.04 13.15
CA ASN B 346 26.07 -9.06 13.82
C ASN B 346 25.27 -9.86 14.83
N PHE B 347 23.94 -9.83 14.74
CA PHE B 347 23.07 -10.46 15.72
C PHE B 347 23.23 -11.98 15.68
N GLU B 348 23.00 -12.60 16.83
CA GLU B 348 22.95 -14.06 16.92
C GLU B 348 21.51 -14.52 16.80
N LEU B 349 21.31 -15.62 16.07
CA LEU B 349 19.96 -16.10 15.79
C LEU B 349 19.28 -16.57 17.06
N GLN B 350 17.97 -16.31 17.14
CA GLN B 350 17.14 -16.71 18.27
C GLN B 350 17.61 -16.08 19.59
N VAL B 351 18.29 -14.94 19.49
CA VAL B 351 18.80 -14.23 20.66
C VAL B 351 18.27 -12.80 20.62
N TYR B 352 17.60 -12.40 21.69
CA TYR B 352 17.07 -11.04 21.83
C TYR B 352 17.68 -10.46 23.10
N ARG B 353 18.77 -9.72 22.93
CA ARG B 353 19.52 -9.22 24.07
C ARG B 353 18.73 -8.15 24.82
N ALA B 354 19.04 -8.00 26.11
CA ALA B 354 18.39 -6.98 26.92
C ALA B 354 19.04 -5.61 26.79
N SER B 355 20.31 -5.57 26.38
CA SER B 355 21.05 -4.31 26.29
C SER B 355 22.17 -4.47 25.28
N MET B 356 22.72 -3.33 24.85
CA MET B 356 23.86 -3.31 23.96
C MET B 356 25.14 -3.36 24.77
N ASN B 357 25.97 -4.37 24.53
CA ASN B 357 27.19 -4.60 25.29
C ASN B 357 28.39 -4.05 24.53
N LEU B 358 28.48 -2.72 24.53
CA LEU B 358 29.62 -2.05 23.91
C LEU B 358 30.84 -2.12 24.82
N SER B 359 32.00 -2.43 24.23
CA SER B 359 33.22 -2.55 24.99
C SER B 359 33.79 -1.18 25.34
N GLN B 360 34.63 -1.16 26.38
CA GLN B 360 35.34 0.06 26.76
C GLN B 360 36.41 0.44 25.75
N ALA B 361 36.84 -0.49 24.89
CA ALA B 361 37.84 -0.19 23.88
C ALA B 361 37.33 0.75 22.79
N PHE B 362 36.02 1.00 22.74
CA PHE B 362 35.47 1.95 21.78
C PHE B 362 35.93 3.38 22.06
N SER B 363 36.46 3.65 23.25
CA SER B 363 36.98 4.98 23.57
C SER B 363 38.35 5.24 22.97
N SER B 364 39.01 4.22 22.43
CA SER B 364 40.31 4.38 21.78
C SER B 364 40.19 4.85 20.34
N LEU B 365 38.98 4.97 19.81
CA LEU B 365 38.76 5.46 18.45
C LEU B 365 38.74 6.98 18.47
N LYS B 366 39.94 7.56 18.59
CA LYS B 366 40.07 9.00 18.75
C LYS B 366 39.55 9.77 17.55
N SER B 367 39.85 9.27 16.33
CA SER B 367 39.47 9.96 15.11
C SER B 367 38.17 9.43 14.52
N LEU B 368 37.43 8.62 15.26
CA LEU B 368 36.22 8.02 14.72
C LEU B 368 35.16 9.09 14.45
N LYS B 369 34.59 9.05 13.25
CA LYS B 369 33.51 9.92 12.85
C LYS B 369 32.23 9.17 12.51
N ILE B 370 32.35 7.98 11.93
CA ILE B 370 31.21 7.23 11.41
C ILE B 370 31.11 5.91 12.17
N LEU B 371 29.89 5.54 12.58
CA LEU B 371 29.70 4.32 13.36
C LEU B 371 28.32 3.76 13.07
N ARG B 372 28.26 2.59 12.46
CA ARG B 372 27.02 1.85 12.23
C ARG B 372 26.99 0.62 13.13
N ILE B 373 25.99 0.55 14.01
CA ILE B 373 25.82 -0.61 14.88
C ILE B 373 24.42 -1.19 14.67
N ARG B 374 23.92 -1.11 13.44
CA ARG B 374 22.61 -1.67 13.14
C ARG B 374 22.64 -3.19 13.24
N GLY B 375 21.45 -3.79 13.26
CA GLY B 375 21.34 -5.23 13.29
C GLY B 375 21.91 -5.89 14.54
N TYR B 376 22.02 -5.14 15.62
CA TYR B 376 22.50 -5.65 16.91
C TYR B 376 21.31 -5.84 17.86
N VAL B 377 20.23 -6.40 17.31
CA VAL B 377 18.90 -6.40 17.91
C VAL B 377 18.95 -6.67 19.40
N PHE B 378 18.34 -5.77 20.18
CA PHE B 378 18.37 -5.84 21.63
C PHE B 378 17.16 -5.08 22.16
N LYS B 379 16.89 -5.26 23.46
CA LYS B 379 15.63 -4.82 24.04
C LYS B 379 15.64 -3.33 24.39
N GLU B 380 16.51 -2.92 25.30
CA GLU B 380 16.46 -1.59 25.89
C GLU B 380 17.78 -0.87 25.72
N LEU B 381 17.72 0.38 25.24
CA LEU B 381 18.88 1.24 25.15
C LEU B 381 18.91 2.14 26.37
N LYS B 382 19.93 1.97 27.22
CA LYS B 382 20.05 2.72 28.45
C LYS B 382 21.08 3.83 28.29
N SER B 383 21.22 4.64 29.34
CA SER B 383 22.08 5.83 29.27
C SER B 383 23.55 5.45 29.23
N PHE B 384 23.97 4.54 30.11
CA PHE B 384 25.38 4.20 30.26
C PHE B 384 25.86 3.15 29.25
N GLN B 385 24.97 2.63 28.40
CA GLN B 385 25.41 1.69 27.38
C GLN B 385 26.26 2.37 26.33
N LEU B 386 26.08 3.67 26.13
CA LEU B 386 26.86 4.46 25.18
C LEU B 386 27.96 5.27 25.86
N SER B 387 28.31 4.91 27.09
CA SER B 387 29.36 5.65 27.81
C SER B 387 30.71 5.66 27.10
N PRO B 388 31.19 4.59 26.44
CA PRO B 388 32.47 4.72 25.72
C PRO B 388 32.45 5.77 24.63
N LEU B 389 31.27 6.07 24.07
CA LEU B 389 31.14 7.05 23.01
C LEU B 389 31.02 8.48 23.52
N HIS B 390 31.01 8.68 24.85
CA HIS B 390 30.81 9.99 25.43
C HIS B 390 31.99 10.94 25.26
N ASN B 391 33.15 10.44 24.81
CA ASN B 391 34.33 11.30 24.71
C ASN B 391 34.94 11.31 23.32
N LEU B 392 34.28 10.77 22.31
CA LEU B 392 34.78 10.84 20.94
C LEU B 392 34.39 12.19 20.36
N GLN B 393 35.36 13.12 20.33
CA GLN B 393 35.07 14.49 19.92
C GLN B 393 34.73 14.57 18.43
N ASN B 394 35.27 13.70 17.61
CA ASN B 394 35.05 13.72 16.17
C ASN B 394 33.84 12.91 15.74
N LEU B 395 33.14 12.26 16.68
CA LEU B 395 31.97 11.47 16.33
C LEU B 395 30.83 12.40 15.91
N GLU B 396 30.23 12.11 14.76
CA GLU B 396 29.16 12.93 14.20
C GLU B 396 27.84 12.17 14.07
N VAL B 397 27.88 10.95 13.54
CA VAL B 397 26.68 10.15 13.32
C VAL B 397 26.72 8.95 14.27
N LEU B 398 25.55 8.60 14.82
CA LEU B 398 25.40 7.42 15.67
C LEU B 398 24.13 6.70 15.20
N ASP B 399 24.31 5.74 14.31
CA ASP B 399 23.18 4.99 13.76
C ASP B 399 22.90 3.78 14.65
N LEU B 400 21.65 3.64 15.08
CA LEU B 400 21.24 2.57 15.97
C LEU B 400 19.94 1.93 15.52
N GLY B 401 19.64 2.00 14.22
CA GLY B 401 18.40 1.46 13.72
C GLY B 401 18.44 -0.03 13.46
N THR B 402 17.27 -0.57 13.15
CA THR B 402 17.08 -2.01 12.92
C THR B 402 17.64 -2.80 14.11
N ASN B 403 17.29 -2.33 15.30
CA ASN B 403 17.71 -2.95 16.55
C ASN B 403 16.55 -3.40 17.42
N PHE B 404 15.32 -3.04 17.06
CA PHE B 404 14.12 -3.38 17.84
C PHE B 404 14.23 -2.93 19.29
N ILE B 405 14.73 -1.70 19.48
CA ILE B 405 14.78 -1.12 20.81
C ILE B 405 13.38 -0.74 21.26
N LYS B 406 13.03 -1.10 22.50
CA LYS B 406 11.73 -0.80 23.06
C LYS B 406 11.75 0.40 24.00
N ILE B 407 12.64 0.40 24.99
CA ILE B 407 12.74 1.47 25.97
C ILE B 407 13.99 2.27 25.68
N ALA B 408 13.82 3.58 25.47
CA ALA B 408 14.95 4.46 25.19
C ALA B 408 14.59 5.86 25.64
N ASN B 409 15.16 6.28 26.77
CA ASN B 409 14.95 7.63 27.28
C ASN B 409 15.68 8.62 26.36
N LEU B 410 14.92 9.41 25.60
CA LEU B 410 15.52 10.34 24.65
C LEU B 410 16.32 11.45 25.35
N SER B 411 16.12 11.64 26.65
CA SER B 411 16.86 12.66 27.39
C SER B 411 18.32 12.30 27.57
N MET B 412 18.72 11.05 27.34
CA MET B 412 20.11 10.65 27.48
C MET B 412 21.00 11.21 26.37
N PHE B 413 20.42 11.76 25.31
CA PHE B 413 21.18 12.29 24.19
C PHE B 413 21.57 13.75 24.39
N LYS B 414 21.31 14.30 25.57
CA LYS B 414 21.80 15.64 25.89
C LYS B 414 23.30 15.69 26.04
N GLN B 415 23.98 14.54 26.09
CA GLN B 415 25.42 14.50 26.09
C GLN B 415 26.01 14.45 24.68
N PHE B 416 25.26 13.93 23.71
CA PHE B 416 25.70 13.87 22.32
C PHE B 416 25.23 15.12 21.55
N LYS B 417 25.54 16.28 22.11
CA LYS B 417 25.18 17.53 21.44
C LYS B 417 26.13 17.82 20.28
N ARG B 418 27.40 17.48 20.42
CA ARG B 418 28.37 17.71 19.35
C ARG B 418 28.14 16.82 18.14
N LEU B 419 27.30 15.80 18.27
CA LEU B 419 27.00 14.91 17.14
C LEU B 419 26.17 15.66 16.10
N LYS B 420 26.06 15.05 14.92
CA LYS B 420 25.28 15.61 13.83
C LYS B 420 24.02 14.83 13.50
N VAL B 421 24.08 13.50 13.55
CA VAL B 421 22.93 12.66 13.26
C VAL B 421 22.80 11.62 14.35
N ILE B 422 21.59 11.48 14.89
CA ILE B 422 21.27 10.44 15.87
C ILE B 422 20.16 9.60 15.26
N ASP B 423 20.52 8.47 14.66
CA ASP B 423 19.58 7.65 13.91
C ASP B 423 18.85 6.71 14.87
N LEU B 424 17.53 6.87 14.97
CA LEU B 424 16.68 6.04 15.80
C LEU B 424 15.53 5.50 14.96
N SER B 425 15.88 4.84 13.86
CA SER B 425 14.95 4.38 12.83
C SER B 425 14.14 3.20 13.32
N VAL B 426 13.73 2.31 12.41
CA VAL B 426 12.56 1.43 12.48
C VAL B 426 12.37 0.75 13.84
N ASN B 427 13.27 1.01 14.79
CA ASN B 427 13.14 0.51 16.16
C ASN B 427 11.76 0.83 16.75
N LYS B 428 11.40 0.14 17.83
CA LYS B 428 10.05 0.16 18.37
C LYS B 428 9.95 0.99 19.65
N ILE B 429 10.65 2.12 19.68
CA ILE B 429 10.64 3.00 20.85
C ILE B 429 9.28 3.69 20.95
N SER B 430 8.74 3.72 22.16
CA SER B 430 7.43 4.31 22.44
C SER B 430 7.56 5.29 23.59
N PRO B 431 6.60 6.21 23.74
CA PRO B 431 6.62 7.16 24.85
C PRO B 431 6.65 6.49 26.23
N SER B 486 17.64 17.10 2.96
CA SER B 486 17.46 16.31 4.18
C SER B 486 17.71 17.16 5.42
N CYS B 487 17.75 16.52 6.59
CA CYS B 487 17.96 17.24 7.84
C CYS B 487 19.41 17.58 8.10
N TYR B 488 20.33 16.94 7.38
CA TYR B 488 21.74 16.98 7.75
C TYR B 488 22.37 18.35 7.49
N LYS B 489 21.75 19.16 6.62
CA LYS B 489 22.25 20.50 6.35
C LYS B 489 21.77 21.52 7.37
N TYR B 490 20.83 21.15 8.26
CA TYR B 490 20.31 22.08 9.24
C TYR B 490 20.98 21.98 10.60
N GLY B 491 21.72 20.90 10.87
CA GLY B 491 22.39 20.76 12.15
C GLY B 491 22.14 19.41 12.80
N GLN B 492 21.95 19.42 14.13
CA GLN B 492 21.70 18.19 14.86
C GLN B 492 20.38 17.56 14.42
N THR B 493 20.40 16.25 14.21
CA THR B 493 19.24 15.51 13.72
C THR B 493 18.93 14.35 14.66
N LEU B 494 17.67 14.23 15.04
CA LEU B 494 17.18 13.07 15.79
C LEU B 494 16.13 12.37 14.92
N ASP B 495 16.56 11.29 14.27
CA ASP B 495 15.72 10.58 13.31
C ASP B 495 14.94 9.51 14.06
N LEU B 496 13.71 9.84 14.45
CA LEU B 496 12.82 8.92 15.17
C LEU B 496 11.79 8.29 14.24
N SER B 497 12.15 8.09 12.97
CA SER B 497 11.17 7.63 11.98
C SER B 497 10.82 6.16 12.16
N LYS B 498 9.59 5.81 11.83
CA LYS B 498 9.10 4.44 11.83
C LYS B 498 9.23 3.78 13.20
N ASN B 499 8.97 4.54 14.27
CA ASN B 499 9.02 4.02 15.62
C ASN B 499 7.61 3.63 16.09
N SER B 500 7.48 3.32 17.37
CA SER B 500 6.20 2.92 17.97
C SER B 500 5.62 4.02 18.84
N ILE B 501 5.88 5.28 18.47
CA ILE B 501 5.35 6.42 19.19
C ILE B 501 3.95 6.74 18.66
N PHE B 502 2.95 6.68 19.54
CA PHE B 502 1.57 6.92 19.16
C PHE B 502 0.99 8.19 19.79
N PHE B 503 1.75 8.89 20.63
CA PHE B 503 1.36 10.22 21.10
C PHE B 503 2.61 10.94 21.56
N ILE B 504 2.51 12.27 21.60
CA ILE B 504 3.67 13.14 21.83
C ILE B 504 3.50 13.81 23.20
N LYS B 505 4.52 13.69 24.04
CA LYS B 505 4.58 14.36 25.33
C LYS B 505 5.67 15.41 25.33
N SER B 506 5.42 16.51 26.04
CA SER B 506 6.41 17.57 26.16
C SER B 506 7.61 17.10 26.97
N SER B 507 7.40 16.25 27.98
CA SER B 507 8.50 15.78 28.81
C SER B 507 9.40 14.80 28.08
N ASP B 508 8.89 14.12 27.05
CA ASP B 508 9.71 13.17 26.30
C ASP B 508 10.85 13.87 25.58
N PHE B 509 10.59 15.03 24.99
CA PHE B 509 11.59 15.78 24.24
C PHE B 509 12.34 16.79 25.11
N GLN B 510 12.24 16.67 26.43
CA GLN B 510 13.01 17.55 27.31
C GLN B 510 14.50 17.27 27.17
N HIS B 511 15.32 18.28 27.47
CA HIS B 511 16.76 18.26 27.34
C HIS B 511 17.23 18.07 25.90
N LEU B 512 16.36 18.33 24.92
CA LEU B 512 16.69 18.20 23.51
C LEU B 512 16.51 19.54 22.79
N SER B 513 16.84 20.63 23.48
CA SER B 513 16.68 21.96 22.88
C SER B 513 17.66 22.19 21.75
N PHE B 514 18.82 21.51 21.77
CA PHE B 514 19.82 21.68 20.73
C PHE B 514 19.40 21.10 19.39
N LEU B 515 18.31 20.34 19.35
CA LEU B 515 17.89 19.67 18.13
C LEU B 515 17.55 20.68 17.04
N LYS B 516 18.08 20.44 15.83
CA LYS B 516 17.71 21.22 14.66
C LYS B 516 16.78 20.45 13.72
N CYS B 517 16.77 19.12 13.81
CA CYS B 517 15.82 18.29 13.09
C CYS B 517 15.15 17.32 14.06
N LEU B 518 13.94 16.89 13.68
CA LEU B 518 13.24 15.83 14.37
C LEU B 518 12.39 15.10 13.34
N ASN B 519 12.79 13.89 12.98
CA ASN B 519 12.09 13.08 11.99
C ASN B 519 11.13 12.15 12.73
N LEU B 520 9.84 12.43 12.64
CA LEU B 520 8.80 11.61 13.26
C LEU B 520 7.96 10.88 12.21
N SER B 521 8.53 10.65 11.04
CA SER B 521 7.79 10.07 9.92
C SER B 521 7.50 8.59 10.17
N GLY B 522 6.30 8.17 9.80
CA GLY B 522 5.92 6.77 9.89
C GLY B 522 5.50 6.29 11.26
N ASN B 523 5.44 7.18 12.25
CA ASN B 523 5.06 6.77 13.60
C ASN B 523 3.55 6.56 13.75
N LEU B 524 2.76 7.07 12.82
CA LEU B 524 1.30 6.95 12.85
C LEU B 524 0.74 7.50 14.17
N ILE B 525 1.11 8.74 14.47
CA ILE B 525 0.69 9.41 15.69
C ILE B 525 -0.69 10.01 15.46
N SER B 526 -1.66 9.58 16.25
CA SER B 526 -3.01 10.14 16.22
C SER B 526 -3.13 11.14 17.37
N GLN B 527 -3.07 12.43 17.06
CA GLN B 527 -3.05 13.45 18.09
C GLN B 527 -3.64 14.74 17.53
N THR B 528 -4.37 15.46 18.39
CA THR B 528 -4.83 16.81 18.09
C THR B 528 -3.83 17.78 18.70
N LEU B 529 -3.02 18.41 17.86
CA LEU B 529 -1.97 19.30 18.35
C LEU B 529 -2.58 20.51 19.06
N ASN B 530 -1.92 20.93 20.14
CA ASN B 530 -2.44 21.99 20.98
C ASN B 530 -1.47 23.15 21.15
N GLY B 531 -0.23 23.03 20.68
CA GLY B 531 0.76 24.08 20.85
C GLY B 531 1.65 23.93 22.06
N SER B 532 1.64 22.77 22.71
CA SER B 532 2.50 22.53 23.86
C SER B 532 3.26 21.21 23.79
N GLU B 533 3.10 20.41 22.73
CA GLU B 533 3.78 19.12 22.66
C GLU B 533 5.28 19.30 22.43
N PHE B 534 5.65 20.11 21.44
CA PHE B 534 7.06 20.34 21.11
C PHE B 534 7.59 21.58 21.81
N GLN B 535 7.38 21.66 23.13
CA GLN B 535 7.78 22.86 23.86
C GLN B 535 9.29 22.95 24.07
N PRO B 536 9.98 21.90 24.55
CA PRO B 536 11.44 22.04 24.73
C PRO B 536 12.22 22.25 23.44
N LEU B 537 11.63 21.93 22.28
CA LEU B 537 12.31 22.09 21.00
C LEU B 537 12.29 23.57 20.60
N ALA B 538 13.12 24.35 21.32
CA ALA B 538 13.16 25.79 21.08
C ALA B 538 13.91 26.13 19.81
N GLU B 539 14.98 25.40 19.51
CA GLU B 539 15.83 25.68 18.36
C GLU B 539 15.51 24.80 17.16
N LEU B 540 14.39 24.08 17.19
CA LEU B 540 14.03 23.22 16.07
C LEU B 540 13.80 24.05 14.81
N ARG B 541 14.43 23.65 13.71
CA ARG B 541 14.28 24.32 12.43
C ARG B 541 13.57 23.49 11.37
N TYR B 542 13.58 22.18 11.50
CA TYR B 542 12.84 21.28 10.62
C TYR B 542 12.08 20.26 11.46
N LEU B 543 10.86 19.94 11.02
CA LEU B 543 10.03 18.94 11.67
C LEU B 543 9.36 18.08 10.61
N ASP B 544 9.76 16.82 10.52
CA ASP B 544 9.15 15.86 9.62
C ASP B 544 8.10 15.08 10.38
N PHE B 545 6.83 15.22 9.97
CA PHE B 545 5.72 14.54 10.63
C PHE B 545 4.89 13.79 9.59
N SER B 546 5.53 13.37 8.51
CA SER B 546 4.83 12.71 7.43
C SER B 546 4.42 11.30 7.84
N ASN B 547 3.45 10.75 7.10
CA ASN B 547 2.92 9.40 7.35
C ASN B 547 2.45 9.25 8.80
N ASN B 548 1.57 10.17 9.20
CA ASN B 548 1.01 10.18 10.53
C ASN B 548 -0.48 10.48 10.42
N ARG B 549 -1.11 10.77 11.56
CA ARG B 549 -2.55 11.06 11.63
C ARG B 549 -2.73 12.36 12.41
N LEU B 550 -2.64 13.48 11.70
CA LEU B 550 -2.73 14.80 12.30
C LEU B 550 -4.15 15.32 12.21
N ASP B 551 -4.56 16.07 13.23
CA ASP B 551 -5.92 16.63 13.31
C ASP B 551 -5.79 18.15 13.52
N LEU B 552 -6.04 18.91 12.45
CA LEU B 552 -6.01 20.38 12.53
C LEU B 552 -7.32 20.90 13.13
N LEU B 553 -7.49 20.64 14.42
CA LEU B 553 -8.65 21.17 15.14
C LEU B 553 -8.37 22.54 15.75
N HIS B 554 -7.11 22.91 15.93
CA HIS B 554 -6.73 24.19 16.50
C HIS B 554 -5.76 24.91 15.57
N SER B 555 -5.90 26.23 15.50
CA SER B 555 -4.95 27.04 14.74
C SER B 555 -3.66 27.29 15.49
N THR B 556 -3.58 26.86 16.75
CA THR B 556 -2.38 27.03 17.57
C THR B 556 -1.40 25.87 17.43
N ALA B 557 -1.62 24.98 16.48
CA ALA B 557 -0.68 23.88 16.26
C ALA B 557 0.67 24.42 15.80
N PHE B 558 1.74 23.85 16.35
CA PHE B 558 3.11 24.22 16.03
C PHE B 558 3.42 25.67 16.36
N GLU B 559 2.70 26.27 17.31
CA GLU B 559 2.93 27.67 17.65
C GLU B 559 4.21 27.85 18.48
N GLU B 560 4.56 26.86 19.30
CA GLU B 560 5.73 26.97 20.17
C GLU B 560 7.04 26.70 19.43
N LEU B 561 6.98 26.23 18.18
CA LEU B 561 8.17 26.06 17.36
C LEU B 561 8.49 27.42 16.72
N ARG B 562 9.06 28.30 17.55
CA ARG B 562 9.31 29.67 17.12
C ARG B 562 10.33 29.72 15.98
N LYS B 563 11.39 28.91 16.07
CA LYS B 563 12.47 28.93 15.09
C LYS B 563 12.25 27.95 13.95
N LEU B 564 11.09 27.29 13.89
CA LEU B 564 10.83 26.35 12.81
C LEU B 564 10.83 27.06 11.47
N GLU B 565 11.54 26.48 10.50
CA GLU B 565 11.61 27.04 9.15
C GLU B 565 10.92 26.19 8.10
N VAL B 566 11.01 24.86 8.20
CA VAL B 566 10.39 23.96 7.25
C VAL B 566 9.57 22.92 8.01
N LEU B 567 8.32 22.72 7.59
CA LEU B 567 7.41 21.80 8.24
C LEU B 567 6.87 20.81 7.20
N ASP B 568 6.92 19.52 7.55
CA ASP B 568 6.44 18.46 6.67
C ASP B 568 5.33 17.71 7.38
N ILE B 569 4.09 17.88 6.91
CA ILE B 569 2.93 17.20 7.49
C ILE B 569 2.23 16.41 6.39
N SER B 570 2.99 15.91 5.43
CA SER B 570 2.41 15.20 4.30
C SER B 570 1.93 13.82 4.71
N SER B 571 1.10 13.22 3.85
CA SER B 571 0.61 11.85 4.04
C SER B 571 -0.11 11.69 5.38
N ASN B 572 -0.87 12.72 5.76
CA ASN B 572 -1.69 12.70 6.97
C ASN B 572 -3.18 12.70 6.61
N SER B 573 -3.54 11.95 5.58
CA SER B 573 -4.86 12.04 4.96
C SER B 573 -5.98 11.48 5.84
N HIS B 574 -5.67 10.82 6.95
CA HIS B 574 -6.71 10.15 7.74
C HIS B 574 -7.77 11.13 8.21
N TYR B 575 -7.38 12.11 9.04
CA TYR B 575 -8.36 13.04 9.59
C TYR B 575 -8.82 14.07 8.56
N PHE B 576 -7.96 14.43 7.61
CA PHE B 576 -8.37 15.38 6.58
C PHE B 576 -9.41 14.78 5.64
N GLN B 577 -9.43 13.44 5.50
CA GLN B 577 -10.45 12.80 4.69
C GLN B 577 -11.83 12.93 5.32
N SER B 578 -11.89 13.04 6.64
CA SER B 578 -13.18 13.20 7.32
C SER B 578 -13.82 14.53 6.91
N GLU B 579 -15.15 14.51 6.77
CA GLU B 579 -15.92 15.65 6.32
C GLU B 579 -16.75 16.19 7.47
N GLY B 580 -16.70 17.50 7.67
CA GLY B 580 -17.48 18.18 8.69
C GLY B 580 -16.69 18.64 9.90
N ILE B 581 -15.54 18.01 10.16
CA ILE B 581 -14.70 18.43 11.28
C ILE B 581 -13.85 19.63 10.84
N THR B 582 -13.54 20.51 11.79
CA THR B 582 -12.81 21.73 11.47
C THR B 582 -11.38 21.39 11.06
N HIS B 583 -10.89 22.11 10.04
CA HIS B 583 -9.53 21.97 9.53
C HIS B 583 -8.93 23.37 9.47
N MET B 584 -8.27 23.78 10.55
CA MET B 584 -7.70 25.12 10.65
C MET B 584 -6.42 25.18 9.83
N LEU B 585 -6.54 25.63 8.58
CA LEU B 585 -5.39 25.80 7.71
C LEU B 585 -4.65 27.11 7.96
N ASN B 586 -5.16 27.97 8.83
CA ASN B 586 -4.48 29.21 9.20
C ASN B 586 -3.55 29.03 10.38
N PHE B 587 -3.07 27.81 10.63
CA PHE B 587 -2.15 27.53 11.71
C PHE B 587 -0.74 28.05 11.43
N THR B 588 -0.46 28.50 10.21
CA THR B 588 0.86 28.99 9.85
C THR B 588 1.07 30.46 10.18
N LYS B 589 0.04 31.15 10.66
CA LYS B 589 0.18 32.57 10.97
C LYS B 589 1.15 32.79 12.13
N ASN B 590 1.11 31.92 13.14
CA ASN B 590 1.99 32.06 14.30
C ASN B 590 3.43 31.66 14.00
N LEU B 591 3.69 31.05 12.86
CA LEU B 591 5.04 30.64 12.48
C LEU B 591 5.72 31.83 11.80
N LYS B 592 6.56 32.54 12.53
CA LYS B 592 7.15 33.78 12.05
C LYS B 592 8.26 33.55 11.02
N VAL B 593 9.03 32.47 11.15
CA VAL B 593 10.18 32.24 10.30
C VAL B 593 10.01 30.98 9.44
N LEU B 594 8.79 30.49 9.30
CA LEU B 594 8.56 29.33 8.43
C LEU B 594 8.84 29.70 6.98
N GLN B 595 9.60 28.85 6.29
CA GLN B 595 10.00 29.11 4.92
C GLN B 595 9.47 28.10 3.91
N LYS B 596 9.34 26.83 4.31
CA LYS B 596 8.90 25.77 3.40
C LYS B 596 7.90 24.90 4.14
N LEU B 597 6.87 24.44 3.44
CA LEU B 597 5.81 23.65 4.05
C LEU B 597 5.40 22.52 3.09
N MET B 598 5.63 21.28 3.50
CA MET B 598 5.16 20.12 2.76
C MET B 598 3.92 19.57 3.47
N MET B 599 2.79 19.60 2.79
CA MET B 599 1.54 19.08 3.32
C MET B 599 0.79 18.31 2.23
N ASN B 600 1.53 17.48 1.50
CA ASN B 600 1.01 16.79 0.33
C ASN B 600 0.31 15.49 0.71
N ASP B 601 -0.45 14.95 -0.25
CA ASP B 601 -1.11 13.65 -0.12
C ASP B 601 -1.98 13.59 1.13
N ASN B 602 -2.66 14.71 1.43
CA ASN B 602 -3.51 14.80 2.61
C ASN B 602 -4.99 14.64 2.29
N ASP B 603 -5.36 14.62 1.00
CA ASP B 603 -6.75 14.44 0.58
C ASP B 603 -7.67 15.48 1.23
N ILE B 604 -7.17 16.71 1.35
CA ILE B 604 -7.92 17.76 2.04
C ILE B 604 -9.06 18.23 1.13
N SER B 605 -10.29 18.10 1.62
CA SER B 605 -11.46 18.50 0.86
C SER B 605 -12.25 19.66 1.48
N SER B 606 -12.02 19.96 2.76
CA SER B 606 -12.73 21.02 3.44
C SER B 606 -11.77 21.77 4.35
N SER B 607 -12.14 23.01 4.66
CA SER B 607 -11.32 23.86 5.53
C SER B 607 -12.21 24.88 6.21
N THR B 608 -12.23 24.87 7.54
CA THR B 608 -12.98 25.88 8.28
C THR B 608 -12.38 27.26 8.05
N SER B 609 -11.06 27.37 8.06
CA SER B 609 -10.39 28.65 7.82
C SER B 609 -10.52 29.04 6.36
N ARG B 610 -10.89 30.31 6.12
CA ARG B 610 -11.06 30.79 4.76
C ARG B 610 -9.74 31.03 4.05
N THR B 611 -8.71 31.44 4.78
CA THR B 611 -7.44 31.82 4.16
C THR B 611 -6.28 31.23 4.97
N MET B 612 -5.11 31.18 4.33
CA MET B 612 -3.87 30.78 4.97
C MET B 612 -2.98 32.00 5.16
N GLU B 613 -2.44 32.16 6.36
CA GLU B 613 -1.69 33.36 6.71
C GLU B 613 -0.25 33.00 7.00
N SER B 614 0.68 33.72 6.36
CA SER B 614 2.11 33.61 6.66
C SER B 614 2.88 34.76 6.04
N GLU B 615 3.70 35.44 6.83
CA GLU B 615 4.50 36.56 6.35
C GLU B 615 5.92 36.17 5.97
N SER B 616 6.26 34.88 6.04
CA SER B 616 7.60 34.43 5.68
C SER B 616 7.64 33.18 4.82
N LEU B 617 6.52 32.48 4.64
CA LEU B 617 6.50 31.28 3.82
C LEU B 617 6.85 31.62 2.38
N ARG B 618 7.78 30.85 1.80
CA ARG B 618 8.21 31.03 0.43
C ARG B 618 7.94 29.82 -0.45
N THR B 619 7.91 28.62 0.10
CA THR B 619 7.60 27.41 -0.63
C THR B 619 6.44 26.69 0.04
N LEU B 620 5.44 26.32 -0.77
CA LEU B 620 4.27 25.60 -0.27
C LEU B 620 3.92 24.51 -1.27
N GLU B 621 4.02 23.26 -0.84
CA GLU B 621 3.68 22.12 -1.68
C GLU B 621 2.32 21.58 -1.26
N PHE B 622 1.39 21.55 -2.21
CA PHE B 622 -0.01 21.20 -1.96
C PHE B 622 -0.50 20.17 -2.95
N ARG B 623 0.32 19.16 -3.23
CA ARG B 623 -0.04 18.15 -4.20
C ARG B 623 -0.71 16.95 -3.55
N GLY B 624 -1.46 16.20 -4.34
CA GLY B 624 -2.18 15.05 -3.83
C GLY B 624 -3.34 15.39 -2.92
N ASN B 625 -3.96 16.55 -3.12
CA ASN B 625 -5.08 17.02 -2.32
C ASN B 625 -6.31 17.16 -3.22
N HIS B 626 -7.37 17.75 -2.67
CA HIS B 626 -8.63 17.95 -3.39
C HIS B 626 -8.99 19.43 -3.36
N LEU B 627 -8.48 20.18 -4.35
CA LEU B 627 -8.88 21.57 -4.52
C LEU B 627 -10.09 21.73 -5.43
N ASP B 628 -10.52 20.67 -6.11
CA ASP B 628 -11.72 20.77 -6.94
C ASP B 628 -12.96 21.02 -6.10
N VAL B 629 -13.09 20.35 -4.96
CA VAL B 629 -14.21 20.61 -4.05
C VAL B 629 -14.03 21.95 -3.35
N LEU B 630 -12.79 22.31 -2.99
CA LEU B 630 -12.56 23.60 -2.37
C LEU B 630 -12.86 24.75 -3.34
N TRP B 631 -12.53 24.56 -4.62
CA TRP B 631 -12.83 25.53 -5.67
C TRP B 631 -14.02 25.08 -6.52
N ARG B 632 -15.03 24.51 -5.86
CA ARG B 632 -16.20 24.01 -6.56
C ARG B 632 -16.99 25.16 -7.19
N ASP B 633 -17.74 24.83 -8.24
CA ASP B 633 -18.56 25.82 -8.94
C ASP B 633 -19.51 26.50 -7.97
N GLY B 634 -19.53 27.83 -8.01
CA GLY B 634 -20.36 28.62 -7.12
C GLY B 634 -19.81 28.77 -5.72
N ASP B 635 -18.67 28.16 -5.40
CA ASP B 635 -18.07 28.24 -4.07
C ASP B 635 -16.91 29.23 -4.12
N ASN B 636 -17.20 30.47 -3.72
CA ASN B 636 -16.20 31.53 -3.70
C ASN B 636 -15.53 31.66 -2.34
N ARG B 637 -15.79 30.74 -1.42
CA ARG B 637 -15.23 30.83 -0.08
C ARG B 637 -13.71 30.70 -0.09
N TYR B 638 -13.19 29.75 -0.87
CA TYR B 638 -11.77 29.40 -0.83
C TYR B 638 -11.01 29.84 -2.07
N LEU B 639 -11.53 30.83 -2.82
CA LEU B 639 -10.80 31.33 -3.98
C LEU B 639 -9.50 32.01 -3.54
N GLN B 640 -9.57 32.86 -2.52
CA GLN B 640 -8.39 33.54 -2.01
C GLN B 640 -7.73 32.78 -0.87
N LEU B 641 -7.45 31.49 -1.11
CA LEU B 641 -6.84 30.67 -0.07
C LEU B 641 -5.35 30.97 0.09
N PHE B 642 -4.69 31.40 -0.98
CA PHE B 642 -3.25 31.64 -0.96
C PHE B 642 -2.87 33.11 -1.13
N LYS B 643 -3.83 34.04 -1.04
CA LYS B 643 -3.48 35.47 -1.14
C LYS B 643 -2.57 35.92 -0.01
N ASN B 644 -2.91 35.57 1.23
CA ASN B 644 -2.25 36.13 2.40
C ASN B 644 -0.87 35.55 2.65
N LEU B 645 -0.39 34.68 1.76
CA LEU B 645 0.99 34.22 1.78
C LEU B 645 1.79 35.23 0.95
N LEU B 646 2.18 36.34 1.60
CA LEU B 646 2.77 37.45 0.88
C LEU B 646 4.10 37.06 0.24
N LYS B 647 4.95 36.34 0.97
CA LYS B 647 6.28 36.01 0.51
C LYS B 647 6.35 34.71 -0.27
N LEU B 648 5.21 34.05 -0.53
CA LEU B 648 5.22 32.80 -1.26
C LEU B 648 5.77 32.99 -2.66
N GLU B 649 6.70 32.12 -3.05
CA GLU B 649 7.33 32.19 -4.36
C GLU B 649 7.30 30.88 -5.12
N GLU B 650 6.84 29.79 -4.52
CA GLU B 650 6.79 28.49 -5.18
C GLU B 650 5.58 27.73 -4.67
N LEU B 651 4.58 27.55 -5.53
CA LEU B 651 3.38 26.79 -5.20
C LEU B 651 3.34 25.51 -6.03
N ASP B 652 2.92 24.43 -5.40
CA ASP B 652 2.97 23.09 -5.97
C ASP B 652 1.60 22.43 -5.94
N ILE B 653 0.57 23.13 -6.42
CA ILE B 653 -0.77 22.56 -6.46
C ILE B 653 -0.91 21.66 -7.69
N SER B 654 -0.53 20.39 -7.54
CA SER B 654 -0.55 19.43 -8.61
C SER B 654 -1.24 18.15 -8.13
N LYS B 655 -1.63 17.30 -9.08
CA LYS B 655 -2.30 16.04 -8.76
C LYS B 655 -3.54 16.26 -7.91
N ASN B 656 -4.19 17.42 -8.08
CA ASN B 656 -5.27 17.85 -7.21
C ASN B 656 -6.65 17.64 -7.82
N SER B 657 -6.72 16.85 -8.89
CA SER B 657 -7.98 16.54 -9.58
C SER B 657 -8.68 17.79 -10.09
N LEU B 658 -7.92 18.83 -10.43
CA LEU B 658 -8.49 20.08 -10.92
C LEU B 658 -8.89 19.92 -12.39
N SER B 659 -10.18 19.76 -12.65
CA SER B 659 -10.67 19.72 -14.01
C SER B 659 -10.70 21.10 -14.65
N PHE B 660 -10.83 22.16 -13.84
CA PHE B 660 -10.84 23.53 -14.32
C PHE B 660 -10.63 24.46 -13.14
N LEU B 661 -9.96 25.58 -13.39
CA LEU B 661 -9.77 26.60 -12.37
C LEU B 661 -10.88 27.64 -12.49
N PRO B 662 -11.67 27.88 -11.43
CA PRO B 662 -12.70 28.92 -11.52
C PRO B 662 -12.09 30.30 -11.76
N SER B 663 -12.78 31.11 -12.55
CA SER B 663 -12.31 32.45 -12.86
C SER B 663 -12.28 33.33 -11.62
N GLY B 664 -11.10 33.70 -11.17
CA GLY B 664 -10.95 34.51 -9.98
C GLY B 664 -9.89 33.98 -9.03
N VAL B 665 -9.51 32.70 -9.20
CA VAL B 665 -8.47 32.14 -8.35
C VAL B 665 -7.13 32.81 -8.63
N PHE B 666 -6.86 33.18 -9.89
CA PHE B 666 -5.64 33.92 -10.20
C PHE B 666 -5.67 35.31 -9.61
N ASP B 667 -6.85 35.86 -9.37
CA ASP B 667 -6.98 37.08 -8.58
C ASP B 667 -6.75 36.82 -7.10
N GLY B 668 -6.80 35.57 -6.67
CA GLY B 668 -6.50 35.21 -5.29
C GLY B 668 -5.19 34.49 -5.11
N MET B 669 -4.14 34.94 -5.81
CA MET B 669 -2.83 34.33 -5.74
C MET B 669 -1.83 35.26 -5.05
N PRO B 670 -0.76 34.71 -4.48
CA PRO B 670 0.24 35.57 -3.85
C PRO B 670 0.86 36.52 -4.85
N PRO B 671 1.16 37.76 -4.42
CA PRO B 671 1.75 38.72 -5.37
C PRO B 671 3.16 38.34 -5.80
N ASN B 672 3.97 37.79 -4.90
CA ASN B 672 5.35 37.45 -5.20
C ASN B 672 5.48 36.00 -5.67
N LEU B 673 4.44 35.44 -6.29
CA LEU B 673 4.53 34.09 -6.81
C LEU B 673 5.51 34.03 -7.98
N LYS B 674 6.46 33.11 -7.89
CA LYS B 674 7.52 33.00 -8.88
C LYS B 674 7.53 31.65 -9.59
N ASN B 675 7.35 30.55 -8.85
CA ASN B 675 7.21 29.23 -9.44
C ASN B 675 5.82 28.68 -9.15
N LEU B 676 5.22 28.05 -10.17
CA LEU B 676 3.88 27.49 -10.04
C LEU B 676 3.82 26.16 -10.78
N SER B 677 3.15 25.18 -10.18
CA SER B 677 3.06 23.84 -10.73
C SER B 677 1.62 23.35 -10.68
N LEU B 678 1.12 22.84 -11.80
CA LEU B 678 -0.21 22.26 -11.91
C LEU B 678 -0.14 20.93 -12.66
N ALA B 679 0.84 20.10 -12.31
CA ALA B 679 1.11 18.87 -13.05
C ALA B 679 0.17 17.75 -12.62
N LYS B 680 -0.14 16.88 -13.59
CA LYS B 680 -0.95 15.67 -13.33
C LYS B 680 -2.29 15.99 -12.70
N ASN B 681 -2.87 17.15 -13.05
CA ASN B 681 -4.11 17.59 -12.43
C ASN B 681 -5.33 17.10 -13.20
N GLY B 682 -5.40 17.41 -14.49
CA GLY B 682 -6.56 17.05 -15.29
C GLY B 682 -7.28 18.25 -15.85
N LEU B 683 -6.53 19.35 -16.03
CA LEU B 683 -7.10 20.60 -16.52
C LEU B 683 -7.72 20.42 -17.91
N LYS B 684 -9.04 20.54 -18.00
CA LYS B 684 -9.70 20.44 -19.30
C LYS B 684 -9.53 21.70 -20.13
N SER B 685 -9.50 22.87 -19.48
CA SER B 685 -9.32 24.14 -20.18
C SER B 685 -8.64 25.12 -19.24
N PHE B 686 -7.35 25.36 -19.45
CA PHE B 686 -6.57 26.30 -18.66
C PHE B 686 -6.53 27.63 -19.39
N ILE B 687 -7.22 28.64 -18.85
CA ILE B 687 -7.24 29.95 -19.47
C ILE B 687 -5.87 30.60 -19.30
N TRP B 688 -5.51 31.46 -20.26
CA TRP B 688 -4.21 32.12 -20.26
C TRP B 688 -4.28 33.62 -20.10
N GLU B 689 -5.41 34.25 -20.42
CA GLU B 689 -5.53 35.70 -20.28
C GLU B 689 -5.52 36.16 -18.83
N LYS B 690 -5.84 35.28 -17.88
CA LYS B 690 -5.76 35.63 -16.46
C LYS B 690 -4.33 35.55 -15.93
N LEU B 691 -3.38 35.06 -16.72
CA LEU B 691 -1.99 34.97 -16.30
C LEU B 691 -1.35 36.35 -16.12
N ARG B 692 -1.93 37.39 -16.73
CA ARG B 692 -1.42 38.74 -16.55
C ARG B 692 -1.50 39.17 -15.08
N TYR B 693 -2.43 38.59 -14.32
CA TYR B 693 -2.56 38.91 -12.91
C TYR B 693 -1.35 38.46 -12.10
N LEU B 694 -0.55 37.53 -12.63
CA LEU B 694 0.69 37.08 -11.99
C LEU B 694 1.85 37.77 -12.69
N LYS B 695 2.26 38.90 -12.14
CA LYS B 695 3.32 39.72 -12.73
C LYS B 695 4.72 39.27 -12.30
N ASN B 696 4.83 38.09 -11.68
CA ASN B 696 6.14 37.59 -11.26
C ASN B 696 6.32 36.11 -11.57
N LEU B 697 5.38 35.47 -12.25
CA LEU B 697 5.50 34.05 -12.54
C LEU B 697 6.54 33.80 -13.63
N GLU B 698 7.31 32.74 -13.46
CA GLU B 698 8.36 32.40 -14.42
C GLU B 698 8.37 30.93 -14.85
N THR B 699 7.78 30.01 -14.09
CA THR B 699 7.89 28.58 -14.38
C THR B 699 6.51 27.92 -14.31
N LEU B 700 5.55 28.48 -15.04
CA LEU B 700 4.23 27.87 -15.16
C LEU B 700 4.38 26.44 -15.68
N ASP B 701 4.05 25.47 -14.83
CA ASP B 701 4.26 24.06 -15.12
C ASP B 701 2.88 23.41 -15.34
N LEU B 702 2.62 23.00 -16.58
CA LEU B 702 1.38 22.35 -16.95
C LEU B 702 1.64 20.99 -17.60
N SER B 703 2.55 20.23 -17.02
CA SER B 703 2.86 18.91 -17.56
C SER B 703 1.80 17.88 -17.16
N HIS B 704 1.65 16.86 -18.00
CA HIS B 704 0.76 15.73 -17.73
C HIS B 704 -0.68 16.17 -17.48
N ASN B 705 -1.14 17.15 -18.25
CA ASN B 705 -2.51 17.65 -18.15
C ASN B 705 -3.27 17.33 -19.44
N GLN B 706 -4.52 17.77 -19.49
CA GLN B 706 -5.42 17.49 -20.59
C GLN B 706 -5.86 18.76 -21.30
N LEU B 707 -4.96 19.73 -21.42
CA LEU B 707 -5.25 20.95 -22.15
C LEU B 707 -5.38 20.66 -23.64
N THR B 708 -5.97 21.61 -24.36
CA THR B 708 -6.20 21.45 -25.80
C THR B 708 -5.63 22.59 -26.63
N THR B 709 -5.72 23.83 -26.15
CA THR B 709 -5.39 25.00 -26.95
C THR B 709 -4.29 25.82 -26.29
N VAL B 710 -3.32 26.24 -27.08
CA VAL B 710 -2.24 27.11 -26.65
C VAL B 710 -2.73 28.55 -26.71
N PRO B 711 -2.15 29.50 -25.96
CA PRO B 711 -2.66 30.87 -26.00
C PRO B 711 -2.42 31.54 -27.34
N GLU B 712 -3.28 32.50 -27.64
CA GLU B 712 -3.19 33.22 -28.91
C GLU B 712 -1.87 33.96 -29.04
N ARG B 713 -1.47 34.68 -27.99
CA ARG B 713 -0.21 35.42 -27.97
C ARG B 713 0.37 35.33 -26.56
N LEU B 714 1.55 34.72 -26.45
CA LEU B 714 2.21 34.61 -25.16
C LEU B 714 2.67 35.97 -24.63
N SER B 715 2.99 36.91 -25.51
CA SER B 715 3.40 38.24 -25.06
C SER B 715 2.27 38.95 -24.34
N ASN B 716 1.04 38.83 -24.86
CA ASN B 716 -0.11 39.46 -24.20
C ASN B 716 -0.50 38.75 -22.91
N CYS B 717 -0.01 37.53 -22.70
CA CYS B 717 -0.38 36.77 -21.51
C CYS B 717 0.45 37.17 -20.30
N SER B 718 1.77 36.98 -20.38
CA SER B 718 2.67 37.29 -19.27
C SER B 718 3.88 38.04 -19.80
N ARG B 719 4.46 38.89 -18.94
CA ARG B 719 5.64 39.67 -19.28
C ARG B 719 6.89 39.20 -18.56
N SER B 720 6.79 38.13 -17.75
CA SER B 720 7.94 37.61 -17.04
C SER B 720 8.02 36.09 -17.10
N LEU B 721 7.17 35.45 -17.89
CA LEU B 721 7.18 33.99 -18.02
C LEU B 721 8.40 33.55 -18.83
N LYS B 722 9.12 32.54 -18.35
CA LYS B 722 10.29 32.06 -19.07
C LYS B 722 10.48 30.55 -19.06
N ASN B 723 9.58 29.75 -18.48
CA ASN B 723 9.85 28.33 -18.26
C ASN B 723 8.60 27.46 -18.48
N LEU B 724 7.95 27.59 -19.63
CA LEU B 724 6.83 26.72 -19.95
C LEU B 724 7.25 25.25 -19.91
N ILE B 725 6.40 24.42 -19.29
CA ILE B 725 6.54 22.96 -19.31
C ILE B 725 5.16 22.40 -19.61
N LEU B 726 4.93 22.04 -20.88
CA LEU B 726 3.67 21.45 -21.33
C LEU B 726 3.85 20.00 -21.76
N LYS B 727 4.69 19.27 -21.02
CA LYS B 727 4.98 17.89 -21.36
C LYS B 727 3.75 17.01 -21.15
N ASN B 728 3.62 15.99 -22.00
CA ASN B 728 2.54 14.99 -21.90
C ASN B 728 1.16 15.62 -21.97
N ASN B 729 1.02 16.69 -22.74
CA ASN B 729 -0.25 17.37 -22.92
C ASN B 729 -0.92 16.85 -24.20
N GLN B 730 -2.10 17.38 -24.52
CA GLN B 730 -2.83 17.01 -25.73
C GLN B 730 -3.00 18.27 -26.57
N ILE B 731 -1.96 18.61 -27.35
CA ILE B 731 -1.97 19.77 -28.21
C ILE B 731 -1.75 19.28 -29.64
N ARG B 732 -2.58 19.78 -30.57
CA ARG B 732 -2.53 19.32 -31.95
C ARG B 732 -1.88 20.31 -32.92
N SER B 733 -1.88 21.60 -32.59
CA SER B 733 -1.24 22.60 -33.43
C SER B 733 -1.13 23.90 -32.66
N LEU B 734 -0.03 24.61 -32.86
CA LEU B 734 0.14 25.92 -32.25
C LEU B 734 -0.56 26.98 -33.10
N THR B 735 -0.75 28.15 -32.51
CA THR B 735 -1.41 29.25 -33.19
C THR B 735 -0.44 29.91 -34.17
N LYS B 736 -0.91 30.94 -34.88
CA LYS B 736 -0.11 31.59 -35.91
C LYS B 736 0.92 32.55 -35.34
N TYR B 737 0.71 33.07 -34.14
CA TYR B 737 1.61 34.05 -33.53
C TYR B 737 1.89 33.66 -32.08
N PHE B 738 2.30 32.41 -31.88
CA PHE B 738 2.51 31.89 -30.53
C PHE B 738 3.56 32.71 -29.78
N LEU B 739 4.78 32.74 -30.29
CA LEU B 739 5.88 33.46 -29.64
C LEU B 739 6.12 34.83 -30.24
N GLN B 740 5.08 35.49 -30.75
CA GLN B 740 5.21 36.82 -31.33
C GLN B 740 5.43 37.85 -30.23
N ASP B 741 6.51 38.63 -30.35
CA ASP B 741 6.89 39.72 -29.46
C ASP B 741 7.26 39.24 -28.05
N ALA B 742 7.25 37.94 -27.80
CA ALA B 742 7.62 37.40 -26.48
C ALA B 742 9.13 37.16 -26.49
N PHE B 743 9.87 37.95 -25.72
CA PHE B 743 11.32 37.86 -25.67
C PHE B 743 11.85 37.31 -24.36
N GLN B 744 11.11 37.46 -23.27
CA GLN B 744 11.62 37.13 -21.95
C GLN B 744 11.67 35.63 -21.67
N LEU B 745 11.07 34.79 -22.50
CA LEU B 745 11.07 33.37 -22.23
C LEU B 745 12.45 32.76 -22.46
N ARG B 746 12.78 31.79 -21.62
CA ARG B 746 14.10 31.16 -21.65
C ARG B 746 14.03 29.63 -21.68
N TYR B 747 12.84 29.05 -21.65
CA TYR B 747 12.69 27.60 -21.58
C TYR B 747 11.32 27.24 -22.14
N LEU B 748 11.26 26.16 -22.91
CA LEU B 748 10.01 25.73 -23.52
C LEU B 748 10.01 24.21 -23.59
N ASP B 749 8.85 23.60 -23.32
CA ASP B 749 8.75 22.15 -23.24
C ASP B 749 7.38 21.72 -23.75
N LEU B 750 7.35 21.12 -24.95
CA LEU B 750 6.12 20.53 -25.47
C LEU B 750 6.36 19.08 -25.90
N SER B 751 7.05 18.30 -25.08
CA SER B 751 7.26 16.90 -25.41
C SER B 751 5.97 16.10 -25.22
N SER B 752 5.84 15.05 -26.03
CA SER B 752 4.76 14.08 -25.91
C SER B 752 3.38 14.74 -26.09
N ASN B 753 3.17 15.33 -27.26
CA ASN B 753 1.89 15.89 -27.64
C ASN B 753 1.42 15.24 -28.95
N LYS B 754 0.32 15.77 -29.48
CA LYS B 754 -0.22 15.35 -30.77
C LYS B 754 -0.04 16.41 -31.84
N ILE B 755 0.91 17.34 -31.64
CA ILE B 755 1.12 18.43 -32.58
C ILE B 755 1.52 17.88 -33.94
N GLN B 756 1.08 18.54 -35.00
CA GLN B 756 1.27 18.07 -36.36
C GLN B 756 2.26 18.92 -37.15
N MET B 757 2.06 20.22 -37.23
CA MET B 757 2.94 21.10 -37.98
C MET B 757 3.22 22.38 -37.18
N ILE B 758 4.43 22.92 -37.36
CA ILE B 758 4.84 24.17 -36.75
C ILE B 758 5.45 25.04 -37.85
N GLN B 759 4.98 26.28 -37.95
CA GLN B 759 5.38 27.19 -39.02
C GLN B 759 6.40 28.21 -38.50
N LYS B 760 6.82 29.11 -39.39
CA LYS B 760 7.85 30.09 -39.08
C LYS B 760 7.28 31.28 -38.31
N THR B 761 6.15 31.82 -38.78
CA THR B 761 5.63 33.06 -38.21
C THR B 761 5.32 32.93 -36.73
N SER B 762 5.03 31.72 -36.25
CA SER B 762 4.81 31.49 -34.84
C SER B 762 6.11 31.22 -34.07
N PHE B 763 7.20 30.93 -34.77
CA PHE B 763 8.50 30.65 -34.14
C PHE B 763 9.57 31.48 -34.82
N PRO B 764 9.56 32.79 -34.64
CA PRO B 764 10.57 33.64 -35.28
C PRO B 764 11.93 33.47 -34.62
N GLU B 765 12.98 33.42 -35.44
CA GLU B 765 14.33 33.24 -34.93
C GLU B 765 14.75 34.38 -34.01
N ASN B 766 14.17 35.57 -34.18
CA ASN B 766 14.46 36.69 -33.29
C ASN B 766 14.16 36.31 -31.84
N VAL B 767 13.22 35.39 -31.63
CA VAL B 767 12.95 34.86 -30.30
C VAL B 767 13.76 33.60 -30.01
N LEU B 768 13.91 32.71 -31.01
CA LEU B 768 14.55 31.43 -30.78
C LEU B 768 16.05 31.54 -30.53
N ASN B 769 16.68 32.68 -30.87
CA ASN B 769 18.10 32.83 -30.59
C ASN B 769 18.42 32.82 -29.10
N ASN B 770 17.43 33.07 -28.24
CA ASN B 770 17.65 33.16 -26.81
C ASN B 770 17.11 31.98 -26.03
N LEU B 771 16.39 31.05 -26.66
CA LEU B 771 15.83 29.91 -25.95
C LEU B 771 16.94 28.95 -25.57
N LYS B 772 17.16 28.76 -24.26
CA LYS B 772 18.19 27.86 -23.79
C LYS B 772 17.80 26.40 -23.97
N MET B 773 16.51 26.09 -23.92
CA MET B 773 16.06 24.71 -23.95
C MET B 773 14.74 24.63 -24.71
N LEU B 774 14.51 23.50 -25.37
CA LEU B 774 13.30 23.31 -26.16
C LEU B 774 13.12 21.83 -26.44
N LEU B 775 11.94 21.30 -26.12
CA LEU B 775 11.66 19.87 -26.23
C LEU B 775 10.44 19.67 -27.12
N LEU B 776 10.60 18.90 -28.19
CA LEU B 776 9.50 18.57 -29.10
C LEU B 776 9.58 17.11 -29.54
N HIS B 777 9.90 16.20 -28.61
CA HIS B 777 10.02 14.80 -28.94
C HIS B 777 8.80 14.01 -28.46
N HIS B 778 8.66 12.79 -29.01
CA HIS B 778 7.52 11.91 -28.76
C HIS B 778 6.19 12.55 -29.16
N ASN B 779 6.21 13.38 -30.19
CA ASN B 779 5.01 14.02 -30.71
C ASN B 779 4.62 13.42 -32.06
N ARG B 780 3.62 14.03 -32.70
CA ARG B 780 3.01 13.43 -33.88
C ARG B 780 3.23 14.26 -35.14
N PHE B 781 4.45 14.76 -35.35
CA PHE B 781 4.76 15.46 -36.58
C PHE B 781 4.51 14.56 -37.79
N LEU B 782 3.76 15.07 -38.76
CA LEU B 782 3.65 14.43 -40.07
C LEU B 782 4.57 15.17 -41.03
N CYS B 783 5.52 14.46 -41.62
CA CYS B 783 6.62 15.08 -42.35
C CYS B 783 6.30 15.11 -43.85
N THR B 784 5.29 15.90 -44.19
CA THR B 784 4.91 16.12 -45.57
C THR B 784 5.67 17.32 -46.14
N CYS B 785 5.26 17.77 -47.33
CA CYS B 785 5.89 18.90 -47.99
C CYS B 785 5.39 20.24 -47.47
N ASP B 786 4.38 20.25 -46.61
CA ASP B 786 3.84 21.50 -46.08
C ASP B 786 4.75 22.14 -45.04
N ALA B 787 5.83 21.46 -44.63
CA ALA B 787 6.70 21.95 -43.58
C ALA B 787 8.11 22.17 -44.09
N VAL B 788 8.24 22.86 -45.23
CA VAL B 788 9.57 23.12 -45.81
C VAL B 788 10.41 23.94 -44.84
N TRP B 789 9.82 24.98 -44.25
CA TRP B 789 10.57 25.79 -43.30
C TRP B 789 10.95 24.98 -42.06
N PHE B 790 10.03 24.13 -41.59
CA PHE B 790 10.34 23.29 -40.44
C PHE B 790 11.52 22.38 -40.74
N VAL B 791 11.52 21.76 -41.92
CA VAL B 791 12.62 20.88 -42.32
C VAL B 791 13.93 21.65 -42.38
N TRP B 792 13.90 22.83 -42.99
CA TRP B 792 15.13 23.61 -43.13
C TRP B 792 15.65 24.07 -41.77
N TRP B 793 14.75 24.53 -40.90
CA TRP B 793 15.17 25.13 -39.64
C TRP B 793 15.63 24.09 -38.64
N VAL B 794 14.95 22.95 -38.56
CA VAL B 794 15.26 21.97 -37.52
C VAL B 794 16.67 21.41 -37.69
N GLN B 795 17.19 21.40 -38.91
CA GLN B 795 18.49 20.85 -39.21
C GLN B 795 19.54 21.92 -39.54
N HIS B 796 19.21 23.20 -39.34
CA HIS B 796 20.16 24.27 -39.63
C HIS B 796 20.24 25.33 -38.55
N THR B 797 19.47 25.22 -37.47
CA THR B 797 19.57 26.15 -36.36
C THR B 797 20.35 25.50 -35.21
N GLU B 798 20.73 26.32 -34.24
CA GLU B 798 21.47 25.87 -33.07
C GLU B 798 20.60 25.89 -31.81
N VAL B 799 19.28 25.85 -31.98
CA VAL B 799 18.37 25.77 -30.84
C VAL B 799 18.44 24.36 -30.27
N THR B 800 18.67 24.27 -28.96
CA THR B 800 18.87 22.98 -28.32
C THR B 800 17.58 22.16 -28.34
N ILE B 801 17.59 21.05 -29.07
CA ILE B 801 16.46 20.13 -29.14
C ILE B 801 16.97 18.72 -28.87
N PRO B 802 16.69 18.14 -27.71
CA PRO B 802 17.23 16.82 -27.40
C PRO B 802 16.56 15.73 -28.20
N TYR B 803 17.30 14.63 -28.39
CA TYR B 803 16.81 13.43 -29.06
C TYR B 803 16.29 13.77 -30.46
N LEU B 804 17.03 14.64 -31.16
CA LEU B 804 16.61 15.16 -32.45
C LEU B 804 16.69 14.14 -33.57
N ALA B 805 17.27 12.97 -33.35
CA ALA B 805 17.43 11.97 -34.39
C ALA B 805 16.82 10.61 -34.06
N THR B 806 16.36 10.40 -32.83
CA THR B 806 15.84 9.09 -32.43
C THR B 806 14.38 9.13 -31.99
N ASP B 807 14.00 10.06 -31.11
CA ASP B 807 12.67 10.07 -30.54
C ASP B 807 11.67 10.94 -31.29
N VAL B 808 12.11 12.09 -31.82
CA VAL B 808 11.23 12.96 -32.60
C VAL B 808 11.21 12.40 -34.03
N THR B 809 10.19 11.61 -34.31
CA THR B 809 10.03 10.93 -35.59
C THR B 809 8.91 11.58 -36.40
N CYS B 810 8.67 11.01 -37.58
CA CYS B 810 7.64 11.50 -38.49
C CYS B 810 6.54 10.45 -38.64
N VAL B 811 5.29 10.90 -38.63
CA VAL B 811 4.16 9.99 -38.75
C VAL B 811 3.82 9.68 -40.20
N GLY B 812 4.13 10.59 -41.13
CA GLY B 812 3.83 10.37 -42.52
C GLY B 812 4.66 11.25 -43.44
N PRO B 813 4.34 11.23 -44.74
CA PRO B 813 3.27 10.42 -45.31
C PRO B 813 3.75 9.10 -45.90
N GLY B 814 3.21 7.98 -45.40
CA GLY B 814 3.52 6.68 -45.94
C GLY B 814 4.96 6.23 -45.73
N ALA B 815 5.75 6.24 -46.81
CA ALA B 815 7.12 5.76 -46.74
C ALA B 815 7.99 6.58 -45.81
N HIS B 816 7.57 7.80 -45.46
CA HIS B 816 8.32 8.66 -44.54
C HIS B 816 7.92 8.45 -43.09
N LYS B 817 7.40 7.27 -42.76
CA LYS B 817 7.04 6.95 -41.39
C LYS B 817 8.29 6.57 -40.60
N GLY B 818 8.41 7.15 -39.40
CA GLY B 818 9.58 6.92 -38.58
C GLY B 818 10.82 7.68 -38.99
N GLN B 819 10.71 8.57 -39.96
CA GLN B 819 11.86 9.35 -40.40
C GLN B 819 12.29 10.34 -39.32
N SER B 820 13.60 10.55 -39.23
CA SER B 820 14.14 11.52 -38.30
C SER B 820 13.90 12.94 -38.83
N VAL B 821 13.61 13.87 -37.91
CA VAL B 821 13.35 15.24 -38.29
C VAL B 821 14.58 15.91 -38.90
N ILE B 822 15.79 15.42 -38.56
CA ILE B 822 17.01 15.97 -39.14
C ILE B 822 17.42 15.23 -40.40
N SER B 823 16.87 14.03 -40.65
CA SER B 823 17.18 13.26 -41.85
C SER B 823 16.28 13.63 -43.02
N LEU B 824 15.42 14.62 -42.86
CA LEU B 824 14.50 15.04 -43.91
C LEU B 824 15.25 15.80 -45.01
C1 NAG C . -29.02 21.26 16.34
C2 NAG C . -28.43 21.76 15.02
C3 NAG C . -27.59 23.00 15.25
C4 NAG C . -28.39 24.07 15.99
C5 NAG C . -28.96 23.48 17.28
C6 NAG C . -29.86 24.44 18.01
C7 NAG C . -27.85 20.35 13.10
C8 NAG C . -26.94 19.26 12.59
N2 NAG C . -27.65 20.72 14.37
O3 NAG C . -27.13 23.51 13.99
O4 NAG C . -27.56 25.18 16.31
O5 NAG C . -29.75 22.32 16.97
O6 NAG C . -30.83 25.04 17.14
O7 NAG C . -28.71 20.86 12.40
C1 NAG C . -27.81 26.25 15.38
C2 NAG C . -27.53 27.58 16.05
C3 NAG C . -27.73 28.73 15.07
C4 NAG C . -26.91 28.51 13.81
C5 NAG C . -27.20 27.14 13.22
C6 NAG C . -26.31 26.80 12.04
C7 NAG C . -27.93 27.59 18.48
C8 NAG C . -28.94 27.82 19.57
N2 NAG C . -28.38 27.77 17.23
O3 NAG C . -27.36 29.96 15.70
O4 NAG C . -27.20 29.51 12.85
O5 NAG C . -26.98 26.12 14.21
O6 NAG C . -24.95 26.70 12.43
O7 NAG C . -26.77 27.29 18.72
C1 NAG D . -6.12 -13.00 11.86
C2 NAG D . -7.47 -13.45 11.30
C3 NAG D . -7.84 -12.61 10.09
C4 NAG D . -7.80 -11.13 10.44
C5 NAG D . -6.43 -10.77 11.02
C6 NAG D . -6.35 -9.33 11.48
C7 NAG D . -8.52 -15.65 10.99
C8 NAG D . -8.31 -17.07 10.59
N2 NAG D . -7.43 -14.86 10.94
O3 NAG D . -9.13 -12.97 9.63
O4 NAG D . -8.05 -10.33 9.28
O5 NAG D . -6.16 -11.59 12.16
O6 NAG D . -7.50 -8.96 12.23
O7 NAG D . -9.62 -15.21 11.33
C1 NAG D . -9.37 -9.78 9.39
C2 NAG D . -9.55 -8.69 8.32
C3 NAG D . -10.96 -8.12 8.36
C4 NAG D . -11.99 -9.25 8.27
C5 NAG D . -11.72 -10.30 9.33
C6 NAG D . -12.63 -11.50 9.22
C7 NAG D . -7.37 -7.64 7.91
C8 NAG D . -6.49 -6.46 8.21
N2 NAG D . -8.56 -7.63 8.50
O3 NAG D . -11.13 -7.20 7.29
O4 NAG D . -13.30 -8.71 8.44
O5 NAG D . -10.38 -10.79 9.21
O6 NAG D . -12.42 -12.20 8.01
O7 NAG D . -7.01 -8.55 7.16
C1 NAG E . -43.58 -8.93 4.12
C2 NAG E . -42.23 -9.28 4.71
C3 NAG E . -42.40 -10.07 6.01
C4 NAG E . -43.29 -9.28 6.96
C5 NAG E . -44.59 -8.87 6.28
C6 NAG E . -45.45 -7.96 7.13
C7 NAG E . -40.28 -9.53 3.27
C8 NAG E . -39.55 -10.41 2.30
N2 NAG E . -41.41 -10.04 3.78
O3 NAG E . -41.12 -10.28 6.59
O4 NAG E . -43.61 -10.11 8.07
O5 NAG E . -44.32 -8.17 5.05
O6 NAG E . -44.75 -6.77 7.48
O7 NAG E . -39.87 -8.41 3.57
C1 NAG E . -42.90 -9.65 9.24
C2 NAG E . -43.73 -10.05 10.45
C3 NAG E . -43.03 -9.66 11.73
C4 NAG E . -41.63 -10.23 11.77
C5 NAG E . -40.86 -9.83 10.51
C6 NAG E . -39.50 -10.48 10.40
C7 NAG E . -46.14 -10.13 9.95
C8 NAG E . -47.43 -9.38 9.94
N2 NAG E . -45.06 -9.47 10.37
O3 NAG E . -43.79 -10.11 12.85
O4 NAG E . -40.92 -9.78 12.92
O5 NAG E . -41.60 -10.23 9.34
O6 NAG E . -39.56 -11.88 10.63
O7 NAG E . -46.07 -11.31 9.58
C1 NAG F . 31.58 -21.97 -9.20
C2 NAG F . 30.30 -22.26 -9.98
C3 NAG F . 29.68 -23.57 -9.53
C4 NAG F . 30.70 -24.71 -9.62
C5 NAG F . 31.97 -24.34 -8.85
C6 NAG F . 33.07 -25.35 -9.00
C7 NAG F . 28.74 -20.58 -10.87
C8 NAG F . 27.79 -19.48 -10.54
N2 NAG F . 29.35 -21.17 -9.83
O3 NAG F . 28.55 -23.87 -10.34
O4 NAG F . 30.16 -25.91 -9.09
O5 NAG F . 32.49 -23.08 -9.33
O6 NAG F . 33.33 -25.64 -10.37
O7 NAG F . 28.96 -20.92 -12.03
C1 NAG F . 29.74 -26.77 -10.16
C2 NAG F . 29.93 -28.22 -9.75
C3 NAG F . 29.42 -29.16 -10.84
C4 NAG F . 27.98 -28.81 -11.22
C5 NAG F . 27.86 -27.34 -11.57
C6 NAG F . 26.45 -26.90 -11.83
C7 NAG F . 31.76 -28.69 -8.19
C8 NAG F . 33.23 -28.98 -8.06
N2 NAG F . 31.31 -28.51 -9.44
O3 NAG F . 29.49 -30.50 -10.39
O4 NAG F . 27.56 -29.60 -12.32
O5 NAG F . 28.35 -26.53 -10.49
O6 NAG F . 25.68 -26.87 -10.63
O7 NAG F . 31.02 -28.64 -7.22
C1 NAG G . 12.83 10.90 7.63
C2 NAG G . 13.63 11.49 6.46
C3 NAG G . 13.14 10.93 5.14
C4 NAG G . 13.17 9.41 5.17
C5 NAG G . 12.39 8.89 6.37
C6 NAG G . 12.47 7.39 6.52
C7 NAG G . 14.50 13.73 5.96
C8 NAG G . 14.25 15.20 6.04
N2 NAG G . 13.55 12.95 6.47
O3 NAG G . 13.95 11.42 4.08
O4 NAG G . 12.62 8.88 3.96
O5 NAG G . 12.91 9.46 7.57
O6 NAG G . 13.79 6.93 6.32
O7 NAG G . 15.52 13.28 5.45
C1 NAG G . 13.68 8.40 3.13
C2 NAG G . 13.10 7.55 2.00
C3 NAG G . 14.22 7.09 1.06
C4 NAG G . 15.03 8.28 0.56
C5 NAG G . 15.53 9.10 1.75
C6 NAG G . 16.25 10.37 1.34
C7 NAG G . 11.07 6.44 2.80
C8 NAG G . 10.48 5.16 3.33
N2 NAG G . 12.38 6.41 2.52
O3 NAG G . 13.65 6.41 -0.05
O4 NAG G . 16.14 7.83 -0.20
O5 NAG G . 14.43 9.50 2.58
O6 NAG G . 15.38 11.25 0.65
O7 NAG G . 10.39 7.44 2.62
C1 NAG H . 37.21 11.03 -21.59
C2 NAG H . 36.63 11.20 -20.18
C3 NAG H . 37.71 11.73 -19.24
C4 NAG H . 38.95 10.84 -19.29
C5 NAG H . 39.41 10.65 -20.73
C6 NAG H . 40.55 9.65 -20.86
C7 NAG H . 34.22 11.64 -20.30
C8 NAG H . 33.15 12.70 -20.29
N2 NAG H . 35.48 12.08 -20.19
O3 NAG H . 37.19 11.78 -17.91
O4 NAG H . 39.99 11.41 -18.54
O5 NAG H . 38.34 10.16 -21.54
O6 NAG H . 40.18 8.38 -20.37
O7 NAG H . 33.97 10.45 -20.42
C1 NAG H . 40.16 10.68 -17.30
C2 NAG H . 41.61 10.84 -16.83
C3 NAG H . 41.80 10.13 -15.49
C4 NAG H . 40.78 10.62 -14.48
C5 NAG H . 39.36 10.48 -15.04
C6 NAG H . 38.31 11.05 -14.13
C7 NAG H . 43.08 11.07 -18.78
C8 NAG H . 44.03 10.37 -19.71
N2 NAG H . 42.53 10.31 -17.82
O3 NAG H . 43.12 10.37 -15.01
O4 NAG H . 40.88 9.86 -13.28
O5 NAG H . 39.27 11.18 -16.29
O6 NAG H . 38.53 12.44 -13.89
O7 NAG H . 42.84 12.27 -18.88
C1 NAG I . -53.60 -13.95 -6.83
C2 NAG I . -53.16 -13.01 -7.96
C3 NAG I . -52.46 -13.77 -9.09
C4 NAG I . -51.36 -14.66 -8.53
C5 NAG I . -51.90 -15.54 -7.40
C6 NAG I . -50.83 -16.39 -6.76
C7 NAG I . -55.39 -12.49 -9.07
C8 NAG I . -55.66 -13.97 -9.28
N2 NAG I . -54.23 -12.14 -8.47
O3 NAG I . -51.93 -12.85 -10.04
O4 NAG I . -50.82 -15.49 -9.56
O5 NAG I . -52.47 -14.72 -6.37
O6 NAG I . -50.39 -17.43 -7.62
O7 NAG I . -56.19 -11.64 -9.44
C1 NAG J . 11.63 -32.48 -0.50
C2 NAG J . 11.81 -33.67 0.46
C3 NAG J . 13.28 -33.80 0.87
C4 NAG J . 14.18 -33.85 -0.36
C5 NAG J . 13.91 -32.65 -1.26
C6 NAG J . 14.69 -32.69 -2.55
C7 NAG J . 9.70 -33.97 1.66
C8 NAG J . 8.97 -33.75 2.96
N2 NAG J . 10.96 -33.53 1.63
O3 NAG J . 13.45 -34.97 1.65
O4 NAG J . 15.54 -33.84 0.04
O5 NAG J . 12.52 -32.61 -1.61
O6 NAG J . 14.47 -31.52 -3.33
O7 NAG J . 9.17 -34.52 0.70
C1 NAG K . 6.82 -16.92 31.63
C2 NAG K . 8.24 -16.74 32.15
C3 NAG K . 8.92 -18.10 32.33
C4 NAG K . 8.06 -19.01 33.19
C5 NAG K . 6.65 -19.10 32.63
C6 NAG K . 5.72 -19.90 33.51
C7 NAG K . 9.43 -14.66 31.59
C8 NAG K . 10.22 -13.93 30.56
N2 NAG K . 9.02 -15.89 31.26
O3 NAG K . 10.20 -17.92 32.92
O4 NAG K . 8.64 -20.32 33.24
O5 NAG K . 6.09 -17.79 32.50
O6 NAG K . 5.25 -19.12 34.60
O7 NAG K . 9.17 -14.17 32.68
C1 NAG L . -5.90 0.80 41.13
C2 NAG L . -4.73 1.53 41.78
C3 NAG L . -5.00 1.73 43.27
C4 NAG L . -6.35 2.41 43.49
C5 NAG L . -7.45 1.64 42.77
C6 NAG L . -8.80 2.31 42.85
C7 NAG L . -2.68 1.00 40.54
C8 NAG L . -1.43 0.17 40.50
N2 NAG L . -3.49 0.81 41.58
O3 NAG L . -3.97 2.52 43.84
O4 NAG L . -6.65 2.48 44.88
O5 NAG L . -7.13 1.51 41.38
O6 NAG L . -9.18 2.87 41.60
O7 NAG L . -2.95 1.82 39.66
C1 NAG M . -17.01 -25.06 -6.19
C2 NAG M . -16.83 -26.02 -4.97
C3 NAG M . -17.95 -25.83 -3.93
C4 NAG M . -18.16 -24.36 -3.60
C5 NAG M . -18.46 -23.62 -4.88
C6 NAG M . -18.73 -22.14 -4.67
C7 NAG M . -17.58 -28.22 -5.98
C8 NAG M . -18.91 -27.62 -6.38
N2 NAG M . -16.69 -27.42 -5.35
O3 NAG M . -17.62 -26.56 -2.74
O4 NAG M . -19.25 -24.21 -2.70
O5 NAG M . -17.32 -23.72 -5.73
O6 NAG M . -19.99 -21.77 -5.22
O7 NAG M . -17.32 -29.40 -6.22
C1 JRI N . -5.41 2.30 15.26
C10 JRI N . -6.09 3.99 21.85
C11 JRI N . -3.92 8.41 21.90
C12 JRI N . -3.93 9.68 21.35
C13 JRI N . -3.49 10.78 22.05
C14 JRI N . -3.01 10.65 23.33
C15 JRI N . -2.95 9.37 23.94
C16 JRI N . -3.41 8.24 23.23
C17 JRI N . -3.33 6.97 23.87
C18 JRI N . -2.41 8.08 25.77
C19 JRI N . -2.84 6.90 25.14
C2 JRI N . -3.60 2.53 16.62
C20 JRI N . -2.55 11.81 24.05
C3 JRI N . -4.08 3.96 16.35
C4 JRI N . -5.39 3.77 15.60
C5 JRI N . -3.48 5.52 19.73
C6 JRI N . -3.87 6.99 19.81
C7 JRI N . -5.46 6.42 21.55
C8 JRI N . -5.00 4.98 21.52
C9 JRI N . -3.17 5.10 18.33
F1 JRI N . -6.49 4.12 16.39
N1 JRI N . -4.03 1.86 15.39
N2 JRI N . -4.21 4.78 17.55
N3 JRI N . -4.36 7.31 21.16
N4 JRI N . -2.46 9.28 25.22
N5 JRI N . -2.23 12.75 24.64
O1 JRI N . -4.56 4.68 20.17
O2 JRI N . -1.99 5.01 17.97
C1 NAG O . 39.03 18.61 -35.55
C2 NAG O . 37.93 17.85 -36.33
C3 NAG O . 36.72 18.75 -36.61
C4 NAG O . 36.24 19.43 -35.33
C5 NAG O . 37.40 20.14 -34.65
C6 NAG O . 37.01 20.76 -33.32
C7 NAG O . 38.95 17.72 -38.65
C8 NAG O . 39.11 19.22 -38.71
N2 NAG O . 38.41 17.19 -37.53
O3 NAG O . 35.67 17.97 -37.17
O4 NAG O . 35.22 20.37 -35.63
O5 NAG O . 38.46 19.20 -34.37
O6 NAG O . 36.19 21.90 -33.49
O7 NAG O . 39.31 17.00 -39.58
C1 NAG P . -7.61 31.04 12.54
C2 NAG P . -7.12 32.01 13.62
C3 NAG P . -8.03 31.95 14.84
C4 NAG P . -9.48 32.18 14.43
C5 NAG P . -9.88 31.19 13.35
C6 NAG P . -11.28 31.43 12.81
C7 NAG P . -4.69 32.22 13.35
C8 NAG P . -3.35 31.81 13.87
N2 NAG P . -5.74 31.72 13.99
O3 NAG P . -7.63 32.94 15.78
O4 NAG P . -10.33 32.00 15.56
O5 NAG P . -8.98 31.33 12.23
O6 NAG P . -11.64 30.44 11.86
O7 NAG P . -4.81 32.96 12.38
C1 NAG Q . 14.80 10.21 31.48
C2 NAG Q . 14.00 9.85 32.72
C3 NAG Q . 13.66 11.10 33.53
C4 NAG Q . 14.92 11.89 33.84
C5 NAG Q . 15.70 12.18 32.55
C6 NAG Q . 17.02 12.84 32.80
C7 NAG Q . 12.60 7.83 32.62
C8 NAG Q . 11.28 7.25 32.18
N2 NAG Q . 12.78 9.13 32.36
O3 NAG Q . 13.01 10.73 34.74
O4 NAG Q . 14.59 13.12 34.47
O5 NAG Q . 15.97 10.94 31.87
O6 NAG Q . 18.01 11.92 33.21
O7 NAG Q . 13.45 7.15 33.18
C1 NAG R . 29.68 -8.08 27.80
C2 NAG R . 29.10 -9.01 28.86
C3 NAG R . 30.21 -9.49 29.80
C4 NAG R . 31.35 -10.11 29.00
C5 NAG R . 31.84 -9.13 27.94
C6 NAG R . 32.89 -9.70 27.03
C7 NAG R . 26.76 -8.40 29.24
C8 NAG R . 25.80 -7.67 30.14
N2 NAG R . 28.04 -8.36 29.62
O3 NAG R . 29.67 -10.46 30.70
O4 NAG R . 32.43 -10.43 29.87
O5 NAG R . 30.74 -8.73 27.10
O6 NAG R . 32.39 -9.93 25.73
O7 NAG R . 26.38 -8.99 28.24
C1 NAG S . 11.73 27.20 -10.05
C2 NAG S . 12.90 27.96 -9.38
C3 NAG S . 14.25 27.60 -10.01
C4 NAG S . 14.43 26.09 -10.10
C5 NAG S . 13.23 25.48 -10.81
C6 NAG S . 13.30 23.96 -10.89
C7 NAG S . 12.58 30.30 -10.32
C8 NAG S . 12.68 29.78 -11.73
N2 NAG S . 12.69 29.40 -9.30
O3 NAG S . 15.30 28.17 -9.25
O4 NAG S . 15.61 25.78 -10.81
O5 NAG S . 12.03 25.79 -10.10
O6 NAG S . 13.71 23.53 -12.18
O7 NAG S . 12.42 31.49 -10.09
C1 JRI T . 13.33 -4.76 8.03
C10 JRI T . 17.81 -7.55 12.28
C11 JRI T . 15.95 -12.06 12.81
C12 JRI T . 15.63 -13.22 12.11
C13 JRI T . 15.67 -14.47 12.70
C14 JRI T . 16.02 -14.60 14.04
C15 JRI T . 16.32 -13.45 14.80
C16 JRI T . 16.29 -12.17 14.19
C17 JRI T . 16.59 -11.05 15.00
C18 JRI T . 16.93 -12.53 16.82
C19 JRI T . 16.92 -11.22 16.30
C2 JRI T . 12.73 -5.39 10.13
C20 JRI T . 16.05 -15.91 14.65
C3 JRI T . 12.84 -6.69 9.33
C4 JRI T . 13.39 -6.27 7.98
C5 JRI T . 14.39 -8.89 11.97
C6 JRI T . 14.68 -10.32 11.52
C7 JRI T . 17.03 -9.94 12.00
C8 JRI T . 16.71 -8.55 12.52
C9 JRI T . 13.29 -8.26 11.18
F1 JRI T . 14.71 -6.70 7.81
N1 JRI T . 12.35 -4.46 9.07
N2 JRI T . 13.64 -7.72 10.00
N3 JRI T . 15.88 -10.83 12.18
N4 JRI T . 16.65 -13.61 16.12
N5 JRI T . 16.13 -16.95 15.12
O1 JRI T . 15.54 -8.06 11.82
O2 JRI T . 12.14 -8.22 11.63
#